data_4IEH
# 
_entry.id   4IEH 
# 
_audit_conform.dict_name       mmcif_pdbx.dic 
_audit_conform.dict_version    5.387 
_audit_conform.dict_location   http://mmcif.pdb.org/dictionaries/ascii/mmcif_pdbx.dic 
# 
loop_
_database_2.database_id 
_database_2.database_code 
_database_2.pdbx_database_accession 
_database_2.pdbx_DOI 
PDB   4IEH         pdb_00004ieh 10.2210/pdb4ieh/pdb 
RCSB  RCSB076650   ?            ?                   
WWPDB D_1000076650 ?            ?                   
# 
loop_
_pdbx_audit_revision_history.ordinal 
_pdbx_audit_revision_history.data_content_type 
_pdbx_audit_revision_history.major_revision 
_pdbx_audit_revision_history.minor_revision 
_pdbx_audit_revision_history.revision_date 
1 'Structure model' 1 0 2013-07-10 
2 'Structure model' 1 1 2014-09-24 
3 'Structure model' 1 2 2017-07-26 
4 'Structure model' 1 3 2024-02-28 
# 
_pdbx_audit_revision_details.ordinal             1 
_pdbx_audit_revision_details.revision_ordinal    1 
_pdbx_audit_revision_details.data_content_type   'Structure model' 
_pdbx_audit_revision_details.provider            repository 
_pdbx_audit_revision_details.type                'Initial release' 
_pdbx_audit_revision_details.description         ? 
_pdbx_audit_revision_details.details             ? 
# 
loop_
_pdbx_audit_revision_group.ordinal 
_pdbx_audit_revision_group.revision_ordinal 
_pdbx_audit_revision_group.data_content_type 
_pdbx_audit_revision_group.group 
1 2 'Structure model' 'Database references'    
2 3 'Structure model' 'Refinement description' 
3 3 'Structure model' 'Source and taxonomy'    
4 4 'Structure model' 'Data collection'        
5 4 'Structure model' 'Database references'    
6 4 'Structure model' 'Derived calculations'   
# 
loop_
_pdbx_audit_revision_category.ordinal 
_pdbx_audit_revision_category.revision_ordinal 
_pdbx_audit_revision_category.data_content_type 
_pdbx_audit_revision_category.category 
1 3 'Structure model' entity_src_gen     
2 3 'Structure model' software           
3 4 'Structure model' chem_comp_atom     
4 4 'Structure model' chem_comp_bond     
5 4 'Structure model' database_2         
6 4 'Structure model' struct_ref_seq_dif 
7 4 'Structure model' struct_site        
# 
loop_
_pdbx_audit_revision_item.ordinal 
_pdbx_audit_revision_item.revision_ordinal 
_pdbx_audit_revision_item.data_content_type 
_pdbx_audit_revision_item.item 
1 4 'Structure model' '_database_2.pdbx_DOI'                
2 4 'Structure model' '_database_2.pdbx_database_accession' 
3 4 'Structure model' '_struct_ref_seq_dif.details'         
4 4 'Structure model' '_struct_site.pdbx_auth_asym_id'      
5 4 'Structure model' '_struct_site.pdbx_auth_comp_id'      
6 4 'Structure model' '_struct_site.pdbx_auth_seq_id'       
# 
_pdbx_database_status.status_code                     REL 
_pdbx_database_status.entry_id                        4IEH 
_pdbx_database_status.recvd_initial_deposition_date   2012-12-13 
_pdbx_database_status.deposit_site                    RCSB 
_pdbx_database_status.process_site                    RCSB 
_pdbx_database_status.status_code_sf                  REL 
_pdbx_database_status.status_code_mr                  ? 
_pdbx_database_status.SG_entry                        ? 
_pdbx_database_status.status_code_cs                  ? 
_pdbx_database_status.methods_development_category    ? 
_pdbx_database_status.pdb_format_compatible           Y 
_pdbx_database_status.status_code_nmr_data            ? 
# 
loop_
_audit_author.name 
_audit_author.pdbx_ordinal 
'Xie, X.'       1 
'Kulathila, R.' 2 
# 
_citation.id                        primary 
_citation.title                     
'The role of the acidity of N-heteroaryl sulfonamides as inhibitors of bcl-2 family protein-protein interactions.' 
_citation.journal_abbrev            'ACS Med Chem Lett' 
_citation.journal_volume            4 
_citation.page_first                186 
_citation.page_last                 190 
_citation.year                      2013 
_citation.journal_id_ASTM           ? 
_citation.country                   US 
_citation.journal_id_ISSN           1948-5875 
_citation.journal_id_CSD            ? 
_citation.book_publisher            ? 
_citation.pdbx_database_id_PubMed   24900652 
_citation.pdbx_database_id_DOI      10.1021/ml300321d 
# 
loop_
_citation_author.citation_id 
_citation_author.name 
_citation_author.ordinal 
_citation_author.identifier_ORCID 
primary 'Toure, B.B.'       1  ? 
primary 'Miller-Moslin, K.' 2  ? 
primary 'Yusuff, N.'        3  ? 
primary 'Perez, L.'         4  ? 
primary 'Dore, M.'          5  ? 
primary 'Joud, C.'          6  ? 
primary 'Michael, W.'       7  ? 
primary 'DiPietro, L.'      8  ? 
primary 'van der Plas, S.'  9  ? 
primary 'McEwan, M.'        10 ? 
primary 'Lenoir, F.'        11 ? 
primary 'Hoe, M.'           12 ? 
primary 'Karki, R.'         13 ? 
primary 'Springer, C.'      14 ? 
primary 'Sullivan, J.'      15 ? 
primary 'Levine, K.'        16 ? 
primary 'Fiorilla, C.'      17 ? 
primary 'Xie, X.'           18 ? 
primary 'Kulathila, R.'     19 ? 
primary 'Herlihy, K.'       20 ? 
primary 'Porter, D.'        21 ? 
primary 'Visser, M.'        22 ? 
# 
loop_
_entity.id 
_entity.type 
_entity.src_method 
_entity.pdbx_description 
_entity.formula_weight 
_entity.pdbx_number_of_molecules 
_entity.pdbx_ec 
_entity.pdbx_mutation 
_entity.pdbx_fragment 
_entity.details 
1 polymer     man 'Apoptosis regulator Bcl-2, Bcl-2-like protein 1 chimera' 19639.832 1   ? ? 'SEE REMARK 999' ? 
2 non-polymer syn 
;N-(6-{4-[(4'-chlorobiphenyl-2-yl)methyl]piperazin-1-yl}-1,1-dioxido-1,2-benzothiazol-3-yl)-4-{[(2R)-4-(dimethylamino)-1-(phenylsulfanyl)butan-2-yl]amino}-3-nitrobenzenesulfonamide
;
874.490   1   ? ? ?                ? 
3 water       nat water 18.015    184 ? ? ?                ? 
# 
_entity_name_com.entity_id   1 
_entity_name_com.name        'Bcl2-L-1, Apoptosis regulator Bcl-X' 
# 
_entity_poly.entity_id                      1 
_entity_poly.type                           'polypeptide(L)' 
_entity_poly.nstd_linkage                   no 
_entity_poly.nstd_monomer                   no 
_entity_poly.pdbx_seq_one_letter_code       
;GSHMAHAGRTGYDNREIVMKYIHYKLSQRGYEWDAGDDVEENRTEAPEGTESEVVHLTLRQAGDDFSRRYRRDFAEMSSQ
LHLTPFTARGRFATVVEELFRDGVNWGRIVAFFEFGGVMCVESVNREMSPLVDNIALWMTEYLNRHLHTWIQDNGGWDAF
VELYGPSMR
;
_entity_poly.pdbx_seq_one_letter_code_can   
;GSHMAHAGRTGYDNREIVMKYIHYKLSQRGYEWDAGDDVEENRTEAPEGTESEVVHLTLRQAGDDFSRRYRRDFAEMSSQ
LHLTPFTARGRFATVVEELFRDGVNWGRIVAFFEFGGVMCVESVNREMSPLVDNIALWMTEYLNRHLHTWIQDNGGWDAF
VELYGPSMR
;
_entity_poly.pdbx_strand_id                 A 
_entity_poly.pdbx_target_identifier         ? 
# 
loop_
_pdbx_entity_nonpoly.entity_id 
_pdbx_entity_nonpoly.name 
_pdbx_entity_nonpoly.comp_id 
2 
;N-(6-{4-[(4'-chlorobiphenyl-2-yl)methyl]piperazin-1-yl}-1,1-dioxido-1,2-benzothiazol-3-yl)-4-{[(2R)-4-(dimethylamino)-1-(phenylsulfanyl)butan-2-yl]amino}-3-nitrobenzenesulfonamide
;
1E9 
3 water HOH 
# 
loop_
_entity_poly_seq.entity_id 
_entity_poly_seq.num 
_entity_poly_seq.mon_id 
_entity_poly_seq.hetero 
1 1   GLY n 
1 2   SER n 
1 3   HIS n 
1 4   MET n 
1 5   ALA n 
1 6   HIS n 
1 7   ALA n 
1 8   GLY n 
1 9   ARG n 
1 10  THR n 
1 11  GLY n 
1 12  TYR n 
1 13  ASP n 
1 14  ASN n 
1 15  ARG n 
1 16  GLU n 
1 17  ILE n 
1 18  VAL n 
1 19  MET n 
1 20  LYS n 
1 21  TYR n 
1 22  ILE n 
1 23  HIS n 
1 24  TYR n 
1 25  LYS n 
1 26  LEU n 
1 27  SER n 
1 28  GLN n 
1 29  ARG n 
1 30  GLY n 
1 31  TYR n 
1 32  GLU n 
1 33  TRP n 
1 34  ASP n 
1 35  ALA n 
1 36  GLY n 
1 37  ASP n 
1 38  ASP n 
1 39  VAL n 
1 40  GLU n 
1 41  GLU n 
1 42  ASN n 
1 43  ARG n 
1 44  THR n 
1 45  GLU n 
1 46  ALA n 
1 47  PRO n 
1 48  GLU n 
1 49  GLY n 
1 50  THR n 
1 51  GLU n 
1 52  SER n 
1 53  GLU n 
1 54  VAL n 
1 55  VAL n 
1 56  HIS n 
1 57  LEU n 
1 58  THR n 
1 59  LEU n 
1 60  ARG n 
1 61  GLN n 
1 62  ALA n 
1 63  GLY n 
1 64  ASP n 
1 65  ASP n 
1 66  PHE n 
1 67  SER n 
1 68  ARG n 
1 69  ARG n 
1 70  TYR n 
1 71  ARG n 
1 72  ARG n 
1 73  ASP n 
1 74  PHE n 
1 75  ALA n 
1 76  GLU n 
1 77  MET n 
1 78  SER n 
1 79  SER n 
1 80  GLN n 
1 81  LEU n 
1 82  HIS n 
1 83  LEU n 
1 84  THR n 
1 85  PRO n 
1 86  PHE n 
1 87  THR n 
1 88  ALA n 
1 89  ARG n 
1 90  GLY n 
1 91  ARG n 
1 92  PHE n 
1 93  ALA n 
1 94  THR n 
1 95  VAL n 
1 96  VAL n 
1 97  GLU n 
1 98  GLU n 
1 99  LEU n 
1 100 PHE n 
1 101 ARG n 
1 102 ASP n 
1 103 GLY n 
1 104 VAL n 
1 105 ASN n 
1 106 TRP n 
1 107 GLY n 
1 108 ARG n 
1 109 ILE n 
1 110 VAL n 
1 111 ALA n 
1 112 PHE n 
1 113 PHE n 
1 114 GLU n 
1 115 PHE n 
1 116 GLY n 
1 117 GLY n 
1 118 VAL n 
1 119 MET n 
1 120 CYS n 
1 121 VAL n 
1 122 GLU n 
1 123 SER n 
1 124 VAL n 
1 125 ASN n 
1 126 ARG n 
1 127 GLU n 
1 128 MET n 
1 129 SER n 
1 130 PRO n 
1 131 LEU n 
1 132 VAL n 
1 133 ASP n 
1 134 ASN n 
1 135 ILE n 
1 136 ALA n 
1 137 LEU n 
1 138 TRP n 
1 139 MET n 
1 140 THR n 
1 141 GLU n 
1 142 TYR n 
1 143 LEU n 
1 144 ASN n 
1 145 ARG n 
1 146 HIS n 
1 147 LEU n 
1 148 HIS n 
1 149 THR n 
1 150 TRP n 
1 151 ILE n 
1 152 GLN n 
1 153 ASP n 
1 154 ASN n 
1 155 GLY n 
1 156 GLY n 
1 157 TRP n 
1 158 ASP n 
1 159 ALA n 
1 160 PHE n 
1 161 VAL n 
1 162 GLU n 
1 163 LEU n 
1 164 TYR n 
1 165 GLY n 
1 166 PRO n 
1 167 SER n 
1 168 MET n 
1 169 ARG n 
# 
loop_
_entity_src_gen.entity_id 
_entity_src_gen.pdbx_src_id 
_entity_src_gen.pdbx_alt_source_flag 
_entity_src_gen.pdbx_seq_type 
_entity_src_gen.pdbx_beg_seq_num 
_entity_src_gen.pdbx_end_seq_num 
_entity_src_gen.gene_src_common_name 
_entity_src_gen.gene_src_genus 
_entity_src_gen.pdbx_gene_src_gene 
_entity_src_gen.gene_src_species 
_entity_src_gen.gene_src_strain 
_entity_src_gen.gene_src_tissue 
_entity_src_gen.gene_src_tissue_fraction 
_entity_src_gen.gene_src_details 
_entity_src_gen.pdbx_gene_src_fragment 
_entity_src_gen.pdbx_gene_src_scientific_name 
_entity_src_gen.pdbx_gene_src_ncbi_taxonomy_id 
_entity_src_gen.pdbx_gene_src_variant 
_entity_src_gen.pdbx_gene_src_cell_line 
_entity_src_gen.pdbx_gene_src_atcc 
_entity_src_gen.pdbx_gene_src_organ 
_entity_src_gen.pdbx_gene_src_organelle 
_entity_src_gen.pdbx_gene_src_cell 
_entity_src_gen.pdbx_gene_src_cellular_location 
_entity_src_gen.host_org_common_name 
_entity_src_gen.pdbx_host_org_scientific_name 
_entity_src_gen.pdbx_host_org_ncbi_taxonomy_id 
_entity_src_gen.host_org_genus 
_entity_src_gen.pdbx_host_org_gene 
_entity_src_gen.pdbx_host_org_organ 
_entity_src_gen.host_org_species 
_entity_src_gen.pdbx_host_org_tissue 
_entity_src_gen.pdbx_host_org_tissue_fraction 
_entity_src_gen.pdbx_host_org_strain 
_entity_src_gen.pdbx_host_org_variant 
_entity_src_gen.pdbx_host_org_cell_line 
_entity_src_gen.pdbx_host_org_atcc 
_entity_src_gen.pdbx_host_org_culture_collection 
_entity_src_gen.pdbx_host_org_cell 
_entity_src_gen.pdbx_host_org_organelle 
_entity_src_gen.pdbx_host_org_cellular_location 
_entity_src_gen.pdbx_host_org_vector_type 
_entity_src_gen.pdbx_host_org_vector 
_entity_src_gen.host_org_details 
_entity_src_gen.expression_system_id 
_entity_src_gen.plasmid_name 
_entity_src_gen.plasmid_details 
_entity_src_gen.pdbx_description 
1 1 sample ? 4  37  human ? 'BCL2, BCL2L, BCL2L1, BCLX' ? ? ? ? ? ? 'Homo sapiens' 9606 ? ? ? ? ? ? ? ? 'Escherichia coli' 562 ? ? 
? ? ? ? ? ? ? ? ? ? ? ? ? ? ? ? ? ? ? 
1 3 sample ? 54 169 human ? 'BCL2, BCL2L, BCL2L1, BCLX' ? ? ? ? ? ? 'Homo sapiens' 9606 ? ? ? ? ? ? ? ? 'Escherichia coli' 562 ? ? 
? ? ? ? ? ? ? ? ? ? ? ? ? ? ? ? ? ? ? 
1 2 sample ? 38 53  human ? 'BCL2, BCL2L, BCL2L1, BCLX' ? ? ? ? ? ? 'Homo sapiens' 9606 ? ? ? ? ? ? ? ? 'Escherichia coli' 562 ? ? 
? ? ? ? ? ? ? ? ? ? ? ? ? ? ? ? ? ? ? 
# 
loop_
_chem_comp.id 
_chem_comp.type 
_chem_comp.mon_nstd_flag 
_chem_comp.name 
_chem_comp.pdbx_synonyms 
_chem_comp.formula 
_chem_comp.formula_weight 
1E9 non-polymer         . 
;N-(6-{4-[(4'-chlorobiphenyl-2-yl)methyl]piperazin-1-yl}-1,1-dioxido-1,2-benzothiazol-3-yl)-4-{[(2R)-4-(dimethylamino)-1-(phenylsulfanyl)butan-2-yl]amino}-3-nitrobenzenesulfonamide
;
? 'C42 H44 Cl N7 O6 S3' 874.490 
ALA 'L-peptide linking' y ALANINE ? 'C3 H7 N O2'          89.093  
ARG 'L-peptide linking' y ARGININE ? 'C6 H15 N4 O2 1'      175.209 
ASN 'L-peptide linking' y ASPARAGINE ? 'C4 H8 N2 O3'         132.118 
ASP 'L-peptide linking' y 'ASPARTIC ACID' ? 'C4 H7 N O4'          133.103 
CYS 'L-peptide linking' y CYSTEINE ? 'C3 H7 N O2 S'        121.158 
GLN 'L-peptide linking' y GLUTAMINE ? 'C5 H10 N2 O3'        146.144 
GLU 'L-peptide linking' y 'GLUTAMIC ACID' ? 'C5 H9 N O4'          147.129 
GLY 'peptide linking'   y GLYCINE ? 'C2 H5 N O2'          75.067  
HIS 'L-peptide linking' y HISTIDINE ? 'C6 H10 N3 O2 1'      156.162 
HOH non-polymer         . WATER ? 'H2 O'                18.015  
ILE 'L-peptide linking' y ISOLEUCINE ? 'C6 H13 N O2'         131.173 
LEU 'L-peptide linking' y LEUCINE ? 'C6 H13 N O2'         131.173 
LYS 'L-peptide linking' y LYSINE ? 'C6 H15 N2 O2 1'      147.195 
MET 'L-peptide linking' y METHIONINE ? 'C5 H11 N O2 S'       149.211 
PHE 'L-peptide linking' y PHENYLALANINE ? 'C9 H11 N O2'         165.189 
PRO 'L-peptide linking' y PROLINE ? 'C5 H9 N O2'          115.130 
SER 'L-peptide linking' y SERINE ? 'C3 H7 N O3'          105.093 
THR 'L-peptide linking' y THREONINE ? 'C4 H9 N O3'          119.119 
TRP 'L-peptide linking' y TRYPTOPHAN ? 'C11 H12 N2 O2'       204.225 
TYR 'L-peptide linking' y TYROSINE ? 'C9 H11 N O3'         181.189 
VAL 'L-peptide linking' y VALINE ? 'C5 H11 N O2'         117.146 
# 
loop_
_pdbx_poly_seq_scheme.asym_id 
_pdbx_poly_seq_scheme.entity_id 
_pdbx_poly_seq_scheme.seq_id 
_pdbx_poly_seq_scheme.mon_id 
_pdbx_poly_seq_scheme.ndb_seq_num 
_pdbx_poly_seq_scheme.pdb_seq_num 
_pdbx_poly_seq_scheme.auth_seq_num 
_pdbx_poly_seq_scheme.pdb_mon_id 
_pdbx_poly_seq_scheme.auth_mon_id 
_pdbx_poly_seq_scheme.pdb_strand_id 
_pdbx_poly_seq_scheme.pdb_ins_code 
_pdbx_poly_seq_scheme.hetero 
A 1 1   GLY 1   -2  ?   ?   ?   A . n 
A 1 2   SER 2   -1  ?   ?   ?   A . n 
A 1 3   HIS 3   0   ?   ?   ?   A . n 
A 1 4   MET 4   1   ?   ?   ?   A . n 
A 1 5   ALA 5   2   ?   ?   ?   A . n 
A 1 6   HIS 6   3   ?   ?   ?   A . n 
A 1 7   ALA 7   4   ?   ?   ?   A . n 
A 1 8   GLY 8   5   ?   ?   ?   A . n 
A 1 9   ARG 9   6   ?   ?   ?   A . n 
A 1 10  THR 10  7   ?   ?   ?   A . n 
A 1 11  GLY 11  8   ?   ?   ?   A . n 
A 1 12  TYR 12  9   9   TYR TYR A . n 
A 1 13  ASP 13  10  10  ASP ASP A . n 
A 1 14  ASN 14  11  11  ASN ASN A . n 
A 1 15  ARG 15  12  12  ARG ARG A . n 
A 1 16  GLU 16  13  13  GLU GLU A . n 
A 1 17  ILE 17  14  14  ILE ILE A . n 
A 1 18  VAL 18  15  15  VAL VAL A . n 
A 1 19  MET 19  16  16  MET MET A . n 
A 1 20  LYS 20  17  17  LYS LYS A . n 
A 1 21  TYR 21  18  18  TYR TYR A . n 
A 1 22  ILE 22  19  19  ILE ILE A . n 
A 1 23  HIS 23  20  20  HIS HIS A . n 
A 1 24  TYR 24  21  21  TYR TYR A . n 
A 1 25  LYS 25  22  22  LYS LYS A . n 
A 1 26  LEU 26  23  23  LEU LEU A . n 
A 1 27  SER 27  24  24  SER SER A . n 
A 1 28  GLN 28  25  25  GLN GLN A . n 
A 1 29  ARG 29  26  26  ARG ARG A . n 
A 1 30  GLY 30  27  27  GLY GLY A . n 
A 1 31  TYR 31  28  28  TYR TYR A . n 
A 1 32  GLU 32  29  29  GLU GLU A . n 
A 1 33  TRP 33  30  30  TRP TRP A . n 
A 1 34  ASP 34  31  31  ASP ASP A . n 
A 1 35  ALA 35  32  ?   ?   ?   A . n 
A 1 36  GLY 36  33  ?   ?   ?   A . n 
A 1 37  ASP 37  34  ?   ?   ?   A . n 
A 1 38  ASP 38  35  ?   ?   ?   A . n 
A 1 39  VAL 39  36  ?   ?   ?   A . n 
A 1 40  GLU 40  37  ?   ?   ?   A . n 
A 1 41  GLU 41  38  ?   ?   ?   A . n 
A 1 42  ASN 42  39  ?   ?   ?   A . n 
A 1 43  ARG 43  40  ?   ?   ?   A . n 
A 1 44  THR 44  41  ?   ?   ?   A . n 
A 1 45  GLU 45  42  ?   ?   ?   A . n 
A 1 46  ALA 46  43  ?   ?   ?   A . n 
A 1 47  PRO 47  44  ?   ?   ?   A . n 
A 1 48  GLU 48  45  ?   ?   ?   A . n 
A 1 49  GLY 49  46  ?   ?   ?   A . n 
A 1 50  THR 50  47  ?   ?   ?   A . n 
A 1 51  GLU 51  48  ?   ?   ?   A . n 
A 1 52  SER 52  49  49  SER SER A . n 
A 1 53  GLU 53  50  50  GLU GLU A . n 
A 1 54  VAL 54  51  51  VAL VAL A . n 
A 1 55  VAL 55  52  52  VAL VAL A . n 
A 1 56  HIS 56  53  53  HIS HIS A . n 
A 1 57  LEU 57  54  54  LEU LEU A . n 
A 1 58  THR 58  55  55  THR THR A . n 
A 1 59  LEU 59  56  56  LEU LEU A . n 
A 1 60  ARG 60  57  57  ARG ARG A . n 
A 1 61  GLN 61  58  58  GLN GLN A . n 
A 1 62  ALA 62  59  59  ALA ALA A . n 
A 1 63  GLY 63  60  60  GLY GLY A . n 
A 1 64  ASP 64  61  61  ASP ASP A . n 
A 1 65  ASP 65  62  62  ASP ASP A . n 
A 1 66  PHE 66  63  63  PHE PHE A . n 
A 1 67  SER 67  64  64  SER SER A . n 
A 1 68  ARG 68  65  65  ARG ARG A . n 
A 1 69  ARG 69  66  66  ARG ARG A . n 
A 1 70  TYR 70  67  67  TYR TYR A . n 
A 1 71  ARG 71  68  68  ARG ARG A . n 
A 1 72  ARG 72  69  69  ARG ARG A . n 
A 1 73  ASP 73  70  70  ASP ASP A . n 
A 1 74  PHE 74  71  71  PHE PHE A . n 
A 1 75  ALA 75  72  72  ALA ALA A . n 
A 1 76  GLU 76  73  73  GLU GLU A . n 
A 1 77  MET 77  74  74  MET MET A . n 
A 1 78  SER 78  75  75  SER SER A . n 
A 1 79  SER 79  76  76  SER SER A . n 
A 1 80  GLN 80  77  77  GLN GLN A . n 
A 1 81  LEU 81  78  78  LEU LEU A . n 
A 1 82  HIS 82  79  79  HIS HIS A . n 
A 1 83  LEU 83  80  80  LEU LEU A . n 
A 1 84  THR 84  81  81  THR THR A . n 
A 1 85  PRO 85  82  82  PRO PRO A . n 
A 1 86  PHE 86  83  83  PHE PHE A . n 
A 1 87  THR 87  84  84  THR THR A . n 
A 1 88  ALA 88  85  85  ALA ALA A . n 
A 1 89  ARG 89  86  86  ARG ARG A . n 
A 1 90  GLY 90  87  87  GLY GLY A . n 
A 1 91  ARG 91  88  88  ARG ARG A . n 
A 1 92  PHE 92  89  89  PHE PHE A . n 
A 1 93  ALA 93  90  90  ALA ALA A . n 
A 1 94  THR 94  91  91  THR THR A . n 
A 1 95  VAL 95  92  92  VAL VAL A . n 
A 1 96  VAL 96  93  93  VAL VAL A . n 
A 1 97  GLU 97  94  94  GLU GLU A . n 
A 1 98  GLU 98  95  95  GLU GLU A . n 
A 1 99  LEU 99  96  96  LEU LEU A . n 
A 1 100 PHE 100 97  97  PHE PHE A . n 
A 1 101 ARG 101 98  98  ARG ARG A . n 
A 1 102 ASP 102 99  99  ASP ASP A . n 
A 1 103 GLY 103 100 100 GLY GLY A . n 
A 1 104 VAL 104 101 101 VAL VAL A . n 
A 1 105 ASN 105 102 102 ASN ASN A . n 
A 1 106 TRP 106 103 103 TRP TRP A . n 
A 1 107 GLY 107 104 104 GLY GLY A . n 
A 1 108 ARG 108 105 105 ARG ARG A . n 
A 1 109 ILE 109 106 106 ILE ILE A . n 
A 1 110 VAL 110 107 107 VAL VAL A . n 
A 1 111 ALA 111 108 108 ALA ALA A . n 
A 1 112 PHE 112 109 109 PHE PHE A . n 
A 1 113 PHE 113 110 110 PHE PHE A . n 
A 1 114 GLU 114 111 111 GLU GLU A . n 
A 1 115 PHE 115 112 112 PHE PHE A . n 
A 1 116 GLY 116 113 113 GLY GLY A . n 
A 1 117 GLY 117 114 114 GLY GLY A . n 
A 1 118 VAL 118 115 115 VAL VAL A . n 
A 1 119 MET 119 116 116 MET MET A . n 
A 1 120 CYS 120 117 117 CYS CYS A . n 
A 1 121 VAL 121 118 118 VAL VAL A . n 
A 1 122 GLU 122 119 119 GLU GLU A . n 
A 1 123 SER 123 120 120 SER SER A . n 
A 1 124 VAL 124 121 121 VAL VAL A . n 
A 1 125 ASN 125 122 122 ASN ASN A . n 
A 1 126 ARG 126 123 123 ARG ARG A . n 
A 1 127 GLU 127 124 124 GLU GLU A . n 
A 1 128 MET 128 125 125 MET MET A . n 
A 1 129 SER 129 126 126 SER SER A . n 
A 1 130 PRO 130 127 127 PRO PRO A . n 
A 1 131 LEU 131 128 128 LEU LEU A . n 
A 1 132 VAL 132 129 129 VAL VAL A . n 
A 1 133 ASP 133 130 130 ASP ASP A . n 
A 1 134 ASN 134 131 131 ASN ASN A . n 
A 1 135 ILE 135 132 132 ILE ILE A . n 
A 1 136 ALA 136 133 133 ALA ALA A . n 
A 1 137 LEU 137 134 134 LEU LEU A . n 
A 1 138 TRP 138 135 135 TRP TRP A . n 
A 1 139 MET 139 136 136 MET MET A . n 
A 1 140 THR 140 137 137 THR THR A . n 
A 1 141 GLU 141 138 138 GLU GLU A . n 
A 1 142 TYR 142 139 139 TYR TYR A . n 
A 1 143 LEU 143 140 140 LEU LEU A . n 
A 1 144 ASN 144 141 141 ASN ASN A . n 
A 1 145 ARG 145 142 142 ARG ARG A . n 
A 1 146 HIS 146 143 143 HIS HIS A . n 
A 1 147 LEU 147 144 144 LEU LEU A . n 
A 1 148 HIS 148 145 145 HIS HIS A . n 
A 1 149 THR 149 146 146 THR THR A . n 
A 1 150 TRP 150 147 147 TRP TRP A . n 
A 1 151 ILE 151 148 148 ILE ILE A . n 
A 1 152 GLN 152 149 149 GLN GLN A . n 
A 1 153 ASP 153 150 150 ASP ASP A . n 
A 1 154 ASN 154 151 151 ASN ASN A . n 
A 1 155 GLY 155 152 152 GLY GLY A . n 
A 1 156 GLY 156 153 153 GLY GLY A . n 
A 1 157 TRP 157 154 154 TRP TRP A . n 
A 1 158 ASP 158 155 155 ASP ASP A . n 
A 1 159 ALA 159 156 156 ALA ALA A . n 
A 1 160 PHE 160 157 157 PHE PHE A . n 
A 1 161 VAL 161 158 158 VAL VAL A . n 
A 1 162 GLU 162 159 159 GLU GLU A . n 
A 1 163 LEU 163 160 160 LEU LEU A . n 
A 1 164 TYR 164 161 161 TYR TYR A . n 
A 1 165 GLY 165 162 162 GLY GLY A . n 
A 1 166 PRO 166 163 163 PRO PRO A . n 
A 1 167 SER 167 164 ?   ?   ?   A . n 
A 1 168 MET 168 165 ?   ?   ?   A . n 
A 1 169 ARG 169 166 ?   ?   ?   A . n 
# 
loop_
_pdbx_nonpoly_scheme.asym_id 
_pdbx_nonpoly_scheme.entity_id 
_pdbx_nonpoly_scheme.mon_id 
_pdbx_nonpoly_scheme.ndb_seq_num 
_pdbx_nonpoly_scheme.pdb_seq_num 
_pdbx_nonpoly_scheme.auth_seq_num 
_pdbx_nonpoly_scheme.pdb_mon_id 
_pdbx_nonpoly_scheme.auth_mon_id 
_pdbx_nonpoly_scheme.pdb_strand_id 
_pdbx_nonpoly_scheme.pdb_ins_code 
B 2 1E9 1   201 1   1E9 LI1 A . 
C 3 HOH 1   301 1   HOH HOH A . 
C 3 HOH 2   302 2   HOH HOH A . 
C 3 HOH 3   303 3   HOH HOH A . 
C 3 HOH 4   304 4   HOH HOH A . 
C 3 HOH 5   305 5   HOH HOH A . 
C 3 HOH 6   306 6   HOH HOH A . 
C 3 HOH 7   307 7   HOH HOH A . 
C 3 HOH 8   308 8   HOH HOH A . 
C 3 HOH 9   309 9   HOH HOH A . 
C 3 HOH 10  310 10  HOH HOH A . 
C 3 HOH 11  311 11  HOH HOH A . 
C 3 HOH 12  312 12  HOH HOH A . 
C 3 HOH 13  313 13  HOH HOH A . 
C 3 HOH 14  314 14  HOH HOH A . 
C 3 HOH 15  315 15  HOH HOH A . 
C 3 HOH 16  316 16  HOH HOH A . 
C 3 HOH 17  317 17  HOH HOH A . 
C 3 HOH 18  318 18  HOH HOH A . 
C 3 HOH 19  319 19  HOH HOH A . 
C 3 HOH 20  320 20  HOH HOH A . 
C 3 HOH 21  321 21  HOH HOH A . 
C 3 HOH 22  322 22  HOH HOH A . 
C 3 HOH 23  323 23  HOH HOH A . 
C 3 HOH 24  324 24  HOH HOH A . 
C 3 HOH 25  325 25  HOH HOH A . 
C 3 HOH 26  326 26  HOH HOH A . 
C 3 HOH 27  327 27  HOH HOH A . 
C 3 HOH 28  328 28  HOH HOH A . 
C 3 HOH 29  329 29  HOH HOH A . 
C 3 HOH 30  330 30  HOH HOH A . 
C 3 HOH 31  331 31  HOH HOH A . 
C 3 HOH 32  332 32  HOH HOH A . 
C 3 HOH 33  333 33  HOH HOH A . 
C 3 HOH 34  334 34  HOH HOH A . 
C 3 HOH 35  335 35  HOH HOH A . 
C 3 HOH 36  336 36  HOH HOH A . 
C 3 HOH 37  337 37  HOH HOH A . 
C 3 HOH 38  338 38  HOH HOH A . 
C 3 HOH 39  339 39  HOH HOH A . 
C 3 HOH 40  340 40  HOH HOH A . 
C 3 HOH 41  341 41  HOH HOH A . 
C 3 HOH 42  342 42  HOH HOH A . 
C 3 HOH 43  343 43  HOH HOH A . 
C 3 HOH 44  344 44  HOH HOH A . 
C 3 HOH 45  345 45  HOH HOH A . 
C 3 HOH 46  346 46  HOH HOH A . 
C 3 HOH 47  347 47  HOH HOH A . 
C 3 HOH 48  348 48  HOH HOH A . 
C 3 HOH 49  349 49  HOH HOH A . 
C 3 HOH 50  350 50  HOH HOH A . 
C 3 HOH 51  351 51  HOH HOH A . 
C 3 HOH 52  352 52  HOH HOH A . 
C 3 HOH 53  353 53  HOH HOH A . 
C 3 HOH 54  354 54  HOH HOH A . 
C 3 HOH 55  355 55  HOH HOH A . 
C 3 HOH 56  356 56  HOH HOH A . 
C 3 HOH 57  357 57  HOH HOH A . 
C 3 HOH 58  358 58  HOH HOH A . 
C 3 HOH 59  359 59  HOH HOH A . 
C 3 HOH 60  360 60  HOH HOH A . 
C 3 HOH 61  361 61  HOH HOH A . 
C 3 HOH 62  362 62  HOH HOH A . 
C 3 HOH 63  363 63  HOH HOH A . 
C 3 HOH 64  364 64  HOH HOH A . 
C 3 HOH 65  365 65  HOH HOH A . 
C 3 HOH 66  366 66  HOH HOH A . 
C 3 HOH 67  367 67  HOH HOH A . 
C 3 HOH 68  368 68  HOH HOH A . 
C 3 HOH 69  369 69  HOH HOH A . 
C 3 HOH 70  370 70  HOH HOH A . 
C 3 HOH 71  371 71  HOH HOH A . 
C 3 HOH 72  372 72  HOH HOH A . 
C 3 HOH 73  373 73  HOH HOH A . 
C 3 HOH 74  374 74  HOH HOH A . 
C 3 HOH 75  375 75  HOH HOH A . 
C 3 HOH 76  376 76  HOH HOH A . 
C 3 HOH 77  377 77  HOH HOH A . 
C 3 HOH 78  378 78  HOH HOH A . 
C 3 HOH 79  379 79  HOH HOH A . 
C 3 HOH 80  380 80  HOH HOH A . 
C 3 HOH 81  381 81  HOH HOH A . 
C 3 HOH 82  382 82  HOH HOH A . 
C 3 HOH 83  383 83  HOH HOH A . 
C 3 HOH 84  384 84  HOH HOH A . 
C 3 HOH 85  385 85  HOH HOH A . 
C 3 HOH 86  386 86  HOH HOH A . 
C 3 HOH 87  387 87  HOH HOH A . 
C 3 HOH 88  388 88  HOH HOH A . 
C 3 HOH 89  389 89  HOH HOH A . 
C 3 HOH 90  390 90  HOH HOH A . 
C 3 HOH 91  391 91  HOH HOH A . 
C 3 HOH 92  392 92  HOH HOH A . 
C 3 HOH 93  393 93  HOH HOH A . 
C 3 HOH 94  394 94  HOH HOH A . 
C 3 HOH 95  395 95  HOH HOH A . 
C 3 HOH 96  396 96  HOH HOH A . 
C 3 HOH 97  397 97  HOH HOH A . 
C 3 HOH 98  398 98  HOH HOH A . 
C 3 HOH 99  399 99  HOH HOH A . 
C 3 HOH 100 400 100 HOH HOH A . 
C 3 HOH 101 401 101 HOH HOH A . 
C 3 HOH 102 402 102 HOH HOH A . 
C 3 HOH 103 403 103 HOH HOH A . 
C 3 HOH 104 404 104 HOH HOH A . 
C 3 HOH 105 405 105 HOH HOH A . 
C 3 HOH 106 406 106 HOH HOH A . 
C 3 HOH 107 407 107 HOH HOH A . 
C 3 HOH 108 408 108 HOH HOH A . 
C 3 HOH 109 409 109 HOH HOH A . 
C 3 HOH 110 410 110 HOH HOH A . 
C 3 HOH 111 411 111 HOH HOH A . 
C 3 HOH 112 412 112 HOH HOH A . 
C 3 HOH 113 413 113 HOH HOH A . 
C 3 HOH 114 414 114 HOH HOH A . 
C 3 HOH 115 415 115 HOH HOH A . 
C 3 HOH 116 416 116 HOH HOH A . 
C 3 HOH 117 417 117 HOH HOH A . 
C 3 HOH 118 418 118 HOH HOH A . 
C 3 HOH 119 419 119 HOH HOH A . 
C 3 HOH 120 420 120 HOH HOH A . 
C 3 HOH 121 421 121 HOH HOH A . 
C 3 HOH 122 422 122 HOH HOH A . 
C 3 HOH 123 423 123 HOH HOH A . 
C 3 HOH 124 424 124 HOH HOH A . 
C 3 HOH 125 425 125 HOH HOH A . 
C 3 HOH 126 426 126 HOH HOH A . 
C 3 HOH 127 427 127 HOH HOH A . 
C 3 HOH 128 428 128 HOH HOH A . 
C 3 HOH 129 429 129 HOH HOH A . 
C 3 HOH 130 430 130 HOH HOH A . 
C 3 HOH 131 431 131 HOH HOH A . 
C 3 HOH 132 432 132 HOH HOH A . 
C 3 HOH 133 433 133 HOH HOH A . 
C 3 HOH 134 434 134 HOH HOH A . 
C 3 HOH 135 435 135 HOH HOH A . 
C 3 HOH 136 436 136 HOH HOH A . 
C 3 HOH 137 437 137 HOH HOH A . 
C 3 HOH 138 438 138 HOH HOH A . 
C 3 HOH 139 439 139 HOH HOH A . 
C 3 HOH 140 440 140 HOH HOH A . 
C 3 HOH 141 441 141 HOH HOH A . 
C 3 HOH 142 442 142 HOH HOH A . 
C 3 HOH 143 443 143 HOH HOH A . 
C 3 HOH 144 444 144 HOH HOH A . 
C 3 HOH 145 445 145 HOH HOH A . 
C 3 HOH 146 446 146 HOH HOH A . 
C 3 HOH 147 447 147 HOH HOH A . 
C 3 HOH 148 448 148 HOH HOH A . 
C 3 HOH 149 449 149 HOH HOH A . 
C 3 HOH 150 450 150 HOH HOH A . 
C 3 HOH 151 451 151 HOH HOH A . 
C 3 HOH 152 452 152 HOH HOH A . 
C 3 HOH 153 453 153 HOH HOH A . 
C 3 HOH 154 454 154 HOH HOH A . 
C 3 HOH 155 455 155 HOH HOH A . 
C 3 HOH 156 456 156 HOH HOH A . 
C 3 HOH 157 457 157 HOH HOH A . 
C 3 HOH 158 458 158 HOH HOH A . 
C 3 HOH 159 459 159 HOH HOH A . 
C 3 HOH 160 460 160 HOH HOH A . 
C 3 HOH 161 461 161 HOH HOH A . 
C 3 HOH 162 462 162 HOH HOH A . 
C 3 HOH 163 463 163 HOH HOH A . 
C 3 HOH 164 464 165 HOH HOH A . 
C 3 HOH 165 465 166 HOH HOH A . 
C 3 HOH 166 466 167 HOH HOH A . 
C 3 HOH 167 467 168 HOH HOH A . 
C 3 HOH 168 468 169 HOH HOH A . 
C 3 HOH 169 469 170 HOH HOH A . 
C 3 HOH 170 470 172 HOH HOH A . 
C 3 HOH 171 471 173 HOH HOH A . 
C 3 HOH 172 472 174 HOH HOH A . 
C 3 HOH 173 473 175 HOH HOH A . 
C 3 HOH 174 474 176 HOH HOH A . 
C 3 HOH 175 475 177 HOH HOH A . 
C 3 HOH 176 476 178 HOH HOH A . 
C 3 HOH 177 477 179 HOH HOH A . 
C 3 HOH 178 478 180 HOH HOH A . 
C 3 HOH 179 479 181 HOH HOH A . 
C 3 HOH 180 480 182 HOH HOH A . 
C 3 HOH 181 481 183 HOH HOH A . 
C 3 HOH 182 482 184 HOH HOH A . 
C 3 HOH 183 483 185 HOH HOH A . 
C 3 HOH 184 484 186 HOH HOH A . 
# 
loop_
_software.name 
_software.classification 
_software.version 
_software.citation_id 
_software.pdbx_ordinal 
PHASES phasing          .                 ? 1 
PHENIX refinement       '(phenix.refine)' ? 2 
XDS    'data reduction' .                 ? 3 
SCALA  'data scaling'   .                 ? 4 
# 
_cell.entry_id           4IEH 
_cell.length_a           73.529 
_cell.length_b           73.529 
_cell.length_c           96.205 
_cell.angle_alpha        90.00 
_cell.angle_beta         90.00 
_cell.angle_gamma        90.00 
_cell.Z_PDB              8 
_cell.pdbx_unique_axis   ? 
_cell.length_a_esd       ? 
_cell.length_b_esd       ? 
_cell.length_c_esd       ? 
_cell.angle_alpha_esd    ? 
_cell.angle_beta_esd     ? 
_cell.angle_gamma_esd    ? 
# 
_symmetry.entry_id                         4IEH 
_symmetry.space_group_name_H-M             'P 43 21 2' 
_symmetry.pdbx_full_space_group_name_H-M   ? 
_symmetry.cell_setting                     ? 
_symmetry.Int_Tables_number                96 
_symmetry.space_group_name_Hall            ? 
# 
_exptl.entry_id          4IEH 
_exptl.method            'X-RAY DIFFRACTION' 
_exptl.crystals_number   1 
# 
_exptl_crystal.id                    1 
_exptl_crystal.density_meas          ? 
_exptl_crystal.density_Matthews      3.31 
_exptl_crystal.density_percent_sol   62.84 
_exptl_crystal.description           ? 
_exptl_crystal.F_000                 ? 
_exptl_crystal.preparation           ? 
# 
_exptl_crystal_grow.crystal_id      1 
_exptl_crystal_grow.method          'VAPOR DIFFUSION' 
_exptl_crystal_grow.temp            277.0 
_exptl_crystal_grow.temp_details    ? 
_exptl_crystal_grow.pH              8.6 
_exptl_crystal_grow.pdbx_details    
'0.05 M succinic acid, 0.25 M sodium malonate, 12% PEG3350, 0.1 M Tris-HCl, pH 8.6, VAPOR DIFFUSION, temperature 277.0K' 
_exptl_crystal_grow.pdbx_pH_range   ? 
# 
_diffrn.id                     1 
_diffrn.ambient_temp           100 
_diffrn.ambient_temp_details   ? 
_diffrn.crystal_id             1 
# 
_diffrn_detector.diffrn_id              1 
_diffrn_detector.detector               PIXEL 
_diffrn_detector.type                   'DECTRIS PILATUS 6M' 
_diffrn_detector.pdbx_collection_date   2009-06-09 
_diffrn_detector.details                ? 
# 
_diffrn_radiation.diffrn_id                        1 
_diffrn_radiation.wavelength_id                    1 
_diffrn_radiation.pdbx_monochromatic_or_laue_m_l   M 
_diffrn_radiation.monochromator                    'double crystal Si(111)' 
_diffrn_radiation.pdbx_diffrn_protocol             'SINGLE WAVELENGTH' 
_diffrn_radiation.pdbx_scattering_type             x-ray 
# 
_diffrn_radiation_wavelength.id           1 
_diffrn_radiation_wavelength.wavelength   1.0 
_diffrn_radiation_wavelength.wt           1.0 
# 
_diffrn_source.diffrn_id                   1 
_diffrn_source.source                      SYNCHROTRON 
_diffrn_source.type                        'SLS BEAMLINE X06SA' 
_diffrn_source.pdbx_synchrotron_site       SLS 
_diffrn_source.pdbx_synchrotron_beamline   X06SA 
_diffrn_source.pdbx_wavelength             ? 
_diffrn_source.pdbx_wavelength_list        1.0 
# 
_reflns.entry_id                     4IEH 
_reflns.observed_criterion_sigma_I   -3.0 
_reflns.observed_criterion_sigma_F   ? 
_reflns.d_resolution_low             48.10 
_reflns.d_resolution_high            2.10 
_reflns.number_obs                   15960 
_reflns.number_all                   ? 
_reflns.percent_possible_obs         99.8 
_reflns.pdbx_Rmerge_I_obs            ? 
_reflns.pdbx_Rsym_value              0.094 
_reflns.pdbx_netI_over_sigmaI        15.1 
_reflns.B_iso_Wilson_estimate        32.1 
_reflns.pdbx_redundancy              7.1 
_reflns.R_free_details               ? 
_reflns.limit_h_max                  ? 
_reflns.limit_h_min                  ? 
_reflns.limit_k_max                  ? 
_reflns.limit_k_min                  ? 
_reflns.limit_l_max                  ? 
_reflns.limit_l_min                  ? 
_reflns.observed_criterion_F_max     ? 
_reflns.observed_criterion_F_min     ? 
_reflns.pdbx_chi_squared             ? 
_reflns.pdbx_scaling_rejects         ? 
_reflns.pdbx_ordinal                 1 
_reflns.pdbx_diffrn_id               1 
# 
_reflns_shell.d_res_high             2.10 
_reflns_shell.d_res_low              2.15 
_reflns_shell.percent_possible_all   99.9 
_reflns_shell.Rmerge_I_obs           ? 
_reflns_shell.pdbx_Rsym_value        0.468 
_reflns_shell.meanI_over_sigI_obs    3.9 
_reflns_shell.pdbx_redundancy        7.1 
_reflns_shell.percent_possible_obs   ? 
_reflns_shell.number_unique_all      558 
_reflns_shell.number_measured_all    ? 
_reflns_shell.number_measured_obs    ? 
_reflns_shell.number_unique_obs      ? 
_reflns_shell.pdbx_chi_squared       ? 
_reflns_shell.pdbx_ordinal           1 
_reflns_shell.pdbx_diffrn_id         1 
# 
_refine.entry_id                                 4IEH 
_refine.ls_number_reflns_obs                     15959 
_refine.ls_number_reflns_all                     15959 
_refine.pdbx_ls_sigma_I                          ? 
_refine.pdbx_ls_sigma_F                          ? 
_refine.pdbx_data_cutoff_high_absF               ? 
_refine.pdbx_data_cutoff_low_absF                ? 
_refine.pdbx_data_cutoff_high_rms_absF           ? 
_refine.ls_d_res_low                             45.740 
_refine.ls_d_res_high                            2.100 
_refine.ls_percent_reflns_obs                    99.79 
_refine.ls_R_factor_obs                          0.1807 
_refine.ls_R_factor_all                          0.1807 
_refine.ls_R_factor_R_work                       0.1787 
_refine.ls_R_factor_R_free                       0.2183 
_refine.ls_R_factor_R_free_error                 ? 
_refine.ls_R_factor_R_free_error_details         ? 
_refine.ls_percent_reflns_R_free                 5.00 
_refine.ls_number_reflns_R_free                  798 
_refine.ls_number_parameters                     ? 
_refine.ls_number_restraints                     ? 
_refine.occupancy_min                            ? 
_refine.occupancy_max                            ? 
_refine.correlation_coeff_Fo_to_Fc               ? 
_refine.correlation_coeff_Fo_to_Fc_free          ? 
_refine.B_iso_mean                               ? 
_refine.aniso_B[1][1]                            -3.7199 
_refine.aniso_B[2][2]                            -3.7199 
_refine.aniso_B[3][3]                            7.4398 
_refine.aniso_B[1][2]                            -0.0000 
_refine.aniso_B[1][3]                            0.0000 
_refine.aniso_B[2][3]                            -0.0000 
_refine.solvent_model_details                    'FLAT BULK SOLVENT MODEL' 
_refine.solvent_model_param_ksol                 0.321 
_refine.solvent_model_param_bsol                 46.182 
_refine.pdbx_solvent_vdw_probe_radii             1.11 
_refine.pdbx_solvent_ion_probe_radii             ? 
_refine.pdbx_solvent_shrinkage_radii             0.90 
_refine.pdbx_ls_cross_valid_method               ? 
_refine.details                                  ? 
_refine.pdbx_starting_model                      ? 
_refine.pdbx_method_to_determine_struct          'MOLECULAR REPLACEMENT' 
_refine.pdbx_isotropic_thermal_model             ? 
_refine.pdbx_stereochemistry_target_values       ML 
_refine.pdbx_stereochem_target_val_spec_case     ? 
_refine.pdbx_R_Free_selection_details            RANDOM 
_refine.pdbx_overall_ESU_R                       ? 
_refine.pdbx_overall_ESU_R_Free                  ? 
_refine.overall_SU_ML                            0.23 
_refine.pdbx_overall_phase_error                 19.49 
_refine.overall_SU_B                             ? 
_refine.overall_SU_R_Cruickshank_DPI             ? 
_refine.ls_redundancy_reflns_obs                 ? 
_refine.B_iso_min                                ? 
_refine.B_iso_max                                ? 
_refine.overall_SU_R_free                        ? 
_refine.ls_wR_factor_R_free                      ? 
_refine.ls_wR_factor_R_work                      ? 
_refine.overall_FOM_free_R_set                   ? 
_refine.overall_FOM_work_R_set                   ? 
_refine.pdbx_diffrn_id                           1 
_refine.pdbx_refine_id                           'X-RAY DIFFRACTION' 
_refine.pdbx_TLS_residual_ADP_flag               ? 
_refine.pdbx_overall_SU_R_free_Cruickshank_DPI   ? 
_refine.pdbx_overall_SU_R_Blow_DPI               ? 
_refine.pdbx_overall_SU_R_free_Blow_DPI          ? 
# 
_refine_hist.pdbx_refine_id                   'X-RAY DIFFRACTION' 
_refine_hist.cycle_id                         LAST 
_refine_hist.pdbx_number_atoms_protein        1157 
_refine_hist.pdbx_number_atoms_nucleic_acid   0 
_refine_hist.pdbx_number_atoms_ligand         59 
_refine_hist.number_atoms_solvent             184 
_refine_hist.number_atoms_total               1400 
_refine_hist.d_res_high                       2.100 
_refine_hist.d_res_low                        45.740 
# 
loop_
_refine_ls_restr.type 
_refine_ls_restr.dev_ideal 
_refine_ls_restr.dev_ideal_target 
_refine_ls_restr.weight 
_refine_ls_restr.number 
_refine_ls_restr.pdbx_restraint_function 
_refine_ls_restr.pdbx_refine_id 
f_bond_d           0.006  ? ? 1261 ? 'X-RAY DIFFRACTION' 
f_angle_d          0.980  ? ? 1713 ? 'X-RAY DIFFRACTION' 
f_dihedral_angle_d 22.356 ? ? 442  ? 'X-RAY DIFFRACTION' 
f_chiral_restr     0.061  ? ? 168  ? 'X-RAY DIFFRACTION' 
f_plane_restr      0.006  ? ? 216  ? 'X-RAY DIFFRACTION' 
# 
loop_
_refine_ls_shell.pdbx_total_number_of_bins_used 
_refine_ls_shell.d_res_high 
_refine_ls_shell.d_res_low 
_refine_ls_shell.number_reflns_R_work 
_refine_ls_shell.R_factor_R_work 
_refine_ls_shell.percent_reflns_obs 
_refine_ls_shell.R_factor_R_free 
_refine_ls_shell.R_factor_R_free_error 
_refine_ls_shell.percent_reflns_R_free 
_refine_ls_shell.number_reflns_R_free 
_refine_ls_shell.number_reflns_all 
_refine_ls_shell.R_factor_all 
_refine_ls_shell.number_reflns_obs 
_refine_ls_shell.redundancy_reflns_obs 
_refine_ls_shell.pdbx_refine_id 
. 2.1000 2.2316  2454 0.2018 100.0 0.2528 . . 129 . . 2454 . 'X-RAY DIFFRACTION' 
. 2.2316 2.4039  2482 0.1803 100.0 0.2638 . . 130 . . 2482 . 'X-RAY DIFFRACTION' 
. 2.4039 2.6458  2494 0.1750 100.0 0.2113 . . 132 . . 2494 . 'X-RAY DIFFRACTION' 
. 2.6458 3.0285  2512 0.1740 100.0 0.1893 . . 132 . . 2512 . 'X-RAY DIFFRACTION' 
. 3.0285 3.8154  2544 0.1579 100.0 0.1876 . . 134 . . 2544 . 'X-RAY DIFFRACTION' 
. 3.8154 45.7512 2675 0.1840 99.0  0.2318 . . 141 . . 2675 . 'X-RAY DIFFRACTION' 
# 
_struct.entry_id                  4IEH 
_struct.title                     
'Crystal Structure of human Bcl-2 in complex with a small molecule inhibitor targeting Bcl-2 BH3 domain interactions' 
_struct.pdbx_model_details        ? 
_struct.pdbx_CASP_flag            ? 
_struct.pdbx_model_type_details   ? 
# 
_struct_keywords.entry_id        4IEH 
_struct_keywords.pdbx_keywords   APOPTOSIS/INHIBITOR 
_struct_keywords.text            
;protein-protein interaction, alpha helical, pro-apoptosis, cytochrome c release, caspase activation, BIM, BAK, BAD, PUMA, APOPTOSIS-INHIBITOR complex
;
# 
loop_
_struct_asym.id 
_struct_asym.pdbx_blank_PDB_chainid_flag 
_struct_asym.pdbx_modified 
_struct_asym.entity_id 
_struct_asym.details 
A N N 1 ? 
B N N 2 ? 
C N N 3 ? 
# 
loop_
_struct_ref.id 
_struct_ref.db_name 
_struct_ref.db_code 
_struct_ref.pdbx_db_accession 
_struct_ref.entity_id 
_struct_ref.pdbx_seq_one_letter_code 
_struct_ref.pdbx_align_begin 
_struct_ref.pdbx_db_isoform 
1 UNP BCL2_HUMAN  P10415 1 MAHAGRTGYDNREIVMKYIHYKLSQRGYEWDAGD 1  ? 
2 UNP B2CL1_HUMAN Q07817 1 DVEENRTEAPEGTESE 29 ? 
3 UNP BCL2_HUMAN  P10415 1 
;VVHLTLRQAGDDFSRRYRRDFAEMSSQLHLTPFTARGRFATVVEELFRDGVNWGRIVAFFEFGGVMCVESVNREMSPLVD
NIALWMTEYLNRHLHTWIQDNGGWDAFVELYGPSMR
;
92 ? 
# 
loop_
_struct_ref_seq.align_id 
_struct_ref_seq.ref_id 
_struct_ref_seq.pdbx_PDB_id_code 
_struct_ref_seq.pdbx_strand_id 
_struct_ref_seq.seq_align_beg 
_struct_ref_seq.pdbx_seq_align_beg_ins_code 
_struct_ref_seq.seq_align_end 
_struct_ref_seq.pdbx_seq_align_end_ins_code 
_struct_ref_seq.pdbx_db_accession 
_struct_ref_seq.db_align_beg 
_struct_ref_seq.pdbx_db_align_beg_ins_code 
_struct_ref_seq.db_align_end 
_struct_ref_seq.pdbx_db_align_end_ins_code 
_struct_ref_seq.pdbx_auth_seq_align_beg 
_struct_ref_seq.pdbx_auth_seq_align_end 
1 1 4IEH A 4  ? 37  ? P10415 1  ? 34  ? 1  34  
2 2 4IEH A 38 ? 53  ? Q07817 29 ? 44  ? 35 50  
3 3 4IEH A 54 ? 169 ? P10415 92 ? 207 ? 51 166 
# 
loop_
_struct_ref_seq_dif.align_id 
_struct_ref_seq_dif.pdbx_pdb_id_code 
_struct_ref_seq_dif.mon_id 
_struct_ref_seq_dif.pdbx_pdb_strand_id 
_struct_ref_seq_dif.seq_num 
_struct_ref_seq_dif.pdbx_pdb_ins_code 
_struct_ref_seq_dif.pdbx_seq_db_name 
_struct_ref_seq_dif.pdbx_seq_db_accession_code 
_struct_ref_seq_dif.db_mon_id 
_struct_ref_seq_dif.pdbx_seq_db_seq_num 
_struct_ref_seq_dif.details 
_struct_ref_seq_dif.pdbx_auth_seq_num 
_struct_ref_seq_dif.pdbx_ordinal 
1 4IEH GLY A 1 ? UNP P10415 ? ? 'cloning artifact' -2 1 
1 4IEH SER A 2 ? UNP P10415 ? ? 'cloning artifact' -1 2 
1 4IEH HIS A 3 ? UNP P10415 ? ? 'cloning artifact' 0  3 
# 
_pdbx_struct_assembly.id                   1 
_pdbx_struct_assembly.details              author_and_software_defined_assembly 
_pdbx_struct_assembly.method_details       PISA 
_pdbx_struct_assembly.oligomeric_details   monomeric 
_pdbx_struct_assembly.oligomeric_count     1 
# 
_pdbx_struct_assembly_gen.assembly_id       1 
_pdbx_struct_assembly_gen.oper_expression   1 
_pdbx_struct_assembly_gen.asym_id_list      A,B,C 
# 
_pdbx_struct_oper_list.id                   1 
_pdbx_struct_oper_list.type                 'identity operation' 
_pdbx_struct_oper_list.name                 1_555 
_pdbx_struct_oper_list.symmetry_operation   x,y,z 
_pdbx_struct_oper_list.matrix[1][1]         1.0000000000 
_pdbx_struct_oper_list.matrix[1][2]         0.0000000000 
_pdbx_struct_oper_list.matrix[1][3]         0.0000000000 
_pdbx_struct_oper_list.vector[1]            0.0000000000 
_pdbx_struct_oper_list.matrix[2][1]         0.0000000000 
_pdbx_struct_oper_list.matrix[2][2]         1.0000000000 
_pdbx_struct_oper_list.matrix[2][3]         0.0000000000 
_pdbx_struct_oper_list.vector[2]            0.0000000000 
_pdbx_struct_oper_list.matrix[3][1]         0.0000000000 
_pdbx_struct_oper_list.matrix[3][2]         0.0000000000 
_pdbx_struct_oper_list.matrix[3][3]         1.0000000000 
_pdbx_struct_oper_list.vector[3]            0.0000000000 
# 
_struct_biol.id        1 
_struct_biol.details   ? 
# 
loop_
_struct_conf.conf_type_id 
_struct_conf.id 
_struct_conf.pdbx_PDB_helix_id 
_struct_conf.beg_label_comp_id 
_struct_conf.beg_label_asym_id 
_struct_conf.beg_label_seq_id 
_struct_conf.pdbx_beg_PDB_ins_code 
_struct_conf.end_label_comp_id 
_struct_conf.end_label_asym_id 
_struct_conf.end_label_seq_id 
_struct_conf.pdbx_end_PDB_ins_code 
_struct_conf.beg_auth_comp_id 
_struct_conf.beg_auth_asym_id 
_struct_conf.beg_auth_seq_id 
_struct_conf.end_auth_comp_id 
_struct_conf.end_auth_asym_id 
_struct_conf.end_auth_seq_id 
_struct_conf.pdbx_PDB_helix_class 
_struct_conf.details 
_struct_conf.pdbx_PDB_helix_length 
HELX_P HELX_P1 1 ASP A 13  ? ARG A 29  ? ASP A 10  ARG A 26  1 ? 17 
HELX_P HELX_P2 2 GLU A 53  ? TYR A 70  ? GLU A 50  TYR A 67  1 ? 18 
HELX_P HELX_P3 3 TYR A 70  ? SER A 78  ? TYR A 67  SER A 75  1 ? 9  
HELX_P HELX_P4 4 SER A 79  ? LEU A 81  ? SER A 76  LEU A 78  5 ? 3  
HELX_P HELX_P5 5 THR A 87  ? PHE A 100 ? THR A 84  PHE A 97  1 ? 14 
HELX_P HELX_P6 6 ASN A 105 ? ARG A 126 ? ASN A 102 ARG A 123 1 ? 22 
HELX_P HELX_P7 7 PRO A 130 ? LEU A 147 ? PRO A 127 LEU A 144 1 ? 18 
HELX_P HELX_P8 8 LEU A 147 ? ASN A 154 ? LEU A 144 ASN A 151 1 ? 8  
HELX_P HELX_P9 9 GLY A 155 ? GLY A 165 ? GLY A 152 GLY A 162 1 ? 11 
# 
_struct_conf_type.id          HELX_P 
_struct_conf_type.criteria    ? 
_struct_conf_type.reference   ? 
# 
_struct_site.id                   AC1 
_struct_site.pdbx_evidence_code   Software 
_struct_site.pdbx_auth_asym_id    A 
_struct_site.pdbx_auth_comp_id    1E9 
_struct_site.pdbx_auth_seq_id     201 
_struct_site.pdbx_auth_ins_code   ? 
_struct_site.pdbx_num_residues    20 
_struct_site.details              'BINDING SITE FOR RESIDUE 1E9 A 201' 
# 
loop_
_struct_site_gen.id 
_struct_site_gen.site_id 
_struct_site_gen.pdbx_num_res 
_struct_site_gen.label_comp_id 
_struct_site_gen.label_asym_id 
_struct_site_gen.label_seq_id 
_struct_site_gen.pdbx_auth_ins_code 
_struct_site_gen.auth_comp_id 
_struct_site_gen.auth_asym_id 
_struct_site_gen.auth_seq_id 
_struct_site_gen.label_atom_id 
_struct_site_gen.label_alt_id 
_struct_site_gen.symmetry 
_struct_site_gen.details 
1  AC1 20 ALA A 62  ? ALA A 59  . ? 1_555 ? 
2  AC1 20 ASP A 65  ? ASP A 62  . ? 1_555 ? 
3  AC1 20 ARG A 69  ? ARG A 66  . ? 1_555 ? 
4  AC1 20 TYR A 70  ? TYR A 67  . ? 1_555 ? 
5  AC1 20 PHE A 74  ? PHE A 71  . ? 1_555 ? 
6  AC1 20 MET A 77  ? MET A 74  . ? 1_555 ? 
7  AC1 20 GLY A 107 ? GLY A 104 . ? 1_555 ? 
8  AC1 20 ARG A 108 ? ARG A 105 . ? 1_555 ? 
9  AC1 20 VAL A 110 ? VAL A 107 . ? 1_555 ? 
10 AC1 20 ALA A 111 ? ALA A 108 . ? 1_555 ? 
11 AC1 20 GLU A 127 ? GLU A 124 . ? 3_554 ? 
12 AC1 20 MET A 128 ? MET A 125 . ? 3_554 ? 
13 AC1 20 SER A 129 ? SER A 126 . ? 3_554 ? 
14 AC1 20 PHE A 160 ? PHE A 157 . ? 1_555 ? 
15 AC1 20 TYR A 164 ? TYR A 161 . ? 1_555 ? 
16 AC1 20 HOH C .   ? HOH A 319 . ? 3_554 ? 
17 AC1 20 HOH C .   ? HOH A 360 . ? 1_555 ? 
18 AC1 20 HOH C .   ? HOH A 366 . ? 1_555 ? 
19 AC1 20 HOH C .   ? HOH A 367 . ? 1_555 ? 
20 AC1 20 HOH C .   ? HOH A 436 . ? 1_555 ? 
# 
_pdbx_entry_details.entry_id                 4IEH 
_pdbx_entry_details.nonpolymer_details       ? 
_pdbx_entry_details.sequence_details         
;PROTEIN IS A CHIMERA COMPRISING RESIDUES 1-34 OF BCL-2 (UNP P10415), RESIDUES 29-44 OF BCL-X (UNP Q07817), AND RESIDUES 92-207 OF BCL-2 (UNP P10415).
;
_pdbx_entry_details.compound_details         ? 
_pdbx_entry_details.source_details           ? 
_pdbx_entry_details.has_ligand_of_interest   ? 
# 
loop_
_pdbx_unobs_or_zero_occ_residues.id 
_pdbx_unobs_or_zero_occ_residues.PDB_model_num 
_pdbx_unobs_or_zero_occ_residues.polymer_flag 
_pdbx_unobs_or_zero_occ_residues.occupancy_flag 
_pdbx_unobs_or_zero_occ_residues.auth_asym_id 
_pdbx_unobs_or_zero_occ_residues.auth_comp_id 
_pdbx_unobs_or_zero_occ_residues.auth_seq_id 
_pdbx_unobs_or_zero_occ_residues.PDB_ins_code 
_pdbx_unobs_or_zero_occ_residues.label_asym_id 
_pdbx_unobs_or_zero_occ_residues.label_comp_id 
_pdbx_unobs_or_zero_occ_residues.label_seq_id 
1  1 Y 1 A GLY -2  ? A GLY 1   
2  1 Y 1 A SER -1  ? A SER 2   
3  1 Y 1 A HIS 0   ? A HIS 3   
4  1 Y 1 A MET 1   ? A MET 4   
5  1 Y 1 A ALA 2   ? A ALA 5   
6  1 Y 1 A HIS 3   ? A HIS 6   
7  1 Y 1 A ALA 4   ? A ALA 7   
8  1 Y 1 A GLY 5   ? A GLY 8   
9  1 Y 1 A ARG 6   ? A ARG 9   
10 1 Y 1 A THR 7   ? A THR 10  
11 1 Y 1 A GLY 8   ? A GLY 11  
12 1 Y 1 A ALA 32  ? A ALA 35  
13 1 Y 1 A GLY 33  ? A GLY 36  
14 1 Y 1 A ASP 34  ? A ASP 37  
15 1 Y 1 A ASP 35  ? A ASP 38  
16 1 Y 1 A VAL 36  ? A VAL 39  
17 1 Y 1 A GLU 37  ? A GLU 40  
18 1 Y 1 A GLU 38  ? A GLU 41  
19 1 Y 1 A ASN 39  ? A ASN 42  
20 1 Y 1 A ARG 40  ? A ARG 43  
21 1 Y 1 A THR 41  ? A THR 44  
22 1 Y 1 A GLU 42  ? A GLU 45  
23 1 Y 1 A ALA 43  ? A ALA 46  
24 1 Y 1 A PRO 44  ? A PRO 47  
25 1 Y 1 A GLU 45  ? A GLU 48  
26 1 Y 1 A GLY 46  ? A GLY 49  
27 1 Y 1 A THR 47  ? A THR 50  
28 1 Y 1 A GLU 48  ? A GLU 51  
29 1 Y 1 A SER 164 ? A SER 167 
30 1 Y 1 A MET 165 ? A MET 168 
31 1 Y 1 A ARG 166 ? A ARG 169 
# 
loop_
_chem_comp_atom.comp_id 
_chem_comp_atom.atom_id 
_chem_comp_atom.type_symbol 
_chem_comp_atom.pdbx_aromatic_flag 
_chem_comp_atom.pdbx_stereo_config 
_chem_comp_atom.pdbx_ordinal 
1E9 C1   C  N N 1   
1E9 C2   C  N R 2   
1E9 C3   C  N N 3   
1E9 C4   C  N N 4   
1E9 S1   S  N N 5   
1E9 C5   C  Y N 6   
1E9 N1   N  N N 7   
1E9 C6   C  N N 8   
1E9 C7   C  N N 9   
1E9 C8   C  Y N 10  
1E9 C9   C  Y N 11  
1E9 C10  C  Y N 12  
1E9 C11  C  Y N 13  
1E9 C12  C  Y N 14  
1E9 N2   N  N N 15  
1E9 C13  C  Y N 16  
1E9 C14  C  Y N 17  
1E9 C15  C  Y N 18  
1E9 C16  C  Y N 19  
1E9 C17  C  Y N 20  
1E9 C18  C  Y N 21  
1E9 S2   S  N N 22  
1E9 O1   O  N N 23  
1E9 O2   O  N N 24  
1E9 C19  C  Y N 25  
1E9 C20  C  Y N 26  
1E9 C21  C  Y N 27  
1E9 C22  C  Y N 28  
1E9 C23  C  Y N 29  
1E9 C24  C  Y N 30  
1E9 C25  C  Y N 31  
1E9 C26  C  Y N 32  
1E9 C27  C  Y N 33  
1E9 C28  C  Y N 34  
1E9 C29  C  Y N 35  
1E9 C30  C  Y N 36  
1E9 C31  C  N N 37  
1E9 N3   N  N N 38  
1E9 C32  C  N N 39  
1E9 C33  C  N N 40  
1E9 N4   N  N N 41  
1E9 C34  C  N N 42  
1E9 C35  C  N N 43  
1E9 C36  C  Y N 44  
1E9 C37  C  Y N 45  
1E9 C38  C  Y N 46  
1E9 C39  C  Y N 47  
1E9 C40  C  Y N 48  
1E9 C41  C  Y N 49  
1E9 S3   S  N N 50  
1E9 N5   N  N N 51  
1E9 C42  C  N N 52  
1E9 N6   N  N N 53  
1E9 O3   O  N N 54  
1E9 O4   O  N N 55  
1E9 CL1  CL N N 56  
1E9 N7   N  N N 57  
1E9 O5   O  N N 58  
1E9 O6   O  N N 59  
1E9 H1   H  N N 60  
1E9 H2   H  N N 61  
1E9 H3   H  N N 62  
1E9 H4   H  N N 63  
1E9 H5   H  N N 64  
1E9 H6   H  N N 65  
1E9 H7   H  N N 66  
1E9 H9   H  N N 67  
1E9 H10  H  N N 68  
1E9 H11  H  N N 69  
1E9 H12  H  N N 70  
1E9 H13  H  N N 71  
1E9 H14  H  N N 72  
1E9 H15  H  N N 73  
1E9 H16  H  N N 74  
1E9 H17  H  N N 75  
1E9 H18  H  N N 76  
1E9 H19  H  N N 77  
1E9 H20  H  N N 78  
1E9 H21  H  N N 79  
1E9 H22  H  N N 80  
1E9 H23  H  N N 81  
1E9 H24  H  N N 82  
1E9 H25  H  N N 83  
1E9 H26  H  N N 84  
1E9 H27  H  N N 85  
1E9 H28  H  N N 86  
1E9 H29  H  N N 87  
1E9 H30  H  N N 88  
1E9 H31  H  N N 89  
1E9 H32  H  N N 90  
1E9 H33  H  N N 91  
1E9 H35  H  N N 92  
1E9 H36  H  N N 93  
1E9 H37  H  N N 94  
1E9 H38  H  N N 95  
1E9 H39  H  N N 96  
1E9 H40  H  N N 97  
1E9 H41  H  N N 98  
1E9 H42  H  N N 99  
1E9 H43  H  N N 100 
1E9 H44  H  N N 101 
1E9 H45  H  N N 102 
1E9 H46  H  N N 103 
ALA N    N  N N 104 
ALA CA   C  N S 105 
ALA C    C  N N 106 
ALA O    O  N N 107 
ALA CB   C  N N 108 
ALA OXT  O  N N 109 
ALA H    H  N N 110 
ALA H2   H  N N 111 
ALA HA   H  N N 112 
ALA HB1  H  N N 113 
ALA HB2  H  N N 114 
ALA HB3  H  N N 115 
ALA HXT  H  N N 116 
ARG N    N  N N 117 
ARG CA   C  N S 118 
ARG C    C  N N 119 
ARG O    O  N N 120 
ARG CB   C  N N 121 
ARG CG   C  N N 122 
ARG CD   C  N N 123 
ARG NE   N  N N 124 
ARG CZ   C  N N 125 
ARG NH1  N  N N 126 
ARG NH2  N  N N 127 
ARG OXT  O  N N 128 
ARG H    H  N N 129 
ARG H2   H  N N 130 
ARG HA   H  N N 131 
ARG HB2  H  N N 132 
ARG HB3  H  N N 133 
ARG HG2  H  N N 134 
ARG HG3  H  N N 135 
ARG HD2  H  N N 136 
ARG HD3  H  N N 137 
ARG HE   H  N N 138 
ARG HH11 H  N N 139 
ARG HH12 H  N N 140 
ARG HH21 H  N N 141 
ARG HH22 H  N N 142 
ARG HXT  H  N N 143 
ASN N    N  N N 144 
ASN CA   C  N S 145 
ASN C    C  N N 146 
ASN O    O  N N 147 
ASN CB   C  N N 148 
ASN CG   C  N N 149 
ASN OD1  O  N N 150 
ASN ND2  N  N N 151 
ASN OXT  O  N N 152 
ASN H    H  N N 153 
ASN H2   H  N N 154 
ASN HA   H  N N 155 
ASN HB2  H  N N 156 
ASN HB3  H  N N 157 
ASN HD21 H  N N 158 
ASN HD22 H  N N 159 
ASN HXT  H  N N 160 
ASP N    N  N N 161 
ASP CA   C  N S 162 
ASP C    C  N N 163 
ASP O    O  N N 164 
ASP CB   C  N N 165 
ASP CG   C  N N 166 
ASP OD1  O  N N 167 
ASP OD2  O  N N 168 
ASP OXT  O  N N 169 
ASP H    H  N N 170 
ASP H2   H  N N 171 
ASP HA   H  N N 172 
ASP HB2  H  N N 173 
ASP HB3  H  N N 174 
ASP HD2  H  N N 175 
ASP HXT  H  N N 176 
CYS N    N  N N 177 
CYS CA   C  N R 178 
CYS C    C  N N 179 
CYS O    O  N N 180 
CYS CB   C  N N 181 
CYS SG   S  N N 182 
CYS OXT  O  N N 183 
CYS H    H  N N 184 
CYS H2   H  N N 185 
CYS HA   H  N N 186 
CYS HB2  H  N N 187 
CYS HB3  H  N N 188 
CYS HG   H  N N 189 
CYS HXT  H  N N 190 
GLN N    N  N N 191 
GLN CA   C  N S 192 
GLN C    C  N N 193 
GLN O    O  N N 194 
GLN CB   C  N N 195 
GLN CG   C  N N 196 
GLN CD   C  N N 197 
GLN OE1  O  N N 198 
GLN NE2  N  N N 199 
GLN OXT  O  N N 200 
GLN H    H  N N 201 
GLN H2   H  N N 202 
GLN HA   H  N N 203 
GLN HB2  H  N N 204 
GLN HB3  H  N N 205 
GLN HG2  H  N N 206 
GLN HG3  H  N N 207 
GLN HE21 H  N N 208 
GLN HE22 H  N N 209 
GLN HXT  H  N N 210 
GLU N    N  N N 211 
GLU CA   C  N S 212 
GLU C    C  N N 213 
GLU O    O  N N 214 
GLU CB   C  N N 215 
GLU CG   C  N N 216 
GLU CD   C  N N 217 
GLU OE1  O  N N 218 
GLU OE2  O  N N 219 
GLU OXT  O  N N 220 
GLU H    H  N N 221 
GLU H2   H  N N 222 
GLU HA   H  N N 223 
GLU HB2  H  N N 224 
GLU HB3  H  N N 225 
GLU HG2  H  N N 226 
GLU HG3  H  N N 227 
GLU HE2  H  N N 228 
GLU HXT  H  N N 229 
GLY N    N  N N 230 
GLY CA   C  N N 231 
GLY C    C  N N 232 
GLY O    O  N N 233 
GLY OXT  O  N N 234 
GLY H    H  N N 235 
GLY H2   H  N N 236 
GLY HA2  H  N N 237 
GLY HA3  H  N N 238 
GLY HXT  H  N N 239 
HIS N    N  N N 240 
HIS CA   C  N S 241 
HIS C    C  N N 242 
HIS O    O  N N 243 
HIS CB   C  N N 244 
HIS CG   C  Y N 245 
HIS ND1  N  Y N 246 
HIS CD2  C  Y N 247 
HIS CE1  C  Y N 248 
HIS NE2  N  Y N 249 
HIS OXT  O  N N 250 
HIS H    H  N N 251 
HIS H2   H  N N 252 
HIS HA   H  N N 253 
HIS HB2  H  N N 254 
HIS HB3  H  N N 255 
HIS HD1  H  N N 256 
HIS HD2  H  N N 257 
HIS HE1  H  N N 258 
HIS HE2  H  N N 259 
HIS HXT  H  N N 260 
HOH O    O  N N 261 
HOH H1   H  N N 262 
HOH H2   H  N N 263 
ILE N    N  N N 264 
ILE CA   C  N S 265 
ILE C    C  N N 266 
ILE O    O  N N 267 
ILE CB   C  N S 268 
ILE CG1  C  N N 269 
ILE CG2  C  N N 270 
ILE CD1  C  N N 271 
ILE OXT  O  N N 272 
ILE H    H  N N 273 
ILE H2   H  N N 274 
ILE HA   H  N N 275 
ILE HB   H  N N 276 
ILE HG12 H  N N 277 
ILE HG13 H  N N 278 
ILE HG21 H  N N 279 
ILE HG22 H  N N 280 
ILE HG23 H  N N 281 
ILE HD11 H  N N 282 
ILE HD12 H  N N 283 
ILE HD13 H  N N 284 
ILE HXT  H  N N 285 
LEU N    N  N N 286 
LEU CA   C  N S 287 
LEU C    C  N N 288 
LEU O    O  N N 289 
LEU CB   C  N N 290 
LEU CG   C  N N 291 
LEU CD1  C  N N 292 
LEU CD2  C  N N 293 
LEU OXT  O  N N 294 
LEU H    H  N N 295 
LEU H2   H  N N 296 
LEU HA   H  N N 297 
LEU HB2  H  N N 298 
LEU HB3  H  N N 299 
LEU HG   H  N N 300 
LEU HD11 H  N N 301 
LEU HD12 H  N N 302 
LEU HD13 H  N N 303 
LEU HD21 H  N N 304 
LEU HD22 H  N N 305 
LEU HD23 H  N N 306 
LEU HXT  H  N N 307 
LYS N    N  N N 308 
LYS CA   C  N S 309 
LYS C    C  N N 310 
LYS O    O  N N 311 
LYS CB   C  N N 312 
LYS CG   C  N N 313 
LYS CD   C  N N 314 
LYS CE   C  N N 315 
LYS NZ   N  N N 316 
LYS OXT  O  N N 317 
LYS H    H  N N 318 
LYS H2   H  N N 319 
LYS HA   H  N N 320 
LYS HB2  H  N N 321 
LYS HB3  H  N N 322 
LYS HG2  H  N N 323 
LYS HG3  H  N N 324 
LYS HD2  H  N N 325 
LYS HD3  H  N N 326 
LYS HE2  H  N N 327 
LYS HE3  H  N N 328 
LYS HZ1  H  N N 329 
LYS HZ2  H  N N 330 
LYS HZ3  H  N N 331 
LYS HXT  H  N N 332 
MET N    N  N N 333 
MET CA   C  N S 334 
MET C    C  N N 335 
MET O    O  N N 336 
MET CB   C  N N 337 
MET CG   C  N N 338 
MET SD   S  N N 339 
MET CE   C  N N 340 
MET OXT  O  N N 341 
MET H    H  N N 342 
MET H2   H  N N 343 
MET HA   H  N N 344 
MET HB2  H  N N 345 
MET HB3  H  N N 346 
MET HG2  H  N N 347 
MET HG3  H  N N 348 
MET HE1  H  N N 349 
MET HE2  H  N N 350 
MET HE3  H  N N 351 
MET HXT  H  N N 352 
PHE N    N  N N 353 
PHE CA   C  N S 354 
PHE C    C  N N 355 
PHE O    O  N N 356 
PHE CB   C  N N 357 
PHE CG   C  Y N 358 
PHE CD1  C  Y N 359 
PHE CD2  C  Y N 360 
PHE CE1  C  Y N 361 
PHE CE2  C  Y N 362 
PHE CZ   C  Y N 363 
PHE OXT  O  N N 364 
PHE H    H  N N 365 
PHE H2   H  N N 366 
PHE HA   H  N N 367 
PHE HB2  H  N N 368 
PHE HB3  H  N N 369 
PHE HD1  H  N N 370 
PHE HD2  H  N N 371 
PHE HE1  H  N N 372 
PHE HE2  H  N N 373 
PHE HZ   H  N N 374 
PHE HXT  H  N N 375 
PRO N    N  N N 376 
PRO CA   C  N S 377 
PRO C    C  N N 378 
PRO O    O  N N 379 
PRO CB   C  N N 380 
PRO CG   C  N N 381 
PRO CD   C  N N 382 
PRO OXT  O  N N 383 
PRO H    H  N N 384 
PRO HA   H  N N 385 
PRO HB2  H  N N 386 
PRO HB3  H  N N 387 
PRO HG2  H  N N 388 
PRO HG3  H  N N 389 
PRO HD2  H  N N 390 
PRO HD3  H  N N 391 
PRO HXT  H  N N 392 
SER N    N  N N 393 
SER CA   C  N S 394 
SER C    C  N N 395 
SER O    O  N N 396 
SER CB   C  N N 397 
SER OG   O  N N 398 
SER OXT  O  N N 399 
SER H    H  N N 400 
SER H2   H  N N 401 
SER HA   H  N N 402 
SER HB2  H  N N 403 
SER HB3  H  N N 404 
SER HG   H  N N 405 
SER HXT  H  N N 406 
THR N    N  N N 407 
THR CA   C  N S 408 
THR C    C  N N 409 
THR O    O  N N 410 
THR CB   C  N R 411 
THR OG1  O  N N 412 
THR CG2  C  N N 413 
THR OXT  O  N N 414 
THR H    H  N N 415 
THR H2   H  N N 416 
THR HA   H  N N 417 
THR HB   H  N N 418 
THR HG1  H  N N 419 
THR HG21 H  N N 420 
THR HG22 H  N N 421 
THR HG23 H  N N 422 
THR HXT  H  N N 423 
TRP N    N  N N 424 
TRP CA   C  N S 425 
TRP C    C  N N 426 
TRP O    O  N N 427 
TRP CB   C  N N 428 
TRP CG   C  Y N 429 
TRP CD1  C  Y N 430 
TRP CD2  C  Y N 431 
TRP NE1  N  Y N 432 
TRP CE2  C  Y N 433 
TRP CE3  C  Y N 434 
TRP CZ2  C  Y N 435 
TRP CZ3  C  Y N 436 
TRP CH2  C  Y N 437 
TRP OXT  O  N N 438 
TRP H    H  N N 439 
TRP H2   H  N N 440 
TRP HA   H  N N 441 
TRP HB2  H  N N 442 
TRP HB3  H  N N 443 
TRP HD1  H  N N 444 
TRP HE1  H  N N 445 
TRP HE3  H  N N 446 
TRP HZ2  H  N N 447 
TRP HZ3  H  N N 448 
TRP HH2  H  N N 449 
TRP HXT  H  N N 450 
TYR N    N  N N 451 
TYR CA   C  N S 452 
TYR C    C  N N 453 
TYR O    O  N N 454 
TYR CB   C  N N 455 
TYR CG   C  Y N 456 
TYR CD1  C  Y N 457 
TYR CD2  C  Y N 458 
TYR CE1  C  Y N 459 
TYR CE2  C  Y N 460 
TYR CZ   C  Y N 461 
TYR OH   O  N N 462 
TYR OXT  O  N N 463 
TYR H    H  N N 464 
TYR H2   H  N N 465 
TYR HA   H  N N 466 
TYR HB2  H  N N 467 
TYR HB3  H  N N 468 
TYR HD1  H  N N 469 
TYR HD2  H  N N 470 
TYR HE1  H  N N 471 
TYR HE2  H  N N 472 
TYR HH   H  N N 473 
TYR HXT  H  N N 474 
VAL N    N  N N 475 
VAL CA   C  N S 476 
VAL C    C  N N 477 
VAL O    O  N N 478 
VAL CB   C  N N 479 
VAL CG1  C  N N 480 
VAL CG2  C  N N 481 
VAL OXT  O  N N 482 
VAL H    H  N N 483 
VAL H2   H  N N 484 
VAL HA   H  N N 485 
VAL HB   H  N N 486 
VAL HG11 H  N N 487 
VAL HG12 H  N N 488 
VAL HG13 H  N N 489 
VAL HG21 H  N N 490 
VAL HG22 H  N N 491 
VAL HG23 H  N N 492 
VAL HXT  H  N N 493 
# 
loop_
_chem_comp_bond.comp_id 
_chem_comp_bond.atom_id_1 
_chem_comp_bond.atom_id_2 
_chem_comp_bond.value_order 
_chem_comp_bond.pdbx_aromatic_flag 
_chem_comp_bond.pdbx_stereo_config 
_chem_comp_bond.pdbx_ordinal 
1E9 O3  S3   doub N N 1   
1E9 C23 C24  doub Y N 2   
1E9 C23 C22  sing Y N 3   
1E9 C24 C19  sing Y N 4   
1E9 C34 C35  sing N N 5   
1E9 C34 N4   sing N N 6   
1E9 S3  N5   sing N N 7   
1E9 S3  C41  sing N N 8   
1E9 S3  O4   doub N N 9   
1E9 O2  S2   doub N N 10  
1E9 C37 C41  doub Y N 11  
1E9 C37 C36  sing Y N 12  
1E9 N5  C42  doub N N 13  
1E9 C41 C40  sing Y N 14  
1E9 N3  C35  sing N N 15  
1E9 N3  C31  sing N N 16  
1E9 N3  C32  sing N N 17  
1E9 C31 C22  sing N N 18  
1E9 C36 N4   sing N N 19  
1E9 C36 C39  doub Y N 20  
1E9 N4  C33  sing N N 21  
1E9 C42 C40  sing N N 22  
1E9 C42 N6   sing N N 23  
1E9 C40 C38  doub Y N 24  
1E9 C22 C21  doub Y N 25  
1E9 C19 C20  doub Y N 26  
1E9 C33 C32  sing N N 27  
1E9 N6  S2   sing N N 28  
1E9 C39 C38  sing Y N 29  
1E9 S2  O1   doub N N 30  
1E9 S2  C14  sing N N 31  
1E9 C21 C20  sing Y N 32  
1E9 C21 C25  sing N N 33  
1E9 C13 C14  doub Y N 34  
1E9 C13 C18  sing Y N 35  
1E9 C14 C15  sing Y N 36  
1E9 C25 C26  doub Y N 37  
1E9 C25 C30  sing Y N 38  
1E9 C26 C27  sing Y N 39  
1E9 C18 C17  doub Y N 40  
1E9 C11 C12  doub Y N 41  
1E9 C11 C10  sing Y N 42  
1E9 C15 C16  doub Y N 43  
1E9 C12 C5   sing Y N 44  
1E9 C30 C29  doub Y N 45  
1E9 C27 C28  doub Y N 46  
1E9 C10 C9   doub Y N 47  
1E9 C17 C16  sing Y N 48  
1E9 C17 N2   sing N N 49  
1E9 C4  C2   sing N N 50  
1E9 C4  S1   sing N N 51  
1E9 C16 N7   sing N N 52  
1E9 C5  S1   sing N N 53  
1E9 C5  C8   doub Y N 54  
1E9 C29 C28  sing Y N 55  
1E9 C2  N2   sing N N 56  
1E9 C2  C1   sing N N 57  
1E9 C28 CL1  sing N N 58  
1E9 C9  C8   sing Y N 59  
1E9 N7  O6   sing N N 60  
1E9 N7  O5   doub N N 61  
1E9 C1  C3   sing N N 62  
1E9 C3  N1   sing N N 63  
1E9 C7  N1   sing N N 64  
1E9 N1  C6   sing N N 65  
1E9 C1  H1   sing N N 66  
1E9 C1  H2   sing N N 67  
1E9 C2  H3   sing N N 68  
1E9 C3  H4   sing N N 69  
1E9 C3  H5   sing N N 70  
1E9 C4  H6   sing N N 71  
1E9 C4  H7   sing N N 72  
1E9 C6  H9   sing N N 73  
1E9 C6  H10  sing N N 74  
1E9 C6  H11  sing N N 75  
1E9 C7  H12  sing N N 76  
1E9 C7  H13  sing N N 77  
1E9 C7  H14  sing N N 78  
1E9 C8  H15  sing N N 79  
1E9 C9  H16  sing N N 80  
1E9 C10 H17  sing N N 81  
1E9 C11 H18  sing N N 82  
1E9 C12 H19  sing N N 83  
1E9 N2  H20  sing N N 84  
1E9 C13 H21  sing N N 85  
1E9 C15 H22  sing N N 86  
1E9 C18 H23  sing N N 87  
1E9 C19 H24  sing N N 88  
1E9 C20 H25  sing N N 89  
1E9 C23 H26  sing N N 90  
1E9 C24 H27  sing N N 91  
1E9 C26 H28  sing N N 92  
1E9 C27 H29  sing N N 93  
1E9 C29 H30  sing N N 94  
1E9 C30 H31  sing N N 95  
1E9 C31 H32  sing N N 96  
1E9 C31 H33  sing N N 97  
1E9 C32 H35  sing N N 98  
1E9 C32 H36  sing N N 99  
1E9 C33 H37  sing N N 100 
1E9 C33 H38  sing N N 101 
1E9 C34 H39  sing N N 102 
1E9 C34 H40  sing N N 103 
1E9 C35 H41  sing N N 104 
1E9 C35 H42  sing N N 105 
1E9 C37 H43  sing N N 106 
1E9 C38 H44  sing N N 107 
1E9 C39 H45  sing N N 108 
1E9 N6  H46  sing N N 109 
ALA N   CA   sing N N 110 
ALA N   H    sing N N 111 
ALA N   H2   sing N N 112 
ALA CA  C    sing N N 113 
ALA CA  CB   sing N N 114 
ALA CA  HA   sing N N 115 
ALA C   O    doub N N 116 
ALA C   OXT  sing N N 117 
ALA CB  HB1  sing N N 118 
ALA CB  HB2  sing N N 119 
ALA CB  HB3  sing N N 120 
ALA OXT HXT  sing N N 121 
ARG N   CA   sing N N 122 
ARG N   H    sing N N 123 
ARG N   H2   sing N N 124 
ARG CA  C    sing N N 125 
ARG CA  CB   sing N N 126 
ARG CA  HA   sing N N 127 
ARG C   O    doub N N 128 
ARG C   OXT  sing N N 129 
ARG CB  CG   sing N N 130 
ARG CB  HB2  sing N N 131 
ARG CB  HB3  sing N N 132 
ARG CG  CD   sing N N 133 
ARG CG  HG2  sing N N 134 
ARG CG  HG3  sing N N 135 
ARG CD  NE   sing N N 136 
ARG CD  HD2  sing N N 137 
ARG CD  HD3  sing N N 138 
ARG NE  CZ   sing N N 139 
ARG NE  HE   sing N N 140 
ARG CZ  NH1  sing N N 141 
ARG CZ  NH2  doub N N 142 
ARG NH1 HH11 sing N N 143 
ARG NH1 HH12 sing N N 144 
ARG NH2 HH21 sing N N 145 
ARG NH2 HH22 sing N N 146 
ARG OXT HXT  sing N N 147 
ASN N   CA   sing N N 148 
ASN N   H    sing N N 149 
ASN N   H2   sing N N 150 
ASN CA  C    sing N N 151 
ASN CA  CB   sing N N 152 
ASN CA  HA   sing N N 153 
ASN C   O    doub N N 154 
ASN C   OXT  sing N N 155 
ASN CB  CG   sing N N 156 
ASN CB  HB2  sing N N 157 
ASN CB  HB3  sing N N 158 
ASN CG  OD1  doub N N 159 
ASN CG  ND2  sing N N 160 
ASN ND2 HD21 sing N N 161 
ASN ND2 HD22 sing N N 162 
ASN OXT HXT  sing N N 163 
ASP N   CA   sing N N 164 
ASP N   H    sing N N 165 
ASP N   H2   sing N N 166 
ASP CA  C    sing N N 167 
ASP CA  CB   sing N N 168 
ASP CA  HA   sing N N 169 
ASP C   O    doub N N 170 
ASP C   OXT  sing N N 171 
ASP CB  CG   sing N N 172 
ASP CB  HB2  sing N N 173 
ASP CB  HB3  sing N N 174 
ASP CG  OD1  doub N N 175 
ASP CG  OD2  sing N N 176 
ASP OD2 HD2  sing N N 177 
ASP OXT HXT  sing N N 178 
CYS N   CA   sing N N 179 
CYS N   H    sing N N 180 
CYS N   H2   sing N N 181 
CYS CA  C    sing N N 182 
CYS CA  CB   sing N N 183 
CYS CA  HA   sing N N 184 
CYS C   O    doub N N 185 
CYS C   OXT  sing N N 186 
CYS CB  SG   sing N N 187 
CYS CB  HB2  sing N N 188 
CYS CB  HB3  sing N N 189 
CYS SG  HG   sing N N 190 
CYS OXT HXT  sing N N 191 
GLN N   CA   sing N N 192 
GLN N   H    sing N N 193 
GLN N   H2   sing N N 194 
GLN CA  C    sing N N 195 
GLN CA  CB   sing N N 196 
GLN CA  HA   sing N N 197 
GLN C   O    doub N N 198 
GLN C   OXT  sing N N 199 
GLN CB  CG   sing N N 200 
GLN CB  HB2  sing N N 201 
GLN CB  HB3  sing N N 202 
GLN CG  CD   sing N N 203 
GLN CG  HG2  sing N N 204 
GLN CG  HG3  sing N N 205 
GLN CD  OE1  doub N N 206 
GLN CD  NE2  sing N N 207 
GLN NE2 HE21 sing N N 208 
GLN NE2 HE22 sing N N 209 
GLN OXT HXT  sing N N 210 
GLU N   CA   sing N N 211 
GLU N   H    sing N N 212 
GLU N   H2   sing N N 213 
GLU CA  C    sing N N 214 
GLU CA  CB   sing N N 215 
GLU CA  HA   sing N N 216 
GLU C   O    doub N N 217 
GLU C   OXT  sing N N 218 
GLU CB  CG   sing N N 219 
GLU CB  HB2  sing N N 220 
GLU CB  HB3  sing N N 221 
GLU CG  CD   sing N N 222 
GLU CG  HG2  sing N N 223 
GLU CG  HG3  sing N N 224 
GLU CD  OE1  doub N N 225 
GLU CD  OE2  sing N N 226 
GLU OE2 HE2  sing N N 227 
GLU OXT HXT  sing N N 228 
GLY N   CA   sing N N 229 
GLY N   H    sing N N 230 
GLY N   H2   sing N N 231 
GLY CA  C    sing N N 232 
GLY CA  HA2  sing N N 233 
GLY CA  HA3  sing N N 234 
GLY C   O    doub N N 235 
GLY C   OXT  sing N N 236 
GLY OXT HXT  sing N N 237 
HIS N   CA   sing N N 238 
HIS N   H    sing N N 239 
HIS N   H2   sing N N 240 
HIS CA  C    sing N N 241 
HIS CA  CB   sing N N 242 
HIS CA  HA   sing N N 243 
HIS C   O    doub N N 244 
HIS C   OXT  sing N N 245 
HIS CB  CG   sing N N 246 
HIS CB  HB2  sing N N 247 
HIS CB  HB3  sing N N 248 
HIS CG  ND1  sing Y N 249 
HIS CG  CD2  doub Y N 250 
HIS ND1 CE1  doub Y N 251 
HIS ND1 HD1  sing N N 252 
HIS CD2 NE2  sing Y N 253 
HIS CD2 HD2  sing N N 254 
HIS CE1 NE2  sing Y N 255 
HIS CE1 HE1  sing N N 256 
HIS NE2 HE2  sing N N 257 
HIS OXT HXT  sing N N 258 
HOH O   H1   sing N N 259 
HOH O   H2   sing N N 260 
ILE N   CA   sing N N 261 
ILE N   H    sing N N 262 
ILE N   H2   sing N N 263 
ILE CA  C    sing N N 264 
ILE CA  CB   sing N N 265 
ILE CA  HA   sing N N 266 
ILE C   O    doub N N 267 
ILE C   OXT  sing N N 268 
ILE CB  CG1  sing N N 269 
ILE CB  CG2  sing N N 270 
ILE CB  HB   sing N N 271 
ILE CG1 CD1  sing N N 272 
ILE CG1 HG12 sing N N 273 
ILE CG1 HG13 sing N N 274 
ILE CG2 HG21 sing N N 275 
ILE CG2 HG22 sing N N 276 
ILE CG2 HG23 sing N N 277 
ILE CD1 HD11 sing N N 278 
ILE CD1 HD12 sing N N 279 
ILE CD1 HD13 sing N N 280 
ILE OXT HXT  sing N N 281 
LEU N   CA   sing N N 282 
LEU N   H    sing N N 283 
LEU N   H2   sing N N 284 
LEU CA  C    sing N N 285 
LEU CA  CB   sing N N 286 
LEU CA  HA   sing N N 287 
LEU C   O    doub N N 288 
LEU C   OXT  sing N N 289 
LEU CB  CG   sing N N 290 
LEU CB  HB2  sing N N 291 
LEU CB  HB3  sing N N 292 
LEU CG  CD1  sing N N 293 
LEU CG  CD2  sing N N 294 
LEU CG  HG   sing N N 295 
LEU CD1 HD11 sing N N 296 
LEU CD1 HD12 sing N N 297 
LEU CD1 HD13 sing N N 298 
LEU CD2 HD21 sing N N 299 
LEU CD2 HD22 sing N N 300 
LEU CD2 HD23 sing N N 301 
LEU OXT HXT  sing N N 302 
LYS N   CA   sing N N 303 
LYS N   H    sing N N 304 
LYS N   H2   sing N N 305 
LYS CA  C    sing N N 306 
LYS CA  CB   sing N N 307 
LYS CA  HA   sing N N 308 
LYS C   O    doub N N 309 
LYS C   OXT  sing N N 310 
LYS CB  CG   sing N N 311 
LYS CB  HB2  sing N N 312 
LYS CB  HB3  sing N N 313 
LYS CG  CD   sing N N 314 
LYS CG  HG2  sing N N 315 
LYS CG  HG3  sing N N 316 
LYS CD  CE   sing N N 317 
LYS CD  HD2  sing N N 318 
LYS CD  HD3  sing N N 319 
LYS CE  NZ   sing N N 320 
LYS CE  HE2  sing N N 321 
LYS CE  HE3  sing N N 322 
LYS NZ  HZ1  sing N N 323 
LYS NZ  HZ2  sing N N 324 
LYS NZ  HZ3  sing N N 325 
LYS OXT HXT  sing N N 326 
MET N   CA   sing N N 327 
MET N   H    sing N N 328 
MET N   H2   sing N N 329 
MET CA  C    sing N N 330 
MET CA  CB   sing N N 331 
MET CA  HA   sing N N 332 
MET C   O    doub N N 333 
MET C   OXT  sing N N 334 
MET CB  CG   sing N N 335 
MET CB  HB2  sing N N 336 
MET CB  HB3  sing N N 337 
MET CG  SD   sing N N 338 
MET CG  HG2  sing N N 339 
MET CG  HG3  sing N N 340 
MET SD  CE   sing N N 341 
MET CE  HE1  sing N N 342 
MET CE  HE2  sing N N 343 
MET CE  HE3  sing N N 344 
MET OXT HXT  sing N N 345 
PHE N   CA   sing N N 346 
PHE N   H    sing N N 347 
PHE N   H2   sing N N 348 
PHE CA  C    sing N N 349 
PHE CA  CB   sing N N 350 
PHE CA  HA   sing N N 351 
PHE C   O    doub N N 352 
PHE C   OXT  sing N N 353 
PHE CB  CG   sing N N 354 
PHE CB  HB2  sing N N 355 
PHE CB  HB3  sing N N 356 
PHE CG  CD1  doub Y N 357 
PHE CG  CD2  sing Y N 358 
PHE CD1 CE1  sing Y N 359 
PHE CD1 HD1  sing N N 360 
PHE CD2 CE2  doub Y N 361 
PHE CD2 HD2  sing N N 362 
PHE CE1 CZ   doub Y N 363 
PHE CE1 HE1  sing N N 364 
PHE CE2 CZ   sing Y N 365 
PHE CE2 HE2  sing N N 366 
PHE CZ  HZ   sing N N 367 
PHE OXT HXT  sing N N 368 
PRO N   CA   sing N N 369 
PRO N   CD   sing N N 370 
PRO N   H    sing N N 371 
PRO CA  C    sing N N 372 
PRO CA  CB   sing N N 373 
PRO CA  HA   sing N N 374 
PRO C   O    doub N N 375 
PRO C   OXT  sing N N 376 
PRO CB  CG   sing N N 377 
PRO CB  HB2  sing N N 378 
PRO CB  HB3  sing N N 379 
PRO CG  CD   sing N N 380 
PRO CG  HG2  sing N N 381 
PRO CG  HG3  sing N N 382 
PRO CD  HD2  sing N N 383 
PRO CD  HD3  sing N N 384 
PRO OXT HXT  sing N N 385 
SER N   CA   sing N N 386 
SER N   H    sing N N 387 
SER N   H2   sing N N 388 
SER CA  C    sing N N 389 
SER CA  CB   sing N N 390 
SER CA  HA   sing N N 391 
SER C   O    doub N N 392 
SER C   OXT  sing N N 393 
SER CB  OG   sing N N 394 
SER CB  HB2  sing N N 395 
SER CB  HB3  sing N N 396 
SER OG  HG   sing N N 397 
SER OXT HXT  sing N N 398 
THR N   CA   sing N N 399 
THR N   H    sing N N 400 
THR N   H2   sing N N 401 
THR CA  C    sing N N 402 
THR CA  CB   sing N N 403 
THR CA  HA   sing N N 404 
THR C   O    doub N N 405 
THR C   OXT  sing N N 406 
THR CB  OG1  sing N N 407 
THR CB  CG2  sing N N 408 
THR CB  HB   sing N N 409 
THR OG1 HG1  sing N N 410 
THR CG2 HG21 sing N N 411 
THR CG2 HG22 sing N N 412 
THR CG2 HG23 sing N N 413 
THR OXT HXT  sing N N 414 
TRP N   CA   sing N N 415 
TRP N   H    sing N N 416 
TRP N   H2   sing N N 417 
TRP CA  C    sing N N 418 
TRP CA  CB   sing N N 419 
TRP CA  HA   sing N N 420 
TRP C   O    doub N N 421 
TRP C   OXT  sing N N 422 
TRP CB  CG   sing N N 423 
TRP CB  HB2  sing N N 424 
TRP CB  HB3  sing N N 425 
TRP CG  CD1  doub Y N 426 
TRP CG  CD2  sing Y N 427 
TRP CD1 NE1  sing Y N 428 
TRP CD1 HD1  sing N N 429 
TRP CD2 CE2  doub Y N 430 
TRP CD2 CE3  sing Y N 431 
TRP NE1 CE2  sing Y N 432 
TRP NE1 HE1  sing N N 433 
TRP CE2 CZ2  sing Y N 434 
TRP CE3 CZ3  doub Y N 435 
TRP CE3 HE3  sing N N 436 
TRP CZ2 CH2  doub Y N 437 
TRP CZ2 HZ2  sing N N 438 
TRP CZ3 CH2  sing Y N 439 
TRP CZ3 HZ3  sing N N 440 
TRP CH2 HH2  sing N N 441 
TRP OXT HXT  sing N N 442 
TYR N   CA   sing N N 443 
TYR N   H    sing N N 444 
TYR N   H2   sing N N 445 
TYR CA  C    sing N N 446 
TYR CA  CB   sing N N 447 
TYR CA  HA   sing N N 448 
TYR C   O    doub N N 449 
TYR C   OXT  sing N N 450 
TYR CB  CG   sing N N 451 
TYR CB  HB2  sing N N 452 
TYR CB  HB3  sing N N 453 
TYR CG  CD1  doub Y N 454 
TYR CG  CD2  sing Y N 455 
TYR CD1 CE1  sing Y N 456 
TYR CD1 HD1  sing N N 457 
TYR CD2 CE2  doub Y N 458 
TYR CD2 HD2  sing N N 459 
TYR CE1 CZ   doub Y N 460 
TYR CE1 HE1  sing N N 461 
TYR CE2 CZ   sing Y N 462 
TYR CE2 HE2  sing N N 463 
TYR CZ  OH   sing N N 464 
TYR OH  HH   sing N N 465 
TYR OXT HXT  sing N N 466 
VAL N   CA   sing N N 467 
VAL N   H    sing N N 468 
VAL N   H2   sing N N 469 
VAL CA  C    sing N N 470 
VAL CA  CB   sing N N 471 
VAL CA  HA   sing N N 472 
VAL C   O    doub N N 473 
VAL C   OXT  sing N N 474 
VAL CB  CG1  sing N N 475 
VAL CB  CG2  sing N N 476 
VAL CB  HB   sing N N 477 
VAL CG1 HG11 sing N N 478 
VAL CG1 HG12 sing N N 479 
VAL CG1 HG13 sing N N 480 
VAL CG2 HG21 sing N N 481 
VAL CG2 HG22 sing N N 482 
VAL CG2 HG23 sing N N 483 
VAL OXT HXT  sing N N 484 
# 
_atom_sites.entry_id                    4IEH 
_atom_sites.fract_transf_matrix[1][1]   -0.00273293 
_atom_sites.fract_transf_matrix[1][2]   0.01246667 
_atom_sites.fract_transf_matrix[1][3]   -0.00469822 
_atom_sites.fract_transf_matrix[2][1]   0.01293246 
_atom_sites.fract_transf_matrix[2][2]   0.00133034 
_atom_sites.fract_transf_matrix[2][3]   -0.00399271 
_atom_sites.fract_transf_matrix[3][1]   -0.00244596 
_atom_sites.fract_transf_matrix[3][2]   -0.00402764 
_atom_sites.fract_transf_matrix[3][3]   -0.00926448 
_atom_sites.fract_transf_vector[1]      0.085571 
_atom_sites.fract_transf_vector[2]      0.266998 
_atom_sites.fract_transf_vector[3]      0.205112 
# 
loop_
_atom_type.symbol 
C  
CL 
N  
O  
S  
# 
loop_
_atom_site.group_PDB 
_atom_site.id 
_atom_site.type_symbol 
_atom_site.label_atom_id 
_atom_site.label_alt_id 
_atom_site.label_comp_id 
_atom_site.label_asym_id 
_atom_site.label_entity_id 
_atom_site.label_seq_id 
_atom_site.pdbx_PDB_ins_code 
_atom_site.Cartn_x 
_atom_site.Cartn_y 
_atom_site.Cartn_z 
_atom_site.occupancy 
_atom_site.B_iso_or_equiv 
_atom_site.pdbx_formal_charge 
_atom_site.auth_seq_id 
_atom_site.auth_comp_id 
_atom_site.auth_asym_id 
_atom_site.auth_atom_id 
_atom_site.pdbx_PDB_model_num 
ATOM   1    N  N   . TYR A 1 12  ? -13.414 7.965   -5.894  1.00 54.20 ? 9   TYR A N   1 
ATOM   2    C  CA  . TYR A 1 12  ? -12.700 6.980   -6.704  1.00 50.01 ? 9   TYR A CA  1 
ATOM   3    C  C   . TYR A 1 12  ? -12.923 5.562   -6.184  1.00 48.90 ? 9   TYR A C   1 
ATOM   4    O  O   . TYR A 1 12  ? -13.279 5.365   -5.022  1.00 52.23 ? 9   TYR A O   1 
ATOM   5    C  CB  . TYR A 1 12  ? -11.205 7.309   -6.758  1.00 42.58 ? 9   TYR A CB  1 
ATOM   6    C  CG  . TYR A 1 12  ? -10.916 8.598   -7.488  1.00 44.88 ? 9   TYR A CG  1 
ATOM   7    C  CD1 . TYR A 1 12  ? -10.887 8.637   -8.877  1.00 50.24 ? 9   TYR A CD1 1 
ATOM   8    C  CD2 . TYR A 1 12  ? -10.700 9.780   -6.793  1.00 42.55 ? 9   TYR A CD2 1 
ATOM   9    C  CE1 . TYR A 1 12  ? -10.638 9.818   -9.557  1.00 50.63 ? 9   TYR A CE1 1 
ATOM   10   C  CE2 . TYR A 1 12  ? -10.448 10.968  -7.463  1.00 45.00 ? 9   TYR A CE2 1 
ATOM   11   C  CZ  . TYR A 1 12  ? -10.418 10.981  -8.846  1.00 50.86 ? 9   TYR A CZ  1 
ATOM   12   O  OH  . TYR A 1 12  ? -10.172 12.159  -9.524  1.00 48.40 ? 9   TYR A OH  1 
ATOM   13   N  N   . ASP A 1 13  ? -12.728 4.576   -7.054  1.00 43.95 ? 10  ASP A N   1 
ATOM   14   C  CA  . ASP A 1 13  ? -12.903 3.179   -6.662  1.00 40.73 ? 10  ASP A CA  1 
ATOM   15   C  C   . ASP A 1 13  ? -11.643 2.644   -5.970  1.00 40.47 ? 10  ASP A C   1 
ATOM   16   O  O   . ASP A 1 13  ? -10.583 2.504   -6.589  1.00 31.23 ? 10  ASP A O   1 
ATOM   17   C  CB  . ASP A 1 13  ? -13.253 2.323   -7.878  1.00 42.27 ? 10  ASP A CB  1 
ATOM   18   C  CG  . ASP A 1 13  ? -13.265 0.841   -7.562  1.00 43.05 ? 10  ASP A CG  1 
ATOM   19   O  OD1 . ASP A 1 13  ? -13.169 0.038   -8.507  1.00 48.72 ? 10  ASP A OD1 1 
ATOM   20   O  OD2 . ASP A 1 13  ? -13.364 0.474   -6.375  1.00 47.27 ? 10  ASP A OD2 1 
ATOM   21   N  N   . ASN A 1 14  ? -11.770 2.351   -4.681  1.00 37.59 ? 11  ASN A N   1 
ATOM   22   C  CA  . ASN A 1 14  ? -10.637 1.917   -3.880  1.00 38.79 ? 11  ASN A CA  1 
ATOM   23   C  C   . ASN A 1 14  ? -10.051 0.593   -4.325  1.00 32.82 ? 11  ASN A C   1 
ATOM   24   O  O   . ASN A 1 14  ? -8.835  0.438   -4.359  1.00 31.11 ? 11  ASN A O   1 
ATOM   25   C  CB  . ASN A 1 14  ? -11.015 1.861   -2.404  1.00 35.36 ? 11  ASN A CB  1 
ATOM   26   C  CG  . ASN A 1 14  ? -11.183 3.240   -1.810  1.00 39.11 ? 11  ASN A CG  1 
ATOM   27   O  OD1 . ASN A 1 14  ? -10.518 4.189   -2.227  1.00 39.64 ? 11  ASN A OD1 1 
ATOM   28   N  ND2 . ASN A 1 14  ? -12.078 3.363   -0.836  1.00 35.48 ? 11  ASN A ND2 1 
ATOM   29   N  N   . ARG A 1 15  ? -10.914 -0.359  -4.668  1.00 32.44 ? 12  ARG A N   1 
ATOM   30   C  CA  . ARG A 1 15  ? -10.446 -1.670  -5.101  1.00 32.22 ? 12  ARG A CA  1 
ATOM   31   C  C   . ARG A 1 15  ? -9.500  -1.522  -6.277  1.00 29.11 ? 12  ARG A C   1 
ATOM   32   O  O   . ARG A 1 15  ? -8.439  -2.146  -6.316  1.00 27.13 ? 12  ARG A O   1 
ATOM   33   C  CB  . ARG A 1 15  ? -11.612 -2.580  -5.488  1.00 36.67 ? 12  ARG A CB  1 
ATOM   34   C  CG  . ARG A 1 15  ? -11.153 -3.866  -6.138  1.00 41.36 ? 12  ARG A CG  1 
ATOM   35   C  CD  . ARG A 1 15  ? -12.279 -4.878  -6.267  1.00 51.74 ? 12  ARG A CD  1 
ATOM   36   N  NE  . ARG A 1 15  ? -11.777 -6.150  -6.779  1.00 57.66 ? 12  ARG A NE  1 
ATOM   37   C  CZ  . ARG A 1 15  ? -11.822 -6.515  -8.056  1.00 66.03 ? 12  ARG A CZ  1 
ATOM   38   N  NH1 . ARG A 1 15  ? -11.333 -7.691  -8.429  1.00 70.26 ? 12  ARG A NH1 1 
ATOM   39   N  NH2 . ARG A 1 15  ? -12.364 -5.709  -8.960  1.00 65.24 ? 12  ARG A NH2 1 
ATOM   40   N  N   . GLU A 1 16  ? -9.894  -0.682  -7.226  1.00 26.31 ? 13  GLU A N   1 
ATOM   41   C  CA  . GLU A 1 16  ? -9.085  -0.400  -8.399  1.00 30.77 ? 13  GLU A CA  1 
ATOM   42   C  C   . GLU A 1 16  ? -7.766  0.268   -8.024  1.00 26.40 ? 13  GLU A C   1 
ATOM   43   O  O   . GLU A 1 16  ? -6.726  -0.076  -8.574  1.00 24.11 ? 13  GLU A O   1 
ATOM   44   C  CB  . GLU A 1 16  ? -9.854  0.477   -9.389  1.00 29.71 ? 13  GLU A CB  1 
ATOM   45   C  CG  . GLU A 1 16  ? -9.180  0.597   -10.744 1.00 41.51 ? 13  GLU A CG  1 
ATOM   46   C  CD  . GLU A 1 16  ? -9.825  1.644   -11.640 1.00 51.52 ? 13  GLU A CD  1 
ATOM   47   O  OE1 . GLU A 1 16  ? -9.099  2.259   -12.454 1.00 52.35 ? 13  GLU A OE1 1 
ATOM   48   O  OE2 . GLU A 1 16  ? -11.052 1.860   -11.527 1.00 55.97 ? 13  GLU A OE2 1 
ATOM   49   N  N   . ILE A 1 17  ? -7.804  1.227   -7.101  1.00 24.37 ? 14  ILE A N   1 
ATOM   50   C  CA  . ILE A 1 17  ? -6.572  1.901   -6.703  1.00 25.68 ? 14  ILE A CA  1 
ATOM   51   C  C   . ILE A 1 17  ? -5.584  0.879   -6.136  1.00 21.82 ? 14  ILE A C   1 
ATOM   52   O  O   . ILE A 1 17  ? -4.399  0.912   -6.447  1.00 22.38 ? 14  ILE A O   1 
ATOM   53   C  CB  . ILE A 1 17  ? -6.806  3.013   -5.663  1.00 24.63 ? 14  ILE A CB  1 
ATOM   54   C  CG1 . ILE A 1 17  ? -7.637  4.146   -6.264  1.00 31.03 ? 14  ILE A CG1 1 
ATOM   55   C  CG2 . ILE A 1 17  ? -5.475  3.590   -5.179  1.00 22.67 ? 14  ILE A CG2 1 
ATOM   56   C  CD1 . ILE A 1 17  ? -7.923  5.277   -5.277  1.00 32.18 ? 14  ILE A CD1 1 
ATOM   57   N  N   . VAL A 1 18  ? -6.095  -0.028  -5.310  1.00 22.00 ? 15  VAL A N   1 
ATOM   58   C  CA  . VAL A 1 18  ? -5.284  -1.061  -4.680  1.00 23.25 ? 15  VAL A CA  1 
ATOM   59   C  C   . VAL A 1 18  ? -4.709  -2.052  -5.695  1.00 23.27 ? 15  VAL A C   1 
ATOM   60   O  O   . VAL A 1 18  ? -3.509  -2.323  -5.687  1.00 19.28 ? 15  VAL A O   1 
ATOM   61   C  CB  . VAL A 1 18  ? -6.095  -1.809  -3.600  1.00 20.97 ? 15  VAL A CB  1 
ATOM   62   C  CG1 . VAL A 1 18  ? -5.420  -3.127  -3.204  1.00 19.33 ? 15  VAL A CG1 1 
ATOM   63   C  CG2 . VAL A 1 18  ? -6.278  -0.920  -2.377  1.00 19.27 ? 15  VAL A CG2 1 
ATOM   64   N  N   . MET A 1 19  ? -5.561  -2.591  -6.563  1.00 20.58 ? 16  MET A N   1 
ATOM   65   C  CA  . MET A 1 19  ? -5.120  -3.583  -7.542  1.00 24.46 ? 16  MET A CA  1 
ATOM   66   C  C   . MET A 1 19  ? -4.063  -3.014  -8.465  1.00 23.62 ? 16  MET A C   1 
ATOM   67   O  O   . MET A 1 19  ? -3.062  -3.674  -8.746  1.00 23.16 ? 16  MET A O   1 
ATOM   68   C  CB  . MET A 1 19  ? -6.294  -4.107  -8.372  1.00 26.92 ? 16  MET A CB  1 
ATOM   69   C  CG  . MET A 1 19  ? -7.446  -4.654  -7.542  1.00 32.50 ? 16  MET A CG  1 
ATOM   70   S  SD  . MET A 1 19  ? -7.033  -6.130  -6.590  1.00 49.96 ? 16  MET A SD  1 
ATOM   71   C  CE  . MET A 1 19  ? -8.171  -5.921  -5.218  1.00 43.92 ? 16  MET A CE  1 
ATOM   72   N  N   . LYS A 1 20  ? -4.275  -1.790  -8.940  1.00 22.76 ? 17  LYS A N   1 
ATOM   73   C  CA  . LYS A 1 20  ? -3.285  -1.174  -9.819  1.00 24.19 ? 17  LYS A CA  1 
ATOM   74   C  C   . LYS A 1 20  ? -1.976  -0.932  -9.088  1.00 20.67 ? 17  LYS A C   1 
ATOM   75   O  O   . LYS A 1 20  ? -0.910  -1.095  -9.675  1.00 19.98 ? 17  LYS A O   1 
ATOM   76   C  CB  . LYS A 1 20  ? -3.791  0.141   -10.421 1.00 26.07 ? 17  LYS A CB  1 
ATOM   77   C  CG  . LYS A 1 20  ? -4.953  -0.004  -11.398 1.00 28.73 ? 17  LYS A CG  1 
ATOM   78   C  CD  . LYS A 1 20  ? -5.249  1.342   -12.061 1.00 37.71 ? 17  LYS A CD  1 
ATOM   79   C  CE  . LYS A 1 20  ? -6.179  1.191   -13.254 1.00 45.07 ? 17  LYS A CE  1 
ATOM   80   N  NZ  . LYS A 1 20  ? -5.562  0.352   -14.319 1.00 54.90 ? 17  LYS A NZ  1 
ATOM   81   N  N   . TYR A 1 21  ? -2.050  -0.526  -7.819  1.00 19.09 ? 18  TYR A N   1 
ATOM   82   C  CA  . TYR A 1 21  ? -0.826  -0.294  -7.048  1.00 22.17 ? 18  TYR A CA  1 
ATOM   83   C  C   . TYR A 1 21  ? -0.044  -1.600  -6.913  1.00 19.03 ? 18  TYR A C   1 
ATOM   84   O  O   . TYR A 1 21  ? 1.144   -1.668  -7.212  1.00 19.74 ? 18  TYR A O   1 
ATOM   85   C  CB  . TYR A 1 21  ? -1.112  0.284   -5.649  1.00 19.20 ? 18  TYR A CB  1 
ATOM   86   C  CG  . TYR A 1 21  ? 0.098   1.001   -5.063  1.00 21.47 ? 18  TYR A CG  1 
ATOM   87   C  CD1 . TYR A 1 21  ? 0.308   2.347   -5.321  1.00 21.98 ? 18  TYR A CD1 1 
ATOM   88   C  CD2 . TYR A 1 21  ? 1.038   0.331   -4.278  1.00 20.32 ? 18  TYR A CD2 1 
ATOM   89   C  CE1 . TYR A 1 21  ? 1.406   3.019   -4.814  1.00 22.12 ? 18  TYR A CE1 1 
ATOM   90   C  CE2 . TYR A 1 21  ? 2.159   1.005   -3.760  1.00 21.18 ? 18  TYR A CE2 1 
ATOM   91   C  CZ  . TYR A 1 21  ? 2.325   2.355   -4.041  1.00 23.88 ? 18  TYR A CZ  1 
ATOM   92   O  OH  . TYR A 1 21  ? 3.398   3.073   -3.564  1.00 23.17 ? 18  TYR A OH  1 
ATOM   93   N  N   . ILE A 1 22  ? -0.730  -2.632  -6.444  1.00 20.05 ? 19  ILE A N   1 
ATOM   94   C  CA  . ILE A 1 22  ? -0.121  -3.938  -6.251  1.00 17.44 ? 19  ILE A CA  1 
ATOM   95   C  C   . ILE A 1 22  ? 0.509   -4.466  -7.540  1.00 19.30 ? 19  ILE A C   1 
ATOM   96   O  O   . ILE A 1 22  ? 1.641   -4.941  -7.529  1.00 18.11 ? 19  ILE A O   1 
ATOM   97   C  CB  . ILE A 1 22  ? -1.144  -4.947  -5.695  1.00 20.26 ? 19  ILE A CB  1 
ATOM   98   C  CG1 . ILE A 1 22  ? -1.460  -4.605  -4.244  1.00 20.07 ? 19  ILE A CG1 1 
ATOM   99   C  CG2 . ILE A 1 22  ? -0.614  -6.380  -5.807  1.00 19.06 ? 19  ILE A CG2 1 
ATOM   100  C  CD1 . ILE A 1 22  ? -2.563  -5.482  -3.639  1.00 21.97 ? 19  ILE A CD1 1 
ATOM   101  N  N   . HIS A 1 23  ? -0.207  -4.357  -8.655  1.00 18.62 ? 20  HIS A N   1 
ATOM   102  C  CA  . HIS A 1 23  ? 0.340   -4.840  -9.920  1.00 23.22 ? 20  HIS A CA  1 
ATOM   103  C  C   . HIS A 1 23  ? 1.662   -4.150  -10.243 1.00 22.48 ? 20  HIS A C   1 
ATOM   104  O  O   . HIS A 1 23  ? 2.613   -4.784  -10.702 1.00 20.22 ? 20  HIS A O   1 
ATOM   105  C  CB  . HIS A 1 23  ? -0.647  -4.623  -11.067 1.00 22.27 ? 20  HIS A CB  1 
ATOM   106  C  CG  . HIS A 1 23  ? -0.142  -5.121  -12.385 1.00 30.91 ? 20  HIS A CG  1 
ATOM   107  N  ND1 . HIS A 1 23  ? 0.648   -4.360  -13.220 1.00 34.56 ? 20  HIS A ND1 1 
ATOM   108  C  CD2 . HIS A 1 23  ? -0.299  -6.318  -13.008 1.00 33.09 ? 20  HIS A CD2 1 
ATOM   109  C  CE1 . HIS A 1 23  ? 0.947   -5.058  -14.302 1.00 35.43 ? 20  HIS A CE1 1 
ATOM   110  N  NE2 . HIS A 1 23  ? 0.386   -6.248  -14.196 1.00 35.11 ? 20  HIS A NE2 1 
ATOM   111  N  N   . TYR A 1 24  ? 1.714   -2.843  -10.001 1.00 19.80 ? 21  TYR A N   1 
ATOM   112  C  CA  . TYR A 1 24  ? 2.912   -2.052  -10.254 1.00 21.96 ? 21  TYR A CA  1 
ATOM   113  C  C   . TYR A 1 24  ? 4.079   -2.465  -9.356  1.00 20.09 ? 21  TYR A C   1 
ATOM   114  O  O   . TYR A 1 24  ? 5.204   -2.639  -9.829  1.00 19.17 ? 21  TYR A O   1 
ATOM   115  C  CB  . TYR A 1 24  ? 2.598   -0.560  -10.070 1.00 19.55 ? 21  TYR A CB  1 
ATOM   116  C  CG  . TYR A 1 24  ? 3.786   0.354   -10.219 1.00 23.60 ? 21  TYR A CG  1 
ATOM   117  C  CD1 . TYR A 1 24  ? 4.428   0.500   -11.446 1.00 24.14 ? 21  TYR A CD1 1 
ATOM   118  C  CD2 . TYR A 1 24  ? 4.247   1.102   -9.138  1.00 21.65 ? 21  TYR A CD2 1 
ATOM   119  C  CE1 . TYR A 1 24  ? 5.510   1.354   -11.589 1.00 25.52 ? 21  TYR A CE1 1 
ATOM   120  C  CE2 . TYR A 1 24  ? 5.321   1.961   -9.266  1.00 20.35 ? 21  TYR A CE2 1 
ATOM   121  C  CZ  . TYR A 1 24  ? 5.945   2.085   -10.494 1.00 27.92 ? 21  TYR A CZ  1 
ATOM   122  O  OH  . TYR A 1 24  ? 7.009   2.938   -10.621 1.00 24.89 ? 21  TYR A OH  1 
ATOM   123  N  N   . LYS A 1 25  ? 3.829   -2.626  -8.058  1.00 18.16 ? 22  LYS A N   1 
ATOM   124  C  CA  . LYS A 1 25  ? 4.918   -3.026  -7.155  1.00 18.66 ? 22  LYS A CA  1 
ATOM   125  C  C   . LYS A 1 25  ? 5.488   -4.412  -7.481  1.00 19.23 ? 22  LYS A C   1 
ATOM   126  O  O   . LYS A 1 25  ? 6.698   -4.637  -7.398  1.00 15.68 ? 22  LYS A O   1 
ATOM   127  C  CB  . LYS A 1 25  ? 4.475   -2.982  -5.687  1.00 16.33 ? 22  LYS A CB  1 
ATOM   128  C  CG  . LYS A 1 25  ? 3.906   -1.640  -5.224  1.00 20.39 ? 22  LYS A CG  1 
ATOM   129  C  CD  . LYS A 1 25  ? 4.704   -0.440  -5.773  1.00 18.87 ? 22  LYS A CD  1 
ATOM   130  C  CE  . LYS A 1 25  ? 6.046   -0.279  -5.070  1.00 19.64 ? 22  LYS A CE  1 
ATOM   131  N  NZ  . LYS A 1 25  ? 6.782   0.915   -5.610  1.00 19.08 ? 22  LYS A NZ  1 
ATOM   132  N  N   . LEU A 1 26  ? 4.612   -5.347  -7.835  1.00 15.93 ? 23  LEU A N   1 
ATOM   133  C  CA  . LEU A 1 26  ? 5.041   -6.696  -8.179  1.00 17.01 ? 23  LEU A CA  1 
ATOM   134  C  C   . LEU A 1 26  ? 5.851   -6.685  -9.477  1.00 20.88 ? 23  LEU A C   1 
ATOM   135  O  O   . LEU A 1 26  ? 6.886   -7.346  -9.585  1.00 16.73 ? 23  LEU A O   1 
ATOM   136  C  CB  . LEU A 1 26  ? 3.829   -7.633  -8.296  1.00 19.10 ? 23  LEU A CB  1 
ATOM   137  C  CG  . LEU A 1 26  ? 3.166   -8.072  -6.974  1.00 19.12 ? 23  LEU A CG  1 
ATOM   138  C  CD1 . LEU A 1 26  ? 1.863   -8.841  -7.229  1.00 18.92 ? 23  LEU A CD1 1 
ATOM   139  C  CD2 . LEU A 1 26  ? 4.122   -8.915  -6.110  1.00 17.98 ? 23  LEU A CD2 1 
ATOM   140  N  N   . SER A 1 27  ? 5.383   -5.921  -10.462 1.00 18.91 ? 24  SER A N   1 
ATOM   141  C  CA  . SER A 1 27  ? 6.086   -5.820  -11.735 1.00 19.04 ? 24  SER A CA  1 
ATOM   142  C  C   . SER A 1 27  ? 7.515   -5.298  -11.575 1.00 22.76 ? 24  SER A C   1 
ATOM   143  O  O   . SER A 1 27  ? 8.430   -5.756  -12.265 1.00 22.23 ? 24  SER A O   1 
ATOM   144  C  CB  . SER A 1 27  ? 5.312   -4.932  -12.709 1.00 25.63 ? 24  SER A CB  1 
ATOM   145  O  OG  . SER A 1 27  ? 5.719   -5.207  -14.034 1.00 34.56 ? 24  SER A OG  1 
ATOM   146  N  N   . GLN A 1 28  ? 7.708   -4.342  -10.668 1.00 20.80 ? 25  GLN A N   1 
ATOM   147  C  CA  . GLN A 1 28  ? 9.043   -3.803  -10.418 1.00 20.92 ? 25  GLN A CA  1 
ATOM   148  C  C   . GLN A 1 28  ? 9.990   -4.879  -9.917  1.00 23.36 ? 25  GLN A C   1 
ATOM   149  O  O   . GLN A 1 28  ? 11.200  -4.765  -10.084 1.00 21.43 ? 25  GLN A O   1 
ATOM   150  C  CB  . GLN A 1 28  ? 9.010   -2.672  -9.381  1.00 21.26 ? 25  GLN A CB  1 
ATOM   151  C  CG  . GLN A 1 28  ? 8.312   -1.404  -9.829  1.00 24.28 ? 25  GLN A CG  1 
ATOM   152  C  CD  . GLN A 1 28  ? 8.301   -0.345  -8.740  1.00 27.35 ? 25  GLN A CD  1 
ATOM   153  O  OE1 . GLN A 1 28  ? 7.841   -0.596  -7.624  1.00 22.76 ? 25  GLN A OE1 1 
ATOM   154  N  NE2 . GLN A 1 28  ? 8.806   0.844   -9.059  1.00 20.83 ? 25  GLN A NE2 1 
ATOM   155  N  N   . ARG A 1 29  ? 9.444   -5.911  -9.278  1.00 19.43 ? 26  ARG A N   1 
ATOM   156  C  CA  . ARG A 1 29  ? 10.268  -6.981  -8.719  1.00 23.14 ? 26  ARG A CA  1 
ATOM   157  C  C   . ARG A 1 29  ? 10.355  -8.200  -9.629  1.00 23.84 ? 26  ARG A C   1 
ATOM   158  O  O   . ARG A 1 29  ? 10.875  -9.230  -9.228  1.00 24.73 ? 26  ARG A O   1 
ATOM   159  C  CB  . ARG A 1 29  ? 9.728   -7.420  -7.359  1.00 26.14 ? 26  ARG A CB  1 
ATOM   160  C  CG  . ARG A 1 29  ? 9.835   -6.355  -6.300  1.00 30.51 ? 26  ARG A CG  1 
ATOM   161  C  CD  . ARG A 1 29  ? 11.286  -6.095  -5.954  1.00 36.89 ? 26  ARG A CD  1 
ATOM   162  N  NE  . ARG A 1 29  ? 11.530  -4.669  -5.762  1.00 50.63 ? 26  ARG A NE  1 
ATOM   163  C  CZ  . ARG A 1 29  ? 11.811  -4.096  -4.595  1.00 54.66 ? 26  ARG A CZ  1 
ATOM   164  N  NH1 . ARG A 1 29  ? 12.016  -2.784  -4.543  1.00 45.48 ? 26  ARG A NH1 1 
ATOM   165  N  NH2 . ARG A 1 29  ? 11.890  -4.830  -3.489  1.00 46.99 ? 26  ARG A NH2 1 
ATOM   166  N  N   . GLY A 1 30  ? 9.831   -8.085  -10.842 1.00 22.25 ? 27  GLY A N   1 
ATOM   167  C  CA  . GLY A 1 30  ? 9.906   -9.171  -11.801 1.00 24.68 ? 27  GLY A CA  1 
ATOM   168  C  C   . GLY A 1 30  ? 8.763   -10.165 -11.721 1.00 23.15 ? 27  GLY A C   1 
ATOM   169  O  O   . GLY A 1 30  ? 8.880   -11.294 -12.209 1.00 23.45 ? 27  GLY A O   1 
ATOM   170  N  N   . TYR A 1 31  ? 7.653   -9.753  -11.117 1.00 21.37 ? 28  TYR A N   1 
ATOM   171  C  CA  . TYR A 1 31  ? 6.475   -10.616 -11.025 1.00 22.59 ? 28  TYR A CA  1 
ATOM   172  C  C   . TYR A 1 31  ? 5.312   -9.994  -11.775 1.00 25.66 ? 28  TYR A C   1 
ATOM   173  O  O   . TYR A 1 31  ? 5.022   -8.806  -11.615 1.00 22.64 ? 28  TYR A O   1 
ATOM   174  C  CB  . TYR A 1 31  ? 6.059   -10.844 -9.567  1.00 18.33 ? 28  TYR A CB  1 
ATOM   175  C  CG  . TYR A 1 31  ? 7.159   -11.364 -8.671  1.00 24.90 ? 28  TYR A CG  1 
ATOM   176  C  CD1 . TYR A 1 31  ? 7.788   -12.581 -8.939  1.00 23.60 ? 28  TYR A CD1 1 
ATOM   177  C  CD2 . TYR A 1 31  ? 7.564   -10.649 -7.547  1.00 22.36 ? 28  TYR A CD2 1 
ATOM   178  C  CE1 . TYR A 1 31  ? 8.806   -13.070 -8.107  1.00 25.46 ? 28  TYR A CE1 1 
ATOM   179  C  CE2 . TYR A 1 31  ? 8.576   -11.126 -6.711  1.00 25.05 ? 28  TYR A CE2 1 
ATOM   180  C  CZ  . TYR A 1 31  ? 9.190   -12.337 -6.996  1.00 26.04 ? 28  TYR A CZ  1 
ATOM   181  O  OH  . TYR A 1 31  ? 10.186  -12.812 -6.173  1.00 26.58 ? 28  TYR A OH  1 
ATOM   182  N  N   . GLU A 1 32  ? 4.631   -10.797 -12.582 1.00 22.35 ? 29  GLU A N   1 
ATOM   183  C  CA  . GLU A 1 32  ? 3.474   -10.300 -13.324 1.00 25.14 ? 29  GLU A CA  1 
ATOM   184  C  C   . GLU A 1 32  ? 2.199   -10.855 -12.705 1.00 28.04 ? 29  GLU A C   1 
ATOM   185  O  O   . GLU A 1 32  ? 1.922   -12.054 -12.787 1.00 26.85 ? 29  GLU A O   1 
ATOM   186  C  CB  . GLU A 1 32  ? 3.573   -10.673 -14.806 1.00 28.16 ? 29  GLU A CB  1 
ATOM   187  C  CG  . GLU A 1 32  ? 2.308   -10.375 -15.601 1.00 35.16 ? 29  GLU A CG  1 
ATOM   188  C  CD  . GLU A 1 32  ? 2.111   -8.887  -15.841 1.00 44.02 ? 29  GLU A CD  1 
ATOM   189  O  OE1 . GLU A 1 32  ? 0.941   -8.447  -15.931 1.00 46.82 ? 29  GLU A OE1 1 
ATOM   190  O  OE2 . GLU A 1 32  ? 3.128   -8.159  -15.929 1.00 44.62 ? 29  GLU A OE2 1 
ATOM   191  N  N   . TRP A 1 33  ? 1.419   -9.978  -12.083 1.00 28.93 ? 30  TRP A N   1 
ATOM   192  C  CA  . TRP A 1 33  ? 0.244   -10.415 -11.350 1.00 32.32 ? 30  TRP A CA  1 
ATOM   193  C  C   . TRP A 1 33  ? -1.051  -10.436 -12.161 1.00 41.25 ? 30  TRP A C   1 
ATOM   194  O  O   . TRP A 1 33  ? -1.325  -9.530  -12.943 1.00 45.46 ? 30  TRP A O   1 
ATOM   195  C  CB  . TRP A 1 33  ? 0.038   -9.555  -10.106 1.00 31.46 ? 30  TRP A CB  1 
ATOM   196  C  CG  . TRP A 1 33  ? -1.013  -10.134 -9.225  1.00 33.35 ? 30  TRP A CG  1 
ATOM   197  C  CD1 . TRP A 1 33  ? -2.240  -9.605  -8.943  1.00 33.29 ? 30  TRP A CD1 1 
ATOM   198  C  CD2 . TRP A 1 33  ? -0.945  -11.386 -8.547  1.00 32.26 ? 30  TRP A CD2 1 
ATOM   199  N  NE1 . TRP A 1 33  ? -2.936  -10.452 -8.110  1.00 35.38 ? 30  TRP A NE1 1 
ATOM   200  C  CE2 . TRP A 1 33  ? -2.162  -11.552 -7.854  1.00 28.89 ? 30  TRP A CE2 1 
ATOM   201  C  CE3 . TRP A 1 33  ? 0.034   -12.383 -8.444  1.00 37.33 ? 30  TRP A CE3 1 
ATOM   202  C  CZ2 . TRP A 1 33  ? -2.427  -12.677 -7.070  1.00 35.01 ? 30  TRP A CZ2 1 
ATOM   203  C  CZ3 . TRP A 1 33  ? -0.232  -13.505 -7.663  1.00 34.01 ? 30  TRP A CZ3 1 
ATOM   204  C  CH2 . TRP A 1 33  ? -1.453  -13.642 -6.990  1.00 33.47 ? 30  TRP A CH2 1 
ATOM   205  N  N   . ASP A 1 34  ? -1.853  -11.476 -11.954 1.00 44.69 ? 31  ASP A N   1 
ATOM   206  C  CA  . ASP A 1 34  ? -3.200  -11.532 -12.523 1.00 57.14 ? 31  ASP A CA  1 
ATOM   207  C  C   . ASP A 1 34  ? -4.233  -12.006 -11.508 1.00 56.31 ? 31  ASP A C   1 
ATOM   208  O  O   . ASP A 1 34  ? -5.271  -11.362 -11.334 1.00 66.06 ? 31  ASP A O   1 
ATOM   209  C  CB  . ASP A 1 34  ? -3.241  -12.419 -13.767 1.00 63.83 ? 31  ASP A CB  1 
ATOM   210  C  CG  . ASP A 1 34  ? -3.429  -11.622 -15.038 1.00 71.43 ? 31  ASP A CG  1 
ATOM   211  O  OD1 . ASP A 1 34  ? -4.507  -10.999 -15.193 1.00 72.60 ? 31  ASP A OD1 1 
ATOM   212  O  OD2 . ASP A 1 34  ? -2.502  -11.610 -15.882 1.00 72.63 ? 31  ASP A OD2 1 
ATOM   213  N  N   . SER A 1 52  ? -8.694  10.082  -12.853 1.00 49.40 ? 49  SER A N   1 
ATOM   214  C  CA  . SER A 1 52  ? -8.478  8.798   -12.188 1.00 46.62 ? 49  SER A CA  1 
ATOM   215  C  C   . SER A 1 52  ? -7.115  8.211   -12.532 1.00 43.09 ? 49  SER A C   1 
ATOM   216  O  O   . SER A 1 52  ? -6.408  7.716   -11.654 1.00 43.36 ? 49  SER A O   1 
ATOM   217  C  CB  . SER A 1 52  ? -9.575  7.799   -12.550 1.00 52.60 ? 49  SER A CB  1 
ATOM   218  O  OG  . SER A 1 52  ? -9.317  6.536   -11.953 1.00 49.85 ? 49  SER A OG  1 
ATOM   219  N  N   . GLU A 1 53  ? -6.748  8.259   -13.808 1.00 38.34 ? 50  GLU A N   1 
ATOM   220  C  CA  . GLU A 1 53  ? -5.431  7.791   -14.223 1.00 40.13 ? 50  GLU A CA  1 
ATOM   221  C  C   . GLU A 1 53  ? -4.313  8.584   -13.539 1.00 39.98 ? 50  GLU A C   1 
ATOM   222  O  O   . GLU A 1 53  ? -3.288  8.028   -13.134 1.00 33.11 ? 50  GLU A O   1 
ATOM   223  C  CB  . GLU A 1 53  ? -5.285  7.879   -15.738 1.00 43.28 ? 50  GLU A CB  1 
ATOM   224  C  CG  . GLU A 1 53  ? -3.896  7.527   -16.223 1.00 49.28 ? 50  GLU A CG  1 
ATOM   225  C  CD  . GLU A 1 53  ? -3.404  6.202   -15.663 1.00 57.06 ? 50  GLU A CD  1 
ATOM   226  O  OE1 . GLU A 1 53  ? -4.128  5.186   -15.782 1.00 61.46 ? 50  GLU A OE1 1 
ATOM   227  O  OE2 . GLU A 1 53  ? -2.292  6.180   -15.095 1.00 53.79 ? 50  GLU A OE2 1 
ATOM   228  N  N   . VAL A 1 54  ? -4.517  9.891   -13.413 1.00 32.95 ? 51  VAL A N   1 
ATOM   229  C  CA  . VAL A 1 54  ? -3.529  10.746  -12.778 1.00 33.23 ? 51  VAL A CA  1 
ATOM   230  C  C   . VAL A 1 54  ? -3.386  10.403  -11.288 1.00 27.69 ? 51  VAL A C   1 
ATOM   231  O  O   . VAL A 1 54  ? -2.308  10.536  -10.721 1.00 28.13 ? 51  VAL A O   1 
ATOM   232  C  CB  . VAL A 1 54  ? -3.842  12.256  -12.990 1.00 32.68 ? 51  VAL A CB  1 
ATOM   233  C  CG1 . VAL A 1 54  ? -5.104  12.658  -12.243 1.00 34.15 ? 51  VAL A CG1 1 
ATOM   234  C  CG2 . VAL A 1 54  ? -2.664  13.111  -12.556 1.00 32.76 ? 51  VAL A CG2 1 
ATOM   235  N  N   . VAL A 1 55  ? -4.464  9.947   -10.662 1.00 28.57 ? 52  VAL A N   1 
ATOM   236  C  CA  . VAL A 1 55  ? -4.384  9.486   -9.278  1.00 28.76 ? 52  VAL A CA  1 
ATOM   237  C  C   . VAL A 1 55  ? -3.429  8.292   -9.140  1.00 30.88 ? 52  VAL A C   1 
ATOM   238  O  O   . VAL A 1 55  ? -2.570  8.274   -8.261  1.00 27.33 ? 52  VAL A O   1 
ATOM   239  C  CB  . VAL A 1 55  ? -5.766  9.118   -8.719  1.00 29.43 ? 52  VAL A CB  1 
ATOM   240  C  CG1 . VAL A 1 55  ? -5.639  8.429   -7.357  1.00 25.21 ? 52  VAL A CG1 1 
ATOM   241  C  CG2 . VAL A 1 55  ? -6.635  10.365  -8.612  1.00 33.75 ? 52  VAL A CG2 1 
ATOM   242  N  N   . HIS A 1 56  ? -3.565  7.303   -10.019 1.00 28.29 ? 53  HIS A N   1 
ATOM   243  C  CA  . HIS A 1 56  ? -2.727  6.106   -9.942  1.00 27.32 ? 53  HIS A CA  1 
ATOM   244  C  C   . HIS A 1 56  ? -1.263  6.447   -10.175 1.00 27.97 ? 53  HIS A C   1 
ATOM   245  O  O   . HIS A 1 56  ? -0.373  5.918   -9.499  1.00 26.37 ? 53  HIS A O   1 
ATOM   246  C  CB  . HIS A 1 56  ? -3.178  5.049   -10.960 1.00 27.37 ? 53  HIS A CB  1 
ATOM   247  C  CG  . HIS A 1 56  ? -4.611  4.647   -10.824 1.00 29.93 ? 53  HIS A CG  1 
ATOM   248  N  ND1 . HIS A 1 56  ? -5.120  4.059   -9.684  1.00 27.42 ? 53  HIS A ND1 1 
ATOM   249  C  CD2 . HIS A 1 56  ? -5.650  4.734   -11.695 1.00 32.58 ? 53  HIS A CD2 1 
ATOM   250  C  CE1 . HIS A 1 56  ? -6.408  3.817   -9.852  1.00 30.46 ? 53  HIS A CE1 1 
ATOM   251  N  NE2 . HIS A 1 56  ? -6.753  4.213   -11.062 1.00 31.93 ? 53  HIS A NE2 1 
ATOM   252  N  N   . LEU A 1 57  ? -1.011  7.322   -11.145 1.00 24.45 ? 54  LEU A N   1 
ATOM   253  C  CA  . LEU A 1 57  ? 0.358   7.691   -11.471 1.00 28.43 ? 54  LEU A CA  1 
ATOM   254  C  C   . LEU A 1 57  ? 0.988   8.503   -10.353 1.00 27.33 ? 54  LEU A C   1 
ATOM   255  O  O   . LEU A 1 57  ? 2.159   8.318   -10.039 1.00 23.52 ? 54  LEU A O   1 
ATOM   256  C  CB  . LEU A 1 57  ? 0.428   8.478   -12.781 1.00 32.17 ? 54  LEU A CB  1 
ATOM   257  C  CG  . LEU A 1 57  ? 0.005   7.689   -14.021 1.00 43.82 ? 54  LEU A CG  1 
ATOM   258  C  CD1 . LEU A 1 57  ? 0.276   8.489   -15.293 1.00 48.57 ? 54  LEU A CD1 1 
ATOM   259  C  CD2 . LEU A 1 57  ? 0.700   6.327   -14.070 1.00 43.52 ? 54  LEU A CD2 1 
ATOM   260  N  N   . THR A 1 58  ? 0.211   9.405   -9.762  1.00 24.53 ? 55  THR A N   1 
ATOM   261  C  CA  . THR A 1 58  ? 0.722   10.252  -8.688  1.00 24.31 ? 55  THR A CA  1 
ATOM   262  C  C   . THR A 1 58  ? 0.999   9.400   -7.457  1.00 23.75 ? 55  THR A C   1 
ATOM   263  O  O   . THR A 1 58  ? 2.014   9.569   -6.789  1.00 24.15 ? 55  THR A O   1 
ATOM   264  C  CB  . THR A 1 58  ? -0.273  11.384  -8.332  1.00 24.46 ? 55  THR A CB  1 
ATOM   265  O  OG1 . THR A 1 58  ? -0.512  12.201  -9.488  1.00 23.51 ? 55  THR A OG1 1 
ATOM   266  C  CG2 . THR A 1 58  ? 0.278   12.256  -7.217  1.00 26.18 ? 55  THR A CG2 1 
ATOM   267  N  N   . LEU A 1 59  ? 0.096   8.470   -7.162  1.00 20.87 ? 56  LEU A N   1 
ATOM   268  C  CA  . LEU A 1 59  ? 0.290   7.577   -6.022  1.00 21.53 ? 56  LEU A CA  1 
ATOM   269  C  C   . LEU A 1 59  ? 1.535   6.712   -6.223  1.00 24.55 ? 56  LEU A C   1 
ATOM   270  O  O   . LEU A 1 59  ? 2.340   6.555   -5.301  1.00 24.76 ? 56  LEU A O   1 
ATOM   271  C  CB  . LEU A 1 59  ? -0.961  6.725   -5.785  1.00 20.51 ? 56  LEU A CB  1 
ATOM   272  C  CG  . LEU A 1 59  ? -1.008  5.765   -4.601  1.00 25.46 ? 56  LEU A CG  1 
ATOM   273  C  CD1 . LEU A 1 59  ? -0.638  6.444   -3.283  1.00 20.35 ? 56  LEU A CD1 1 
ATOM   274  C  CD2 . LEU A 1 59  ? -2.405  5.154   -4.522  1.00 23.22 ? 56  LEU A CD2 1 
ATOM   275  N  N   . ARG A 1 60  ? 1.691   6.173   -7.431  1.00 21.46 ? 57  ARG A N   1 
ATOM   276  C  CA  . ARG A 1 60  ? 2.880   5.408   -7.824  1.00 27.50 ? 57  ARG A CA  1 
ATOM   277  C  C   . ARG A 1 60  ? 4.170   6.150   -7.523  1.00 23.62 ? 57  ARG A C   1 
ATOM   278  O  O   . ARG A 1 60  ? 5.114   5.594   -6.954  1.00 19.87 ? 57  ARG A O   1 
ATOM   279  C  CB  . ARG A 1 60  ? 2.907   5.243   -9.342  1.00 27.63 ? 57  ARG A CB  1 
ATOM   280  C  CG  . ARG A 1 60  ? 2.431   3.963   -9.926  1.00 29.84 ? 57  ARG A CG  1 
ATOM   281  C  CD  . ARG A 1 60  ? 2.824   4.019   -11.397 1.00 28.41 ? 57  ARG A CD  1 
ATOM   282  N  NE  . ARG A 1 60  ? 2.158   3.003   -12.194 1.00 44.26 ? 57  ARG A NE  1 
ATOM   283  C  CZ  . ARG A 1 60  ? 2.429   2.771   -13.473 1.00 42.69 ? 57  ARG A CZ  1 
ATOM   284  N  NH1 . ARG A 1 60  ? 1.776   1.816   -14.123 1.00 50.25 ? 57  ARG A NH1 1 
ATOM   285  N  NH2 . ARG A 1 60  ? 3.362   3.485   -14.095 1.00 39.96 ? 57  ARG A NH2 1 
ATOM   286  N  N   . GLN A 1 61  ? 4.236   7.388   -8.005  1.00 21.01 ? 58  GLN A N   1 
ATOM   287  C  CA  A GLN A 1 61  ? 5.470   8.149   -7.880  0.50 24.18 ? 58  GLN A CA  1 
ATOM   288  C  CA  B GLN A 1 61  ? 5.436   8.211   -7.886  0.50 24.20 ? 58  GLN A CA  1 
ATOM   289  C  C   . GLN A 1 61  ? 5.743   8.497   -6.421  1.00 19.92 ? 58  GLN A C   1 
ATOM   290  O  O   . GLN A 1 61  ? 6.889   8.437   -5.983  1.00 20.34 ? 58  GLN A O   1 
ATOM   291  C  CB  A GLN A 1 61  ? 5.457   9.406   -8.758  0.50 25.01 ? 58  GLN A CB  1 
ATOM   292  C  CB  B GLN A 1 61  ? 5.256   9.530   -8.659  0.50 24.87 ? 58  GLN A CB  1 
ATOM   293  C  CG  A GLN A 1 61  ? 6.710   9.539   -9.628  0.50 28.96 ? 58  GLN A CG  1 
ATOM   294  C  CG  B GLN A 1 61  ? 4.932   9.332   -10.139 0.50 26.40 ? 58  GLN A CG  1 
ATOM   295  C  CD  A GLN A 1 61  ? 7.942   9.945   -8.844  0.50 31.63 ? 58  GLN A CD  1 
ATOM   296  C  CD  B GLN A 1 61  ? 4.816   10.635  -10.921 0.50 30.18 ? 58  GLN A CD  1 
ATOM   297  O  OE1 A GLN A 1 61  ? 8.103   11.112  -8.494  0.50 37.45 ? 58  GLN A OE1 1 
ATOM   298  O  OE1 B GLN A 1 61  ? 4.123   11.568  -10.509 0.50 31.91 ? 58  GLN A OE1 1 
ATOM   299  N  NE2 A GLN A 1 61  ? 8.828   8.988   -8.574  0.50 25.24 ? 58  GLN A NE2 1 
ATOM   300  N  NE2 B GLN A 1 61  ? 5.477   10.692  -12.069 0.50 27.68 ? 58  GLN A NE2 1 
ATOM   301  N  N   . ALA A 1 62  ? 4.700   8.829   -5.668  1.00 19.84 ? 59  ALA A N   1 
ATOM   302  C  CA  . ALA A 1 62  ? 4.882   9.163   -4.262  1.00 20.59 ? 59  ALA A CA  1 
ATOM   303  C  C   . ALA A 1 62  ? 5.380   7.940   -3.495  1.00 20.42 ? 59  ALA A C   1 
ATOM   304  O  O   . ALA A 1 62  ? 6.181   8.065   -2.578  1.00 18.99 ? 59  ALA A O   1 
ATOM   305  C  CB  . ALA A 1 62  ? 3.582   9.698   -3.650  1.00 18.02 ? 59  ALA A CB  1 
ATOM   306  N  N   . GLY A 1 63  ? 4.901   6.758   -3.872  1.00 19.84 ? 60  GLY A N   1 
ATOM   307  C  CA  . GLY A 1 63  ? 5.338   5.530   -3.229  1.00 18.67 ? 60  GLY A CA  1 
ATOM   308  C  C   . GLY A 1 63  ? 6.793   5.206   -3.530  1.00 19.43 ? 60  GLY A C   1 
ATOM   309  O  O   . GLY A 1 63  ? 7.550   4.827   -2.640  1.00 17.57 ? 60  GLY A O   1 
ATOM   310  N  N   . ASP A 1 64  ? 7.185   5.352   -4.792  1.00 19.56 ? 61  ASP A N   1 
ATOM   311  C  CA  . ASP A 1 64  ? 8.587   5.194   -5.173  1.00 21.00 ? 61  ASP A CA  1 
ATOM   312  C  C   . ASP A 1 64  ? 9.449   6.207   -4.416  1.00 23.00 ? 61  ASP A C   1 
ATOM   313  O  O   . ASP A 1 64  ? 10.534  5.880   -3.944  1.00 20.86 ? 61  ASP A O   1 
ATOM   314  C  CB  . ASP A 1 64  ? 8.764   5.394   -6.684  1.00 21.63 ? 61  ASP A CB  1 
ATOM   315  C  CG  . ASP A 1 64  ? 8.255   4.209   -7.499  1.00 24.67 ? 61  ASP A CG  1 
ATOM   316  O  OD1 . ASP A 1 64  ? 8.337   3.060   -7.012  1.00 22.67 ? 61  ASP A OD1 1 
ATOM   317  O  OD2 . ASP A 1 64  ? 7.785   4.427   -8.636  1.00 22.59 ? 61  ASP A OD2 1 
ATOM   318  N  N   . ASP A 1 65  ? 8.955   7.436   -4.297  1.00 21.37 ? 62  ASP A N   1 
ATOM   319  C  CA  . ASP A 1 65  ? 9.692   8.493   -3.603  1.00 21.51 ? 62  ASP A CA  1 
ATOM   320  C  C   . ASP A 1 65  ? 9.827   8.196   -2.112  1.00 22.19 ? 62  ASP A C   1 
ATOM   321  O  O   . ASP A 1 65  ? 10.891  8.407   -1.521  1.00 21.03 ? 62  ASP A O   1 
ATOM   322  C  CB  . ASP A 1 65  ? 9.022   9.855   -3.818  1.00 22.44 ? 62  ASP A CB  1 
ATOM   323  C  CG  . ASP A 1 65  ? 9.283   10.424  -5.215  1.00 28.21 ? 62  ASP A CG  1 
ATOM   324  O  OD1 . ASP A 1 65  ? 10.265  10.009  -5.862  1.00 31.26 ? 62  ASP A OD1 1 
ATOM   325  O  OD2 . ASP A 1 65  ? 8.506   11.282  -5.668  1.00 29.17 ? 62  ASP A OD2 1 
ATOM   326  N  N   . PHE A 1 66  ? 8.746   7.710   -1.509  1.00 18.30 ? 63  PHE A N   1 
ATOM   327  C  CA  . PHE A 1 66  ? 8.773   7.286   -0.107  1.00 20.23 ? 63  PHE A CA  1 
ATOM   328  C  C   . PHE A 1 66  ? 9.833   6.220   0.167   1.00 19.20 ? 63  PHE A C   1 
ATOM   329  O  O   . PHE A 1 66  ? 10.565  6.302   1.154   1.00 20.42 ? 63  PHE A O   1 
ATOM   330  C  CB  . PHE A 1 66  ? 7.405   6.745   0.332   1.00 18.86 ? 63  PHE A CB  1 
ATOM   331  C  CG  . PHE A 1 66  ? 7.442   6.014   1.652   1.00 20.29 ? 63  PHE A CG  1 
ATOM   332  C  CD1 . PHE A 1 66  ? 7.363   6.712   2.854   1.00 19.55 ? 63  PHE A CD1 1 
ATOM   333  C  CD2 . PHE A 1 66  ? 7.562   4.634   1.689   1.00 17.86 ? 63  PHE A CD2 1 
ATOM   334  C  CE1 . PHE A 1 66  ? 7.407   6.042   4.075   1.00 17.50 ? 63  PHE A CE1 1 
ATOM   335  C  CE2 . PHE A 1 66  ? 7.601   3.953   2.903   1.00 18.90 ? 63  PHE A CE2 1 
ATOM   336  C  CZ  . PHE A 1 66  ? 7.519   4.656   4.099   1.00 19.31 ? 63  PHE A CZ  1 
ATOM   337  N  N   . SER A 1 67  ? 9.908   5.214   -0.702  1.00 18.76 ? 64  SER A N   1 
ATOM   338  C  CA  . SER A 1 67  ? 10.784  4.069   -0.456  1.00 21.21 ? 64  SER A CA  1 
ATOM   339  C  C   . SER A 1 67  ? 12.236  4.440   -0.708  1.00 19.91 ? 64  SER A C   1 
ATOM   340  O  O   . SER A 1 67  ? 13.145  3.857   -0.136  1.00 23.60 ? 64  SER A O   1 
ATOM   341  C  CB  . SER A 1 67  ? 10.389  2.874   -1.336  1.00 25.05 ? 64  SER A CB  1 
ATOM   342  O  OG  . SER A 1 67  ? 10.622  3.150   -2.713  1.00 28.23 ? 64  SER A OG  1 
ATOM   343  N  N   . ARG A 1 68  ? 12.436  5.419   -1.577  1.00 21.94 ? 65  ARG A N   1 
ATOM   344  C  CA  . ARG A 1 68  ? 13.754  5.962   -1.848  1.00 23.03 ? 65  ARG A CA  1 
ATOM   345  C  C   . ARG A 1 68  ? 14.240  6.783   -0.655  1.00 22.05 ? 65  ARG A C   1 
ATOM   346  O  O   . ARG A 1 68  ? 15.381  6.633   -0.205  1.00 23.14 ? 65  ARG A O   1 
ATOM   347  C  CB  . ARG A 1 68  ? 13.680  6.831   -3.101  1.00 25.92 ? 65  ARG A CB  1 
ATOM   348  C  CG  . ARG A 1 68  ? 14.968  6.964   -3.864  1.00 36.18 ? 65  ARG A CG  1 
ATOM   349  C  CD  . ARG A 1 68  ? 14.696  6.792   -5.360  1.00 45.91 ? 65  ARG A CD  1 
ATOM   350  N  NE  . ARG A 1 68  ? 13.565  7.600   -5.812  1.00 48.09 ? 65  ARG A NE  1 
ATOM   351  C  CZ  . ARG A 1 68  ? 12.631  7.173   -6.658  1.00 43.88 ? 65  ARG A CZ  1 
ATOM   352  N  NH1 . ARG A 1 68  ? 12.682  5.933   -7.138  1.00 44.33 ? 65  ARG A NH1 1 
ATOM   353  N  NH2 . ARG A 1 68  ? 11.637  7.981   -7.010  1.00 34.27 ? 65  ARG A NH2 1 
ATOM   354  N  N   . ARG A 1 69  ? 13.365  7.639   -0.133  1.00 21.57 ? 66  ARG A N   1 
ATOM   355  C  CA  . ARG A 1 69  ? 13.719  8.496   0.997   1.00 20.60 ? 66  ARG A CA  1 
ATOM   356  C  C   . ARG A 1 69  ? 13.950  7.678   2.260   1.00 21.28 ? 66  ARG A C   1 
ATOM   357  O  O   . ARG A 1 69  ? 15.011  7.764   2.877   1.00 21.27 ? 66  ARG A O   1 
ATOM   358  C  CB  . ARG A 1 69  ? 12.637  9.549   1.247   1.00 22.04 ? 66  ARG A CB  1 
ATOM   359  C  CG  . ARG A 1 69  ? 12.872  10.357  2.518   1.00 23.84 ? 66  ARG A CG  1 
ATOM   360  C  CD  . ARG A 1 69  ? 11.782  11.396  2.732   1.00 25.97 ? 66  ARG A CD  1 
ATOM   361  N  NE  . ARG A 1 69  ? 11.948  12.529  1.833   1.00 27.03 ? 66  ARG A NE  1 
ATOM   362  C  CZ  . ARG A 1 69  ? 11.130  13.574  1.796   1.00 28.55 ? 66  ARG A CZ  1 
ATOM   363  N  NH1 . ARG A 1 69  ? 10.075  13.620  2.598   1.00 24.83 ? 66  ARG A NH1 1 
ATOM   364  N  NH2 . ARG A 1 69  ? 11.366  14.567  0.950   1.00 28.83 ? 66  ARG A NH2 1 
ATOM   365  N  N   . TYR A 1 70  ? 12.956  6.884   2.646   1.00 17.41 ? 67  TYR A N   1 
ATOM   366  C  CA  . TYR A 1 70  ? 13.070  6.040   3.830   1.00 17.95 ? 67  TYR A CA  1 
ATOM   367  C  C   . TYR A 1 70  ? 13.685  4.691   3.439   1.00 21.80 ? 67  TYR A C   1 
ATOM   368  O  O   . TYR A 1 70  ? 13.078  3.625   3.600   1.00 20.75 ? 67  TYR A O   1 
ATOM   369  C  CB  . TYR A 1 70  ? 11.711  5.904   4.547   1.00 19.43 ? 67  TYR A CB  1 
ATOM   370  C  CG  . TYR A 1 70  ? 11.333  7.189   5.256   1.00 21.76 ? 67  TYR A CG  1 
ATOM   371  C  CD1 . TYR A 1 70  ? 10.633  8.195   4.591   1.00 20.94 ? 67  TYR A CD1 1 
ATOM   372  C  CD2 . TYR A 1 70  ? 11.728  7.424   6.571   1.00 22.40 ? 67  TYR A CD2 1 
ATOM   373  C  CE1 . TYR A 1 70  ? 10.311  9.375   5.219   1.00 17.99 ? 67  TYR A CE1 1 
ATOM   374  C  CE2 . TYR A 1 70  ? 11.406  8.607   7.208   1.00 20.68 ? 67  TYR A CE2 1 
ATOM   375  C  CZ  . TYR A 1 70  ? 10.702  9.585   6.523   1.00 21.28 ? 67  TYR A CZ  1 
ATOM   376  O  OH  . TYR A 1 70  ? 10.373  10.774  7.147   1.00 18.68 ? 67  TYR A OH  1 
ATOM   377  N  N   . ARG A 1 71  ? 14.912  4.773   2.931   1.00 20.74 ? 68  ARG A N   1 
ATOM   378  C  CA  . ARG A 1 71  ? 15.621  3.629   2.364   1.00 24.77 ? 68  ARG A CA  1 
ATOM   379  C  C   . ARG A 1 71  ? 15.808  2.481   3.351   1.00 25.69 ? 68  ARG A C   1 
ATOM   380  O  O   . ARG A 1 71  ? 15.517  1.323   3.030   1.00 27.93 ? 68  ARG A O   1 
ATOM   381  C  CB  . ARG A 1 71  ? 16.982  4.069   1.816   1.00 26.80 ? 68  ARG A CB  1 
ATOM   382  C  CG  . ARG A 1 71  ? 17.934  2.913   1.555   1.00 30.94 ? 68  ARG A CG  1 
ATOM   383  C  CD  . ARG A 1 71  ? 19.193  3.344   0.803   1.00 34.63 ? 68  ARG A CD  1 
ATOM   384  N  NE  . ARG A 1 71  ? 19.913  4.433   1.457   1.00 35.61 ? 68  ARG A NE  1 
ATOM   385  C  CZ  . ARG A 1 71  ? 20.575  4.307   2.602   1.00 38.17 ? 68  ARG A CZ  1 
ATOM   386  N  NH1 . ARG A 1 71  ? 20.594  3.136   3.227   1.00 39.83 ? 68  ARG A NH1 1 
ATOM   387  N  NH2 . ARG A 1 71  ? 21.213  5.351   3.124   1.00 28.32 ? 68  ARG A NH2 1 
ATOM   388  N  N   . ARG A 1 72  ? 16.293  2.794   4.547   1.00 23.26 ? 69  ARG A N   1 
ATOM   389  C  CA  . ARG A 1 72  ? 16.537  1.762   5.545   1.00 24.12 ? 69  ARG A CA  1 
ATOM   390  C  C   . ARG A 1 72  ? 15.227  1.165   6.068   1.00 28.72 ? 69  ARG A C   1 
ATOM   391  O  O   . ARG A 1 72  ? 15.117  -0.050  6.220   1.00 27.69 ? 69  ARG A O   1 
ATOM   392  C  CB  . ARG A 1 72  ? 17.392  2.302   6.698   1.00 26.93 ? 69  ARG A CB  1 
ATOM   393  C  CG  . ARG A 1 72  ? 17.671  1.293   7.813   1.00 31.52 ? 69  ARG A CG  1 
ATOM   394  C  CD  . ARG A 1 72  ? 18.707  1.821   8.819   1.00 31.56 ? 69  ARG A CD  1 
ATOM   395  N  NE  . ARG A 1 72  ? 19.934  2.291   8.168   1.00 35.07 ? 69  ARG A NE  1 
ATOM   396  C  CZ  . ARG A 1 72  ? 20.881  3.007   8.774   1.00 33.49 ? 69  ARG A CZ  1 
ATOM   397  N  NH1 . ARG A 1 72  ? 20.749  3.336   10.055  1.00 33.57 ? 69  ARG A NH1 1 
ATOM   398  N  NH2 . ARG A 1 72  ? 21.956  3.402   8.103   1.00 30.68 ? 69  ARG A NH2 1 
ATOM   399  N  N   . ASP A 1 73  ? 14.236  2.010   6.349   1.00 23.00 ? 70  ASP A N   1 
ATOM   400  C  CA  . ASP A 1 73  ? 12.945  1.513   6.812   1.00 23.57 ? 70  ASP A CA  1 
ATOM   401  C  C   . ASP A 1 73  ? 12.329  0.580   5.766   1.00 24.49 ? 70  ASP A C   1 
ATOM   402  O  O   . ASP A 1 73  ? 11.809  -0.480  6.105   1.00 24.37 ? 70  ASP A O   1 
ATOM   403  C  CB  . ASP A 1 73  ? 11.992  2.664   7.157   1.00 23.87 ? 70  ASP A CB  1 
ATOM   404  C  CG  . ASP A 1 73  ? 12.399  3.401   8.422   1.00 29.39 ? 70  ASP A CG  1 
ATOM   405  O  OD1 . ASP A 1 73  ? 12.523  4.640   8.389   1.00 31.47 ? 70  ASP A OD1 1 
ATOM   406  O  OD2 . ASP A 1 73  ? 12.614  2.739   9.451   1.00 34.71 ? 70  ASP A OD2 1 
ATOM   407  N  N   . PHE A 1 74  ? 12.397  0.977   4.499   1.00 22.88 ? 71  PHE A N   1 
ATOM   408  C  CA  . PHE A 1 74  ? 11.899  0.148   3.404   1.00 23.09 ? 71  PHE A CA  1 
ATOM   409  C  C   . PHE A 1 74  ? 12.648  -1.185  3.330   1.00 30.11 ? 71  PHE A C   1 
ATOM   410  O  O   . PHE A 1 74  ? 12.032  -2.252  3.312   1.00 27.33 ? 71  PHE A O   1 
ATOM   411  C  CB  . PHE A 1 74  ? 12.006  0.885   2.066   1.00 22.42 ? 71  PHE A CB  1 
ATOM   412  C  CG  . PHE A 1 74  ? 11.435  0.118   0.900   1.00 23.11 ? 71  PHE A CG  1 
ATOM   413  C  CD1 . PHE A 1 74  ? 10.064  -0.014  0.743   1.00 24.41 ? 71  PHE A CD1 1 
ATOM   414  C  CD2 . PHE A 1 74  ? 12.269  -0.475  -0.033  1.00 27.84 ? 71  PHE A CD2 1 
ATOM   415  C  CE1 . PHE A 1 74  ? 9.537   -0.715  -0.326  1.00 24.51 ? 71  PHE A CE1 1 
ATOM   416  C  CE2 . PHE A 1 74  ? 11.745  -1.181  -1.108  1.00 32.61 ? 71  PHE A CE2 1 
ATOM   417  C  CZ  . PHE A 1 74  ? 10.378  -1.302  -1.250  1.00 28.34 ? 71  PHE A CZ  1 
ATOM   418  N  N   . ALA A 1 75  ? 13.977  -1.111  3.302   1.00 27.42 ? 72  ALA A N   1 
ATOM   419  C  CA  . ALA A 1 75  ? 14.818  -2.300  3.187   1.00 31.24 ? 72  ALA A CA  1 
ATOM   420  C  C   . ALA A 1 75  ? 14.538  -3.288  4.301   1.00 31.85 ? 72  ALA A C   1 
ATOM   421  O  O   . ALA A 1 75  ? 14.504  -4.492  4.075   1.00 36.76 ? 72  ALA A O   1 
ATOM   422  C  CB  . ALA A 1 75  ? 16.299  -1.917  3.195   1.00 31.99 ? 72  ALA A CB  1 
ATOM   423  N  N   . GLU A 1 76  ? 14.330  -2.772  5.505   1.00 26.94 ? 73  GLU A N   1 
ATOM   424  C  CA  . GLU A 1 76  ? 14.194  -3.620  6.677   1.00 28.92 ? 73  GLU A CA  1 
ATOM   425  C  C   . GLU A 1 76  ? 12.794  -4.198  6.881   1.00 34.65 ? 73  GLU A C   1 
ATOM   426  O  O   . GLU A 1 76  ? 12.612  -5.139  7.657   1.00 30.71 ? 73  GLU A O   1 
ATOM   427  C  CB  . GLU A 1 76  ? 14.625  -2.844  7.922   1.00 29.43 ? 73  GLU A CB  1 
ATOM   428  C  CG  . GLU A 1 76  ? 16.105  -2.488  7.913   1.00 37.39 ? 73  GLU A CG  1 
ATOM   429  C  CD  . GLU A 1 76  ? 16.572  -1.854  9.208   1.00 41.46 ? 73  GLU A CD  1 
ATOM   430  O  OE1 . GLU A 1 76  ? 17.795  -1.889  9.471   1.00 45.01 ? 73  GLU A OE1 1 
ATOM   431  O  OE2 . GLU A 1 76  ? 15.724  -1.323  9.959   1.00 40.85 ? 73  GLU A OE2 1 
ATOM   432  N  N   . MET A 1 77  ? 11.805  -3.640  6.191   1.00 32.43 ? 74  MET A N   1 
ATOM   433  C  CA  . MET A 1 77  ? 10.421  -4.035  6.426   1.00 29.90 ? 74  MET A CA  1 
ATOM   434  C  C   . MET A 1 77  ? 10.195  -5.505  6.077   1.00 29.14 ? 74  MET A C   1 
ATOM   435  O  O   . MET A 1 77  ? 9.575   -6.235  6.849   1.00 26.45 ? 74  MET A O   1 
ATOM   436  C  CB  . MET A 1 77  ? 9.447   -3.123  5.658   1.00 28.64 ? 74  MET A CB  1 
ATOM   437  C  CG  . MET A 1 77  ? 7.960   -3.433  5.871   1.00 27.43 ? 74  MET A CG  1 
ATOM   438  S  SD  . MET A 1 77  ? 7.446   -3.620  7.600   1.00 38.90 ? 74  MET A SD  1 
ATOM   439  C  CE  . MET A 1 77  ? 7.338   -1.912  8.100   1.00 35.19 ? 74  MET A CE  1 
ATOM   440  N  N   . SER A 1 78  ? 10.699  -5.946  4.928   1.00 23.54 ? 75  SER A N   1 
ATOM   441  C  CA  . SER A 1 78  ? 10.434  -7.325  4.498   1.00 32.70 ? 75  SER A CA  1 
ATOM   442  C  C   . SER A 1 78  ? 10.951  -8.367  5.502   1.00 32.87 ? 75  SER A C   1 
ATOM   443  O  O   . SER A 1 78  ? 10.295  -9.383  5.747   1.00 31.67 ? 75  SER A O   1 
ATOM   444  C  CB  . SER A 1 78  ? 10.980  -7.597  3.090   1.00 33.50 ? 75  SER A CB  1 
ATOM   445  O  OG  . SER A 1 78  ? 12.380  -7.781  3.110   1.00 37.33 ? 75  SER A OG  1 
ATOM   446  N  N   . SER A 1 79  ? 12.112  -8.098  6.095   1.00 29.30 ? 76  SER A N   1 
ATOM   447  C  CA  . SER A 1 79  ? 12.710  -9.006  7.076   1.00 28.02 ? 76  SER A CA  1 
ATOM   448  C  C   . SER A 1 79  ? 11.971  -9.037  8.415   1.00 28.67 ? 76  SER A C   1 
ATOM   449  O  O   . SER A 1 79  ? 12.245  -9.885  9.254   1.00 31.88 ? 76  SER A O   1 
ATOM   450  C  CB  . SER A 1 79  ? 14.174  -8.632  7.321   1.00 35.11 ? 76  SER A CB  1 
ATOM   451  O  OG  . SER A 1 79  ? 14.266  -7.452  8.104   1.00 37.42 ? 76  SER A OG  1 
ATOM   452  N  N   . GLN A 1 80  ? 11.032  -8.124  8.623   1.00 26.07 ? 77  GLN A N   1 
ATOM   453  C  CA  . GLN A 1 80  ? 10.288  -8.096  9.877   1.00 31.39 ? 77  GLN A CA  1 
ATOM   454  C  C   . GLN A 1 80  ? 8.895   -8.704  9.738   1.00 28.82 ? 77  GLN A C   1 
ATOM   455  O  O   . GLN A 1 80  ? 8.127   -8.718  10.694  1.00 29.17 ? 77  GLN A O   1 
ATOM   456  C  CB  . GLN A 1 80  ? 10.157  -6.658  10.385  1.00 30.81 ? 77  GLN A CB  1 
ATOM   457  C  CG  . GLN A 1 80  ? 11.474  -6.024  10.789  1.00 37.78 ? 77  GLN A CG  1 
ATOM   458  C  CD  . GLN A 1 80  ? 11.304  -4.573  11.209  1.00 52.59 ? 77  GLN A CD  1 
ATOM   459  O  OE1 . GLN A 1 80  ? 12.191  -3.743  11.000  1.00 56.37 ? 77  GLN A OE1 1 
ATOM   460  N  NE2 . GLN A 1 80  ? 10.150  -4.260  11.794  1.00 51.94 ? 77  GLN A NE2 1 
ATOM   461  N  N   . LEU A 1 81  ? 8.561   -9.181  8.542   1.00 23.39 ? 78  LEU A N   1 
ATOM   462  C  CA  . LEU A 1 81  ? 7.211   -9.673  8.272   1.00 25.94 ? 78  LEU A CA  1 
ATOM   463  C  C   . LEU A 1 81  ? 6.947   -11.069 8.859   1.00 25.65 ? 78  LEU A C   1 
ATOM   464  O  O   . LEU A 1 81  ? 5.882   -11.325 9.425   1.00 25.69 ? 78  LEU A O   1 
ATOM   465  C  CB  . LEU A 1 81  ? 6.938   -9.696  6.765   1.00 25.73 ? 78  LEU A CB  1 
ATOM   466  C  CG  . LEU A 1 81  ? 6.867   -8.359  6.029   1.00 27.18 ? 78  LEU A CG  1 
ATOM   467  C  CD1 . LEU A 1 81  ? 6.419   -8.585  4.596   1.00 24.81 ? 78  LEU A CD1 1 
ATOM   468  C  CD2 . LEU A 1 81  ? 5.929   -7.403  6.746   1.00 24.57 ? 78  LEU A CD2 1 
ATOM   469  N  N   . HIS A 1 82  ? 7.915   -11.964 8.693   1.00 23.15 ? 79  HIS A N   1 
ATOM   470  C  CA  . HIS A 1 82  ? 7.766   -13.370 9.080   1.00 27.46 ? 79  HIS A CA  1 
ATOM   471  C  C   . HIS A 1 82  ? 6.442   -13.971 8.590   1.00 25.76 ? 79  HIS A C   1 
ATOM   472  O  O   . HIS A 1 82  ? 5.721   -14.614 9.351   1.00 26.25 ? 79  HIS A O   1 
ATOM   473  C  CB  . HIS A 1 82  ? 7.926   -13.523 10.598  1.00 23.32 ? 79  HIS A CB  1 
ATOM   474  C  CG  . HIS A 1 82  ? 9.109   -12.785 11.147  1.00 25.48 ? 79  HIS A CG  1 
ATOM   475  N  ND1 . HIS A 1 82  ? 10.390  -12.976 10.675  1.00 25.24 ? 79  HIS A ND1 1 
ATOM   476  C  CD2 . HIS A 1 82  ? 9.201   -11.829 12.105  1.00 25.63 ? 79  HIS A CD2 1 
ATOM   477  C  CE1 . HIS A 1 82  ? 11.222  -12.183 11.324  1.00 26.08 ? 79  HIS A CE1 1 
ATOM   478  N  NE2 . HIS A 1 82  ? 10.524  -11.474 12.194  1.00 28.86 ? 79  HIS A NE2 1 
ATOM   479  N  N   . LEU A 1 83  ? 6.124   -13.768 7.315   1.00 24.45 ? 80  LEU A N   1 
ATOM   480  C  CA  . LEU A 1 83  ? 4.823   -14.205 6.795   1.00 25.67 ? 80  LEU A CA  1 
ATOM   481  C  C   . LEU A 1 83  ? 4.634   -15.718 6.872   1.00 21.04 ? 80  LEU A C   1 
ATOM   482  O  O   . LEU A 1 83  ? 5.542   -16.484 6.570   1.00 20.01 ? 80  LEU A O   1 
ATOM   483  C  CB  . LEU A 1 83  ? 4.617   -13.762 5.344   1.00 24.51 ? 80  LEU A CB  1 
ATOM   484  C  CG  . LEU A 1 83  ? 4.503   -12.272 5.049   1.00 27.33 ? 80  LEU A CG  1 
ATOM   485  C  CD1 . LEU A 1 83  ? 4.120   -12.068 3.586   1.00 29.67 ? 80  LEU A CD1 1 
ATOM   486  C  CD2 . LEU A 1 83  ? 3.502   -11.597 5.975   1.00 26.15 ? 80  LEU A CD2 1 
ATOM   487  N  N   . THR A 1 84  ? 3.441   -16.127 7.286   1.00 21.36 ? 81  THR A N   1 
ATOM   488  C  CA  . THR A 1 84  ? 3.007   -17.505 7.147   1.00 22.98 ? 81  THR A CA  1 
ATOM   489  C  C   . THR A 1 84  ? 1.564   -17.427 6.694   1.00 20.72 ? 81  THR A C   1 
ATOM   490  O  O   . THR A 1 84  ? 0.922   -16.381 6.841   1.00 20.21 ? 81  THR A O   1 
ATOM   491  C  CB  . THR A 1 84  ? 3.104   -18.287 8.474   1.00 19.57 ? 81  THR A CB  1 
ATOM   492  O  OG1 . THR A 1 84  ? 2.095   -17.822 9.380   1.00 24.42 ? 81  THR A OG1 1 
ATOM   493  C  CG2 . THR A 1 84  ? 4.472   -18.107 9.099   1.00 22.40 ? 81  THR A CG2 1 
ATOM   494  N  N   . PRO A 1 85  ? 1.040   -18.521 6.129   1.00 22.82 ? 82  PRO A N   1 
ATOM   495  C  CA  . PRO A 1 85  ? -0.336  -18.428 5.630   1.00 19.38 ? 82  PRO A CA  1 
ATOM   496  C  C   . PRO A 1 85  ? -1.320  -17.963 6.713   1.00 20.91 ? 82  PRO A C   1 
ATOM   497  O  O   . PRO A 1 85  ? -2.212  -17.172 6.428   1.00 20.92 ? 82  PRO A O   1 
ATOM   498  C  CB  . PRO A 1 85  ? -0.635  -19.857 5.177   1.00 20.61 ? 82  PRO A CB  1 
ATOM   499  C  CG  . PRO A 1 85  ? 0.723   -20.403 4.782   1.00 21.69 ? 82  PRO A CG  1 
ATOM   500  C  CD  . PRO A 1 85  ? 1.681   -19.807 5.784   1.00 22.21 ? 82  PRO A CD  1 
ATOM   501  N  N   . PHE A 1 86  ? -1.134  -18.422 7.946   1.00 19.81 ? 83  PHE A N   1 
ATOM   502  C  CA  . PHE A 1 86  ? -2.097  -18.151 9.008   1.00 21.52 ? 83  PHE A CA  1 
ATOM   503  C  C   . PHE A 1 86  ? -1.825  -16.869 9.800   1.00 23.18 ? 83  PHE A C   1 
ATOM   504  O  O   . PHE A 1 86  ? -2.731  -16.357 10.452  1.00 23.87 ? 83  PHE A O   1 
ATOM   505  C  CB  . PHE A 1 86  ? -2.199  -19.348 9.971   1.00 20.68 ? 83  PHE A CB  1 
ATOM   506  C  CG  . PHE A 1 86  ? -2.715  -20.616 9.325   1.00 20.85 ? 83  PHE A CG  1 
ATOM   507  C  CD1 . PHE A 1 86  ? -2.169  -21.846 9.649   1.00 21.17 ? 83  PHE A CD1 1 
ATOM   508  C  CD2 . PHE A 1 86  ? -3.749  -20.575 8.401   1.00 22.70 ? 83  PHE A CD2 1 
ATOM   509  C  CE1 . PHE A 1 86  ? -2.647  -23.021 9.068   1.00 22.45 ? 83  PHE A CE1 1 
ATOM   510  C  CE2 . PHE A 1 86  ? -4.224  -21.741 7.809   1.00 21.56 ? 83  PHE A CE2 1 
ATOM   511  C  CZ  . PHE A 1 86  ? -3.664  -22.963 8.143   1.00 21.74 ? 83  PHE A CZ  1 
ATOM   512  N  N   . THR A 1 87  ? -0.593  -16.351 9.759   1.00 21.63 ? 84  THR A N   1 
ATOM   513  C  CA  . THR A 1 87  ? -0.298  -15.104 10.479  1.00 23.71 ? 84  THR A CA  1 
ATOM   514  C  C   . THR A 1 87  ? -0.336  -13.829 9.621   1.00 22.97 ? 84  THR A C   1 
ATOM   515  O  O   . THR A 1 87  ? -0.311  -12.726 10.152  1.00 19.70 ? 84  THR A O   1 
ATOM   516  C  CB  . THR A 1 87  ? 1.057   -15.151 11.223  1.00 22.71 ? 84  THR A CB  1 
ATOM   517  O  OG1 . THR A 1 87  ? 2.121   -15.309 10.280  1.00 19.95 ? 84  THR A OG1 1 
ATOM   518  C  CG2 . THR A 1 87  ? 1.087   -16.312 12.225  1.00 22.88 ? 84  THR A CG2 1 
ATOM   519  N  N   . ALA A 1 88  ? -0.397  -13.974 8.303   1.00 19.89 ? 85  ALA A N   1 
ATOM   520  C  CA  . ALA A 1 88  ? -0.288  -12.799 7.433   1.00 21.61 ? 85  ALA A CA  1 
ATOM   521  C  C   . ALA A 1 88  ? -1.340  -11.728 7.718   1.00 22.92 ? 85  ALA A C   1 
ATOM   522  O  O   . ALA A 1 88  ? -1.034  -10.543 7.719   1.00 18.54 ? 85  ALA A O   1 
ATOM   523  C  CB  . ALA A 1 88  ? -0.325  -13.197 5.972   1.00 18.87 ? 85  ALA A CB  1 
ATOM   524  N  N   . ARG A 1 89  ? -2.576  -12.146 7.956   1.00 19.46 ? 86  ARG A N   1 
ATOM   525  C  CA  . ARG A 1 89  ? -3.649  -11.189 8.190   1.00 24.36 ? 86  ARG A CA  1 
ATOM   526  C  C   . ARG A 1 89  ? -3.377  -10.348 9.437   1.00 23.27 ? 86  ARG A C   1 
ATOM   527  O  O   . ARG A 1 89  ? -3.616  -9.136  9.451   1.00 22.93 ? 86  ARG A O   1 
ATOM   528  C  CB  . ARG A 1 89  ? -4.999  -11.908 8.320   1.00 24.24 ? 86  ARG A CB  1 
ATOM   529  C  CG  . ARG A 1 89  ? -6.198  -10.955 8.436   1.00 30.44 ? 86  ARG A CG  1 
ATOM   530  C  CD  . ARG A 1 89  ? -7.478  -11.704 8.809   1.00 39.69 ? 86  ARG A CD  1 
ATOM   531  N  NE  . ARG A 1 89  ? -8.250  -12.116 7.639   1.00 52.88 ? 86  ARG A NE  1 
ATOM   532  C  CZ  . ARG A 1 89  ? -9.406  -11.564 7.274   1.00 56.20 ? 86  ARG A CZ  1 
ATOM   533  N  NH1 . ARG A 1 89  ? -9.927  -10.579 7.994   1.00 57.76 ? 86  ARG A NH1 1 
ATOM   534  N  NH2 . ARG A 1 89  ? -10.045 -11.994 6.190   1.00 51.40 ? 86  ARG A NH2 1 
ATOM   535  N  N   . GLY A 1 90  ? -2.879  -11.003 10.478  1.00 21.52 ? 87  GLY A N   1 
ATOM   536  C  CA  . GLY A 1 90  ? -2.577  -10.343 11.732  1.00 25.12 ? 87  GLY A CA  1 
ATOM   537  C  C   . GLY A 1 90  ? -1.328  -9.483  11.651  1.00 24.53 ? 87  GLY A C   1 
ATOM   538  O  O   . GLY A 1 90  ? -1.234  -8.459  12.326  1.00 23.75 ? 87  GLY A O   1 
ATOM   539  N  N   . ARG A 1 91  ? -0.366  -9.891  10.826  1.00 21.23 ? 88  ARG A N   1 
ATOM   540  C  CA  . ARG A 1 91  ? 0.829   -9.080  10.626  1.00 18.97 ? 88  ARG A CA  1 
ATOM   541  C  C   . ARG A 1 91  ? 0.427   -7.775  9.950   1.00 21.48 ? 88  ARG A C   1 
ATOM   542  O  O   . ARG A 1 91  ? 0.830   -6.692  10.365  1.00 21.45 ? 88  ARG A O   1 
ATOM   543  C  CB  . ARG A 1 91  ? 1.859   -9.819  9.772   1.00 24.15 ? 88  ARG A CB  1 
ATOM   544  C  CG  . ARG A 1 91  ? 2.417   -11.072 10.425  1.00 29.22 ? 88  ARG A CG  1 
ATOM   545  C  CD  . ARG A 1 91  ? 3.141   -10.749 11.729  1.00 33.06 ? 88  ARG A CD  1 
ATOM   546  N  NE  . ARG A 1 91  ? 4.298   -9.876  11.520  1.00 28.75 ? 88  ARG A NE  1 
ATOM   547  C  CZ  . ARG A 1 91  ? 4.508   -8.745  12.183  1.00 32.79 ? 88  ARG A CZ  1 
ATOM   548  N  NH1 . ARG A 1 91  ? 3.645   -8.346  13.107  1.00 33.36 ? 88  ARG A NH1 1 
ATOM   549  N  NH2 . ARG A 1 91  ? 5.593   -8.021  11.936  1.00 36.86 ? 88  ARG A NH2 1 
ATOM   550  N  N   . PHE A 1 92  ? -0.372  -7.888  8.900   1.00 19.36 ? 89  PHE A N   1 
ATOM   551  C  CA  . PHE A 1 92  ? -0.898  -6.712  8.220   1.00 22.30 ? 89  PHE A CA  1 
ATOM   552  C  C   . PHE A 1 92  ? -1.620  -5.782  9.200   1.00 23.66 ? 89  PHE A C   1 
ATOM   553  O  O   . PHE A 1 92  ? -1.361  -4.578  9.228   1.00 21.08 ? 89  PHE A O   1 
ATOM   554  C  CB  . PHE A 1 92  ? -1.835  -7.144  7.094   1.00 21.40 ? 89  PHE A CB  1 
ATOM   555  C  CG  . PHE A 1 92  ? -2.427  -6.004  6.315   1.00 25.93 ? 89  PHE A CG  1 
ATOM   556  C  CD1 . PHE A 1 92  ? -1.830  -5.561  5.143   1.00 22.44 ? 89  PHE A CD1 1 
ATOM   557  C  CD2 . PHE A 1 92  ? -3.595  -5.391  6.740   1.00 21.22 ? 89  PHE A CD2 1 
ATOM   558  C  CE1 . PHE A 1 92  ? -2.384  -4.518  4.415   1.00 23.23 ? 89  PHE A CE1 1 
ATOM   559  C  CE2 . PHE A 1 92  ? -4.152  -4.350  6.020   1.00 24.99 ? 89  PHE A CE2 1 
ATOM   560  C  CZ  . PHE A 1 92  ? -3.547  -3.916  4.850   1.00 20.66 ? 89  PHE A CZ  1 
ATOM   561  N  N   . ALA A 1 93  ? -2.520  -6.340  10.008  1.00 22.78 ? 90  ALA A N   1 
ATOM   562  C  CA  . ALA A 1 93  ? -3.304  -5.528  10.941  1.00 25.10 ? 90  ALA A CA  1 
ATOM   563  C  C   . ALA A 1 93  ? -2.415  -4.828  11.960  1.00 23.66 ? 90  ALA A C   1 
ATOM   564  O  O   . ALA A 1 93  ? -2.679  -3.693  12.333  1.00 27.78 ? 90  ALA A O   1 
ATOM   565  C  CB  . ALA A 1 93  ? -4.372  -6.379  11.660  1.00 25.09 ? 90  ALA A CB  1 
ATOM   566  N  N   . THR A 1 94  ? -1.369  -5.513  12.404  1.00 23.02 ? 91  THR A N   1 
ATOM   567  C  CA  . THR A 1 94  ? -0.457  -4.972  13.409  1.00 25.83 ? 91  THR A CA  1 
ATOM   568  C  C   . THR A 1 94  ? 0.358   -3.784  12.901  1.00 25.87 ? 91  THR A C   1 
ATOM   569  O  O   . THR A 1 94  ? 0.476   -2.754  13.571  1.00 25.63 ? 91  THR A O   1 
ATOM   570  C  CB  . THR A 1 94  ? 0.515   -6.058  13.902  1.00 26.34 ? 91  THR A CB  1 
ATOM   571  O  OG1 . THR A 1 94  ? -0.211  -7.025  14.664  1.00 26.86 ? 91  THR A OG1 1 
ATOM   572  C  CG2 . THR A 1 94  ? 1.617   -5.456  14.768  1.00 27.80 ? 91  THR A CG2 1 
ATOM   573  N  N   . VAL A 1 95  ? 0.935   -3.929  11.719  1.00 24.16 ? 92  VAL A N   1 
ATOM   574  C  CA  . VAL A 1 95  ? 1.783   -2.874  11.179  1.00 22.65 ? 92  VAL A CA  1 
ATOM   575  C  C   . VAL A 1 95  ? 0.938   -1.649  10.846  1.00 26.01 ? 92  VAL A C   1 
ATOM   576  O  O   . VAL A 1 95  ? 1.340   -0.511  11.125  1.00 22.66 ? 92  VAL A O   1 
ATOM   577  C  CB  . VAL A 1 95  ? 2.567   -3.344  9.937   1.00 25.01 ? 92  VAL A CB  1 
ATOM   578  C  CG1 . VAL A 1 95  ? 3.393   -2.189  9.362   1.00 21.38 ? 92  VAL A CG1 1 
ATOM   579  C  CG2 . VAL A 1 95  ? 3.473   -4.524  10.301  1.00 19.81 ? 92  VAL A CG2 1 
ATOM   580  N  N   . VAL A 1 96  ? -0.243  -1.890  10.275  1.00 21.44 ? 93  VAL A N   1 
ATOM   581  C  CA  . VAL A 1 96  ? -1.137  -0.805  9.889   1.00 25.07 ? 93  VAL A CA  1 
ATOM   582  C  C   . VAL A 1 96  ? -1.686  -0.027  11.090  1.00 25.31 ? 93  VAL A C   1 
ATOM   583  O  O   . VAL A 1 96  ? -1.874  1.185   11.008  1.00 25.94 ? 93  VAL A O   1 
ATOM   584  C  CB  . VAL A 1 96  ? -2.283  -1.295  8.966   1.00 25.21 ? 93  VAL A CB  1 
ATOM   585  C  CG1 . VAL A 1 96  ? -3.334  -0.228  8.828   1.00 25.54 ? 93  VAL A CG1 1 
ATOM   586  C  CG2 . VAL A 1 96  ? -1.732  -1.671  7.585   1.00 22.38 ? 93  VAL A CG2 1 
ATOM   587  N  N   . GLU A 1 97  ? -1.936  -0.711  12.203  1.00 25.38 ? 94  GLU A N   1 
ATOM   588  C  CA  . GLU A 1 97  ? -2.345  -0.020  13.424  1.00 27.02 ? 94  GLU A CA  1 
ATOM   589  C  C   . GLU A 1 97  ? -1.237  0.913   13.891  1.00 27.16 ? 94  GLU A C   1 
ATOM   590  O  O   . GLU A 1 97  ? -1.491  2.060   14.273  1.00 25.44 ? 94  GLU A O   1 
ATOM   591  C  CB  . GLU A 1 97  ? -2.703  -1.009  14.540  1.00 29.19 ? 94  GLU A CB  1 
ATOM   592  C  CG  . GLU A 1 97  ? -3.292  -0.351  15.796  1.00 31.61 ? 94  GLU A CG  1 
ATOM   593  C  CD  . GLU A 1 97  ? -2.240  0.322   16.678  1.00 35.17 ? 94  GLU A CD  1 
ATOM   594  O  OE1 . GLU A 1 97  ? -1.095  -0.171  16.740  1.00 34.66 ? 94  GLU A OE1 1 
ATOM   595  O  OE2 . GLU A 1 97  ? -2.559  1.346   17.317  1.00 37.18 ? 94  GLU A OE2 1 
ATOM   596  N  N   . GLU A 1 98  ? -0.006  0.421   13.860  1.00 24.63 ? 95  GLU A N   1 
ATOM   597  C  CA  . GLU A 1 98  ? 1.121   1.237   14.277  1.00 30.55 ? 95  GLU A CA  1 
ATOM   598  C  C   . GLU A 1 98  ? 1.289   2.439   13.355  1.00 26.66 ? 95  GLU A C   1 
ATOM   599  O  O   . GLU A 1 98  ? 1.539   3.547   13.808  1.00 24.93 ? 95  GLU A O   1 
ATOM   600  C  CB  . GLU A 1 98  ? 2.413   0.423   14.326  1.00 27.39 ? 95  GLU A CB  1 
ATOM   601  C  CG  . GLU A 1 98  ? 3.609   1.240   14.811  1.00 34.36 ? 95  GLU A CG  1 
ATOM   602  C  CD  . GLU A 1 98  ? 4.924   0.505   14.648  1.00 42.76 ? 95  GLU A CD  1 
ATOM   603  O  OE1 . GLU A 1 98  ? 5.991   1.100   14.926  1.00 41.29 ? 95  GLU A OE1 1 
ATOM   604  O  OE2 . GLU A 1 98  ? 4.887   -0.670  14.232  1.00 45.55 ? 95  GLU A OE2 1 
ATOM   605  N  N   . LEU A 1 99  ? 1.138   2.212   12.057  1.00 23.90 ? 96  LEU A N   1 
ATOM   606  C  CA  . LEU A 1 99  ? 1.352   3.262   11.071  1.00 23.90 ? 96  LEU A CA  1 
ATOM   607  C  C   . LEU A 1 99  ? 0.428   4.447   11.305  1.00 25.26 ? 96  LEU A C   1 
ATOM   608  O  O   . LEU A 1 99  ? 0.851   5.597   11.203  1.00 26.79 ? 96  LEU A O   1 
ATOM   609  C  CB  . LEU A 1 99  ? 1.131   2.705   9.664   1.00 19.64 ? 96  LEU A CB  1 
ATOM   610  C  CG  . LEU A 1 99  ? 1.209   3.665   8.487   1.00 22.68 ? 96  LEU A CG  1 
ATOM   611  C  CD1 . LEU A 1 99  ? 2.548   4.417   8.470   1.00 19.16 ? 96  LEU A CD1 1 
ATOM   612  C  CD2 . LEU A 1 99  ? 0.992   2.897   7.181   1.00 19.04 ? 96  LEU A CD2 1 
ATOM   613  N  N   . PHE A 1 100 ? -0.833  4.161   11.623  1.00 24.66 ? 97  PHE A N   1 
ATOM   614  C  CA  . PHE A 1 100 ? -1.852  5.192   11.748  1.00 25.26 ? 97  PHE A CA  1 
ATOM   615  C  C   . PHE A 1 100 ? -2.204  5.533   13.199  1.00 27.29 ? 97  PHE A C   1 
ATOM   616  O  O   . PHE A 1 100 ? -3.172  6.242   13.457  1.00 27.88 ? 97  PHE A O   1 
ATOM   617  C  CB  . PHE A 1 100 ? -3.122  4.776   11.001  1.00 25.19 ? 97  PHE A CB  1 
ATOM   618  C  CG  . PHE A 1 100 ? -2.974  4.770   9.506   1.00 25.43 ? 97  PHE A CG  1 
ATOM   619  C  CD1 . PHE A 1 100 ? -2.956  3.573   8.801   1.00 22.81 ? 97  PHE A CD1 1 
ATOM   620  C  CD2 . PHE A 1 100 ? -2.849  5.963   8.804   1.00 20.70 ? 97  PHE A CD2 1 
ATOM   621  C  CE1 . PHE A 1 100 ? -2.819  3.563   7.413   1.00 20.93 ? 97  PHE A CE1 1 
ATOM   622  C  CE2 . PHE A 1 100 ? -2.713  5.961   7.418   1.00 23.44 ? 97  PHE A CE2 1 
ATOM   623  C  CZ  . PHE A 1 100 ? -2.696  4.759   6.723   1.00 20.60 ? 97  PHE A CZ  1 
ATOM   624  N  N   . ARG A 1 101 ? -1.411  5.044   14.140  1.00 26.39 ? 98  ARG A N   1 
ATOM   625  C  CA  . ARG A 1 101 ? -1.717  5.232   15.554  1.00 29.80 ? 98  ARG A CA  1 
ATOM   626  C  C   . ARG A 1 101 ? -1.975  6.699   15.925  1.00 31.35 ? 98  ARG A C   1 
ATOM   627  O  O   . ARG A 1 101 ? -2.899  6.998   16.674  1.00 32.61 ? 98  ARG A O   1 
ATOM   628  C  CB  . ARG A 1 101 ? -0.599  4.656   16.426  1.00 30.65 ? 98  ARG A CB  1 
ATOM   629  C  CG  . ARG A 1 101 ? -0.887  4.759   17.917  1.00 39.75 ? 98  ARG A CG  1 
ATOM   630  C  CD  . ARG A 1 101 ? 0.152   4.017   18.730  1.00 39.43 ? 98  ARG A CD  1 
ATOM   631  N  NE  . ARG A 1 101 ? 0.114   2.579   18.477  1.00 42.86 ? 98  ARG A NE  1 
ATOM   632  C  CZ  . ARG A 1 101 ? 1.142   1.762   18.682  1.00 44.07 ? 98  ARG A CZ  1 
ATOM   633  N  NH1 . ARG A 1 101 ? 2.288   2.252   19.136  1.00 45.32 ? 98  ARG A NH1 1 
ATOM   634  N  NH2 . ARG A 1 101 ? 1.030   0.463   18.422  1.00 38.16 ? 98  ARG A NH2 1 
ATOM   635  N  N   . ASP A 1 102 ? -1.164  7.608   15.392  1.00 28.45 ? 99  ASP A N   1 
ATOM   636  C  CA  . ASP A 1 102 ? -1.278  9.029   15.734  1.00 33.53 ? 99  ASP A CA  1 
ATOM   637  C  C   . ASP A 1 102 ? -2.165  9.803   14.766  1.00 30.55 ? 99  ASP A C   1 
ATOM   638  O  O   . ASP A 1 102 ? -2.157  11.029  14.759  1.00 32.21 ? 99  ASP A O   1 
ATOM   639  C  CB  . ASP A 1 102 ? 0.106   9.685   15.785  1.00 33.52 ? 99  ASP A CB  1 
ATOM   640  C  CG  . ASP A 1 102 ? 0.968   9.128   16.899  1.00 39.16 ? 99  ASP A CG  1 
ATOM   641  O  OD1 . ASP A 1 102 ? 0.411   8.479   17.811  1.00 45.19 ? 99  ASP A OD1 1 
ATOM   642  O  OD2 . ASP A 1 102 ? 2.199   9.335   16.862  1.00 46.82 ? 99  ASP A OD2 1 
ATOM   643  N  N   . GLY A 1 103 ? -2.916  9.088   13.938  1.00 28.62 ? 100 GLY A N   1 
ATOM   644  C  CA  . GLY A 1 103 ? -3.825  9.744   13.020  1.00 27.84 ? 100 GLY A CA  1 
ATOM   645  C  C   . GLY A 1 103 ? -3.418  9.580   11.570  1.00 28.89 ? 100 GLY A C   1 
ATOM   646  O  O   . GLY A 1 103 ? -2.367  9.021   11.258  1.00 23.86 ? 100 GLY A O   1 
ATOM   647  N  N   . VAL A 1 104 ? -4.262  10.089  10.682  1.00 28.41 ? 101 VAL A N   1 
ATOM   648  C  CA  . VAL A 1 104 ? -4.097  9.892   9.254   1.00 28.17 ? 101 VAL A CA  1 
ATOM   649  C  C   . VAL A 1 104 ? -3.563  11.141  8.585   1.00 24.96 ? 101 VAL A C   1 
ATOM   650  O  O   . VAL A 1 104 ? -3.909  12.249  8.969   1.00 29.95 ? 101 VAL A O   1 
ATOM   651  C  CB  . VAL A 1 104 ? -5.449  9.542   8.596   1.00 25.60 ? 101 VAL A CB  1 
ATOM   652  C  CG1 . VAL A 1 104 ? -5.304  9.468   7.076   1.00 23.02 ? 101 VAL A CG1 1 
ATOM   653  C  CG2 . VAL A 1 104 ? -5.986  8.243   9.153   1.00 26.90 ? 101 VAL A CG2 1 
ATOM   654  N  N   . ASN A 1 105 ? -2.706  10.954  7.586   1.00 27.14 ? 102 ASN A N   1 
ATOM   655  C  CA  . ASN A 1 105 ? -2.314  12.027  6.686   1.00 21.01 ? 102 ASN A CA  1 
ATOM   656  C  C   . ASN A 1 105 ? -1.868  11.422  5.363   1.00 21.54 ? 102 ASN A C   1 
ATOM   657  O  O   . ASN A 1 105 ? -1.734  10.200  5.261   1.00 20.96 ? 102 ASN A O   1 
ATOM   658  C  CB  . ASN A 1 105 ? -1.233  12.924  7.307   1.00 25.97 ? 102 ASN A CB  1 
ATOM   659  C  CG  . ASN A 1 105 ? 0.022   12.164  7.674   1.00 26.53 ? 102 ASN A CG  1 
ATOM   660  O  OD1 . ASN A 1 105 ? 0.542   11.378  6.880   1.00 24.39 ? 102 ASN A OD1 1 
ATOM   661  N  ND2 . ASN A 1 105 ? 0.531   12.408  8.884   1.00 27.37 ? 102 ASN A ND2 1 
ATOM   662  N  N   . TRP A 1 106 ? -1.659  12.254  4.345   1.00 18.80 ? 103 TRP A N   1 
ATOM   663  C  CA  . TRP A 1 106 ? -1.352  11.724  3.016   1.00 21.37 ? 103 TRP A CA  1 
ATOM   664  C  C   . TRP A 1 106 ? -0.076  10.866  3.026   1.00 21.00 ? 103 TRP A C   1 
ATOM   665  O  O   . TRP A 1 106 ? -0.026  9.820   2.389   1.00 20.49 ? 103 TRP A O   1 
ATOM   666  C  CB  . TRP A 1 106 ? -1.242  12.843  1.972   1.00 19.83 ? 103 TRP A CB  1 
ATOM   667  C  CG  . TRP A 1 106 ? -2.559  13.462  1.573   1.00 23.35 ? 103 TRP A CG  1 
ATOM   668  C  CD1 . TRP A 1 106 ? -2.920  14.778  1.706   1.00 21.96 ? 103 TRP A CD1 1 
ATOM   669  C  CD2 . TRP A 1 106 ? -3.686  12.796  0.978   1.00 21.47 ? 103 TRP A CD2 1 
ATOM   670  N  NE1 . TRP A 1 106 ? -4.197  14.967  1.227   1.00 23.18 ? 103 TRP A NE1 1 
ATOM   671  C  CE2 . TRP A 1 106 ? -4.690  13.769  0.778   1.00 22.56 ? 103 TRP A CE2 1 
ATOM   672  C  CE3 . TRP A 1 106 ? -3.944  11.473  0.595   1.00 23.01 ? 103 TRP A CE3 1 
ATOM   673  C  CZ2 . TRP A 1 106 ? -5.933  13.459  0.211   1.00 20.96 ? 103 TRP A CZ2 1 
ATOM   674  C  CZ3 . TRP A 1 106 ? -5.181  11.170  0.035   1.00 19.98 ? 103 TRP A CZ3 1 
ATOM   675  C  CH2 . TRP A 1 106 ? -6.155  12.160  -0.157  1.00 20.60 ? 103 TRP A CH2 1 
ATOM   676  N  N   . GLY A 1 107 ? 0.947   11.309  3.753   1.00 21.24 ? 104 GLY A N   1 
ATOM   677  C  CA  . GLY A 1 107 ? 2.201   10.569  3.827   1.00 21.39 ? 104 GLY A CA  1 
ATOM   678  C  C   . GLY A 1 107 ? 2.048   9.156   4.379   1.00 19.11 ? 104 GLY A C   1 
ATOM   679  O  O   . GLY A 1 107 ? 2.626   8.204   3.859   1.00 16.78 ? 104 GLY A O   1 
ATOM   680  N  N   . ARG A 1 108 ? 1.265   9.019   5.442   1.00 17.36 ? 105 ARG A N   1 
ATOM   681  C  CA  . ARG A 1 108 ? 1.001   7.708   6.018   1.00 18.78 ? 105 ARG A CA  1 
ATOM   682  C  C   . ARG A 1 108 ? 0.144   6.829   5.106   1.00 19.16 ? 105 ARG A C   1 
ATOM   683  O  O   . ARG A 1 108 ? 0.297   5.616   5.089   1.00 18.33 ? 105 ARG A O   1 
ATOM   684  C  CB  . ARG A 1 108 ? 0.366   7.855   7.398   1.00 17.99 ? 105 ARG A CB  1 
ATOM   685  C  CG  . ARG A 1 108 ? 1.311   8.483   8.408   1.00 21.84 ? 105 ARG A CG  1 
ATOM   686  C  CD  . ARG A 1 108 ? 0.636   8.752   9.739   1.00 18.49 ? 105 ARG A CD  1 
ATOM   687  N  NE  . ARG A 1 108 ? 1.587   9.322   10.684  1.00 22.21 ? 105 ARG A NE  1 
ATOM   688  C  CZ  . ARG A 1 108 ? 1.252   10.110  11.706  1.00 34.25 ? 105 ARG A CZ  1 
ATOM   689  N  NH1 . ARG A 1 108 ? -0.024  10.420  11.929  1.00 24.30 ? 105 ARG A NH1 1 
ATOM   690  N  NH2 . ARG A 1 108 ? 2.195   10.594  12.505  1.00 29.67 ? 105 ARG A NH2 1 
ATOM   691  N  N   . ILE A 1 109 ? -0.753  7.443   4.348   1.00 16.89 ? 106 ILE A N   1 
ATOM   692  C  CA  . ILE A 1 109 ? -1.520  6.697   3.366   1.00 20.11 ? 106 ILE A CA  1 
ATOM   693  C  C   . ILE A 1 109 ? -0.599  6.126   2.277   1.00 19.75 ? 106 ILE A C   1 
ATOM   694  O  O   . ILE A 1 109 ? -0.735  4.958   1.906   1.00 21.34 ? 106 ILE A O   1 
ATOM   695  C  CB  . ILE A 1 109 ? -2.662  7.554   2.770   1.00 20.74 ? 106 ILE A CB  1 
ATOM   696  C  CG1 . ILE A 1 109 ? -3.736  7.798   3.843   1.00 17.59 ? 106 ILE A CG1 1 
ATOM   697  C  CG2 . ILE A 1 109 ? -3.256  6.875   1.524   1.00 17.02 ? 106 ILE A CG2 1 
ATOM   698  C  CD1 . ILE A 1 109 ? -4.899  8.703   3.390   1.00 19.05 ? 106 ILE A CD1 1 
ATOM   699  N  N   . VAL A 1 110 ? 0.349   6.929   1.788   1.00 19.10 ? 107 VAL A N   1 
ATOM   700  C  CA  . VAL A 1 110 ? 1.312   6.431   0.805   1.00 18.72 ? 107 VAL A CA  1 
ATOM   701  C  C   . VAL A 1 110 ? 2.133   5.278   1.404   1.00 17.03 ? 107 VAL A C   1 
ATOM   702  O  O   . VAL A 1 110 ? 2.340   4.252   0.757   1.00 17.68 ? 107 VAL A O   1 
ATOM   703  C  CB  . VAL A 1 110 ? 2.243   7.547   0.241   1.00 19.22 ? 107 VAL A CB  1 
ATOM   704  C  CG1 . VAL A 1 110 ? 3.345   6.950   -0.628  1.00 17.88 ? 107 VAL A CG1 1 
ATOM   705  C  CG2 . VAL A 1 110 ? 1.448   8.570   -0.580  1.00 16.55 ? 107 VAL A CG2 1 
ATOM   706  N  N   . ALA A 1 111 ? 2.577   5.441   2.647   1.00 15.36 ? 108 ALA A N   1 
ATOM   707  C  CA  . ALA A 1 111 ? 3.345   4.401   3.331   1.00 17.10 ? 108 ALA A CA  1 
ATOM   708  C  C   . ALA A 1 111 ? 2.526   3.113   3.486   1.00 17.71 ? 108 ALA A C   1 
ATOM   709  O  O   . ALA A 1 111 ? 3.068   2.009   3.447   1.00 16.24 ? 108 ALA A O   1 
ATOM   710  C  CB  . ALA A 1 111 ? 3.805   4.897   4.688   1.00 15.18 ? 108 ALA A CB  1 
ATOM   711  N  N   . PHE A 1 112 ? 1.219   3.275   3.673   1.00 17.03 ? 109 PHE A N   1 
ATOM   712  C  CA  . PHE A 1 112 ? 0.280   2.153   3.771   1.00 19.13 ? 109 PHE A CA  1 
ATOM   713  C  C   . PHE A 1 112 ? 0.269   1.357   2.461   1.00 17.24 ? 109 PHE A C   1 
ATOM   714  O  O   . PHE A 1 112 ? 0.370   0.133   2.475   1.00 17.44 ? 109 PHE A O   1 
ATOM   715  C  CB  . PHE A 1 112 ? -1.109  2.687   4.160   1.00 17.18 ? 109 PHE A CB  1 
ATOM   716  C  CG  . PHE A 1 112 ? -2.266  1.764   3.849   1.00 17.78 ? 109 PHE A CG  1 
ATOM   717  C  CD1 . PHE A 1 112 ? -2.704  0.834   4.778   1.00 18.10 ? 109 PHE A CD1 1 
ATOM   718  C  CD2 . PHE A 1 112 ? -2.969  1.891   2.661   1.00 18.07 ? 109 PHE A CD2 1 
ATOM   719  C  CE1 . PHE A 1 112 ? -3.791  0.011   4.507   1.00 21.22 ? 109 PHE A CE1 1 
ATOM   720  C  CE2 . PHE A 1 112 ? -4.064  1.066   2.383   1.00 20.09 ? 109 PHE A CE2 1 
ATOM   721  C  CZ  . PHE A 1 112 ? -4.470  0.130   3.304   1.00 17.56 ? 109 PHE A CZ  1 
ATOM   722  N  N   . PHE A 1 113 ? 0.172   2.056   1.334   1.00 16.19 ? 110 PHE A N   1 
ATOM   723  C  CA  . PHE A 1 113 ? 0.268   1.394   0.034   1.00 18.61 ? 110 PHE A CA  1 
ATOM   724  C  C   . PHE A 1 113 ? 1.623   0.710   -0.163  1.00 17.67 ? 110 PHE A C   1 
ATOM   725  O  O   . PHE A 1 113 ? 1.689   -0.424  -0.639  1.00 18.93 ? 110 PHE A O   1 
ATOM   726  C  CB  . PHE A 1 113 ? -0.029  2.384   -1.101  1.00 17.55 ? 110 PHE A CB  1 
ATOM   727  C  CG  . PHE A 1 113 ? -1.499  2.621   -1.316  1.00 20.52 ? 110 PHE A CG  1 
ATOM   728  C  CD1 . PHE A 1 113 ? -2.161  3.644   -0.650  1.00 18.99 ? 110 PHE A CD1 1 
ATOM   729  C  CD2 . PHE A 1 113 ? -2.226  1.799   -2.164  1.00 18.81 ? 110 PHE A CD2 1 
ATOM   730  C  CE1 . PHE A 1 113 ? -3.520  3.850   -0.845  1.00 22.26 ? 110 PHE A CE1 1 
ATOM   731  C  CE2 . PHE A 1 113 ? -3.585  1.999   -2.355  1.00 19.34 ? 110 PHE A CE2 1 
ATOM   732  C  CZ  . PHE A 1 113 ? -4.232  3.020   -1.698  1.00 18.00 ? 110 PHE A CZ  1 
ATOM   733  N  N   . GLU A 1 114 ? 2.699   1.391   0.222   1.00 16.29 ? 111 GLU A N   1 
ATOM   734  C  CA  . GLU A 1 114 ? 4.038   0.816   0.124   1.00 17.88 ? 111 GLU A CA  1 
ATOM   735  C  C   . GLU A 1 114 ? 4.167   -0.422  0.992   1.00 17.14 ? 111 GLU A C   1 
ATOM   736  O  O   . GLU A 1 114 ? 4.758   -1.417  0.575   1.00 18.74 ? 111 GLU A O   1 
ATOM   737  C  CB  . GLU A 1 114 ? 5.110   1.854   0.480   1.00 17.78 ? 111 GLU A CB  1 
ATOM   738  C  CG  . GLU A 1 114 ? 5.433   2.773   -0.678  1.00 17.35 ? 111 GLU A CG  1 
ATOM   739  C  CD  . GLU A 1 114 ? 6.080   2.014   -1.809  1.00 18.04 ? 111 GLU A CD  1 
ATOM   740  O  OE1 . GLU A 1 114 ? 5.556   2.039   -2.942  1.00 20.80 ? 111 GLU A OE1 1 
ATOM   741  O  OE2 . GLU A 1 114 ? 7.107   1.369   -1.558  1.00 18.97 ? 111 GLU A OE2 1 
ATOM   742  N  N   . PHE A 1 115 ? 3.595   -0.378  2.192   1.00 17.64 ? 112 PHE A N   1 
ATOM   743  C  CA  . PHE A 1 115 ? 3.583   -1.561  3.049   1.00 19.53 ? 112 PHE A CA  1 
ATOM   744  C  C   . PHE A 1 115 ? 2.845   -2.742  2.399   1.00 18.05 ? 112 PHE A C   1 
ATOM   745  O  O   . PHE A 1 115 ? 3.338   -3.865  2.401   1.00 16.82 ? 112 PHE A O   1 
ATOM   746  C  CB  . PHE A 1 115 ? 2.986   -1.264  4.425   1.00 18.19 ? 112 PHE A CB  1 
ATOM   747  C  CG  . PHE A 1 115 ? 2.810   -2.492  5.269   1.00 18.10 ? 112 PHE A CG  1 
ATOM   748  C  CD1 . PHE A 1 115 ? 3.914   -3.183  5.736   1.00 18.63 ? 112 PHE A CD1 1 
ATOM   749  C  CD2 . PHE A 1 115 ? 1.545   -2.967  5.579   1.00 18.98 ? 112 PHE A CD2 1 
ATOM   750  C  CE1 . PHE A 1 115 ? 3.763   -4.334  6.507   1.00 22.21 ? 112 PHE A CE1 1 
ATOM   751  C  CE2 . PHE A 1 115 ? 1.388   -4.112  6.348   1.00 22.29 ? 112 PHE A CE2 1 
ATOM   752  C  CZ  . PHE A 1 115 ? 2.508   -4.799  6.807   1.00 17.22 ? 112 PHE A CZ  1 
ATOM   753  N  N   . GLY A 1 116 ? 1.668   -2.478  1.843   1.00 17.72 ? 113 GLY A N   1 
ATOM   754  C  CA  . GLY A 1 116 ? 0.929   -3.506  1.135   1.00 17.77 ? 113 GLY A CA  1 
ATOM   755  C  C   . GLY A 1 116 ? 1.764   -4.075  0.008   1.00 17.66 ? 113 GLY A C   1 
ATOM   756  O  O   . GLY A 1 116 ? 1.737   -5.286  -0.252  1.00 17.46 ? 113 GLY A O   1 
ATOM   757  N  N   . GLY A 1 117 ? 2.518   -3.203  -0.663  1.00 15.62 ? 114 GLY A N   1 
ATOM   758  C  CA  . GLY A 1 117 ? 3.390   -3.622  -1.743  1.00 16.32 ? 114 GLY A CA  1 
ATOM   759  C  C   . GLY A 1 117 ? 4.451   -4.601  -1.259  1.00 18.58 ? 114 GLY A C   1 
ATOM   760  O  O   . GLY A 1 117 ? 4.661   -5.649  -1.865  1.00 17.82 ? 114 GLY A O   1 
ATOM   761  N  N   . VAL A 1 118 ? 5.132   -4.244  -0.173  1.00 17.57 ? 115 VAL A N   1 
ATOM   762  C  CA  . VAL A 1 118 ? 6.151   -5.099  0.424   1.00 14.64 ? 115 VAL A CA  1 
ATOM   763  C  C   . VAL A 1 118 ? 5.565   -6.462  0.818   1.00 17.42 ? 115 VAL A C   1 
ATOM   764  O  O   . VAL A 1 118 ? 6.182   -7.495  0.596   1.00 16.83 ? 115 VAL A O   1 
ATOM   765  C  CB  . VAL A 1 118 ? 6.794   -4.425  1.658   1.00 17.38 ? 115 VAL A CB  1 
ATOM   766  C  CG1 . VAL A 1 118 ? 7.594   -5.423  2.469   1.00 19.92 ? 115 VAL A CG1 1 
ATOM   767  C  CG2 . VAL A 1 118 ? 7.683   -3.245  1.221   1.00 18.61 ? 115 VAL A CG2 1 
ATOM   768  N  N   . MET A 1 119 ? 4.370   -6.459  1.401   1.00 15.57 ? 116 MET A N   1 
ATOM   769  C  CA  . MET A 1 119 ? 3.698   -7.706  1.777   1.00 18.06 ? 116 MET A CA  1 
ATOM   770  C  C   . MET A 1 119 ? 3.466   -8.593  0.558   1.00 15.75 ? 116 MET A C   1 
ATOM   771  O  O   . MET A 1 119 ? 3.640   -9.809  0.623   1.00 16.29 ? 116 MET A O   1 
ATOM   772  C  CB  . MET A 1 119 ? 2.338   -7.407  2.413   1.00 18.96 ? 116 MET A CB  1 
ATOM   773  C  CG  . MET A 1 119 ? 2.404   -6.693  3.732   1.00 23.57 ? 116 MET A CG  1 
ATOM   774  S  SD  . MET A 1 119 ? 2.297   -7.807  5.145   1.00 39.10 ? 116 MET A SD  1 
ATOM   775  C  CE  . MET A 1 119 ? 0.890   -8.843  4.749   1.00 24.19 ? 116 MET A CE  1 
ATOM   776  N  N   . CYS A 1 120 ? 3.052   -7.984  -0.547  1.00 13.55 ? 117 CYS A N   1 
ATOM   777  C  CA  . CYS A 1 120 ? 2.726   -8.766  -1.735  1.00 17.01 ? 117 CYS A CA  1 
ATOM   778  C  C   . CYS A 1 120 ? 3.987   -9.342  -2.364  1.00 16.85 ? 117 CYS A C   1 
ATOM   779  O  O   . CYS A 1 120 ? 4.036   -10.530 -2.703  1.00 16.22 ? 117 CYS A O   1 
ATOM   780  C  CB  . CYS A 1 120 ? 1.953   -7.930  -2.748  1.00 14.21 ? 117 CYS A CB  1 
ATOM   781  S  SG  . CYS A 1 120 ? 0.273   -7.548  -2.230  1.00 16.23 ? 117 CYS A SG  1 
ATOM   782  N  N   . VAL A 1 121 ? 5.005   -8.500  -2.517  1.00 15.70 ? 118 VAL A N   1 
ATOM   783  C  CA  . VAL A 1 121 ? 6.302   -8.954  -3.021  1.00 16.62 ? 118 VAL A CA  1 
ATOM   784  C  C   . VAL A 1 121 ? 6.859   -10.089 -2.162  1.00 16.83 ? 118 VAL A C   1 
ATOM   785  O  O   . VAL A 1 121 ? 7.318   -11.111 -2.677  1.00 17.74 ? 118 VAL A O   1 
ATOM   786  C  CB  . VAL A 1 121 ? 7.327   -7.806  -3.067  1.00 18.48 ? 118 VAL A CB  1 
ATOM   787  C  CG1 . VAL A 1 121 ? 8.735   -8.346  -3.419  1.00 19.64 ? 118 VAL A CG1 1 
ATOM   788  C  CG2 . VAL A 1 121 ? 6.881   -6.729  -4.060  1.00 18.17 ? 118 VAL A CG2 1 
ATOM   789  N  N   . GLU A 1 122 ? 6.825   -9.923  -0.846  1.00 17.07 ? 119 GLU A N   1 
ATOM   790  C  CA  . GLU A 1 122 ? 7.338   -10.977 0.027   1.00 18.37 ? 119 GLU A CA  1 
ATOM   791  C  C   . GLU A 1 122 ? 6.510   -12.259 -0.148  1.00 18.92 ? 119 GLU A C   1 
ATOM   792  O  O   . GLU A 1 122 ? 7.051   -13.355 -0.190  1.00 18.81 ? 119 GLU A O   1 
ATOM   793  C  CB  . GLU A 1 122 ? 7.353   -10.521 1.488   1.00 16.17 ? 119 GLU A CB  1 
ATOM   794  C  CG  . GLU A 1 122 ? 7.825   -11.579 2.476   1.00 22.78 ? 119 GLU A CG  1 
ATOM   795  C  CD  . GLU A 1 122 ? 9.333   -11.813 2.431   1.00 30.89 ? 119 GLU A CD  1 
ATOM   796  O  OE1 . GLU A 1 122 ? 9.842   -12.517 3.318   1.00 31.26 ? 119 GLU A OE1 1 
ATOM   797  O  OE2 . GLU A 1 122 ? 10.015  -11.293 1.516   1.00 31.85 ? 119 GLU A OE2 1 
ATOM   798  N  N   . SER A 1 123 ? 5.195   -12.118 -0.272  1.00 16.41 ? 120 SER A N   1 
ATOM   799  C  CA  . SER A 1 123 ? 4.347   -13.287 -0.466  1.00 17.20 ? 120 SER A CA  1 
ATOM   800  C  C   . SER A 1 123 ? 4.751   -14.069 -1.717  1.00 20.74 ? 120 SER A C   1 
ATOM   801  O  O   . SER A 1 123 ? 4.909   -15.280 -1.673  1.00 15.93 ? 120 SER A O   1 
ATOM   802  C  CB  . SER A 1 123 ? 2.881   -12.872 -0.568  1.00 18.59 ? 120 SER A CB  1 
ATOM   803  O  OG  . SER A 1 123 ? 2.419   -12.385 0.679   1.00 18.19 ? 120 SER A OG  1 
ATOM   804  N  N   . VAL A 1 124 ? 4.916   -13.367 -2.834  1.00 19.86 ? 121 VAL A N   1 
ATOM   805  C  CA  . VAL A 1 124 ? 5.220   -14.031 -4.090  1.00 18.28 ? 121 VAL A CA  1 
ATOM   806  C  C   . VAL A 1 124 ? 6.627   -14.632 -4.032  1.00 20.01 ? 121 VAL A C   1 
ATOM   807  O  O   . VAL A 1 124 ? 6.857   -15.740 -4.513  1.00 22.08 ? 121 VAL A O   1 
ATOM   808  C  CB  . VAL A 1 124 ? 5.042   -13.078 -5.305  1.00 17.82 ? 121 VAL A CB  1 
ATOM   809  C  CG1 . VAL A 1 124 ? 5.485   -13.762 -6.578  1.00 19.79 ? 121 VAL A CG1 1 
ATOM   810  C  CG2 . VAL A 1 124 ? 3.582   -12.645 -5.433  1.00 17.82 ? 121 VAL A CG2 1 
ATOM   811  N  N   . ASN A 1 125 ? 7.554   -13.905 -3.411  1.00 18.09 ? 122 ASN A N   1 
ATOM   812  C  CA  . ASN A 1 125 ? 8.924   -14.372 -3.254  1.00 20.80 ? 122 ASN A CA  1 
ATOM   813  C  C   . ASN A 1 125 ? 9.009   -15.649 -2.425  1.00 23.21 ? 122 ASN A C   1 
ATOM   814  O  O   . ASN A 1 125 ? 9.816   -16.524 -2.708  1.00 23.35 ? 122 ASN A O   1 
ATOM   815  C  CB  . ASN A 1 125 ? 9.798   -13.279 -2.624  1.00 20.25 ? 122 ASN A CB  1 
ATOM   816  C  CG  . ASN A 1 125 ? 11.265  -13.680 -2.526  1.00 28.93 ? 122 ASN A CG  1 
ATOM   817  O  OD1 . ASN A 1 125 ? 11.918  -13.981 -3.531  1.00 36.11 ? 122 ASN A OD1 1 
ATOM   818  N  ND2 . ASN A 1 125 ? 11.794  -13.670 -1.316  1.00 30.51 ? 122 ASN A ND2 1 
ATOM   819  N  N   . ARG A 1 126 ? 8.179   -15.748 -1.393  1.00 21.12 ? 123 ARG A N   1 
ATOM   820  C  CA  . ARG A 1 126 ? 8.179   -16.920 -0.517  1.00 21.83 ? 123 ARG A CA  1 
ATOM   821  C  C   . ARG A 1 126 ? 7.241   -18.034 -0.999  1.00 20.60 ? 123 ARG A C   1 
ATOM   822  O  O   . ARG A 1 126 ? 6.892   -18.920 -0.229  1.00 19.55 ? 123 ARG A O   1 
ATOM   823  C  CB  . ARG A 1 126 ? 7.788   -16.512 0.910   1.00 22.53 ? 123 ARG A CB  1 
ATOM   824  C  CG  . ARG A 1 126 ? 8.737   -15.511 1.559   1.00 29.50 ? 123 ARG A CG  1 
ATOM   825  C  CD  . ARG A 1 126 ? 10.004  -16.210 2.037   1.00 39.68 ? 123 ARG A CD  1 
ATOM   826  N  NE  . ARG A 1 126 ? 11.100  -15.271 2.271   1.00 51.57 ? 123 ARG A NE  1 
ATOM   827  C  CZ  . ARG A 1 126 ? 12.392  -15.592 2.198   1.00 58.72 ? 123 ARG A CZ  1 
ATOM   828  N  NH1 . ARG A 1 126 ? 12.755  -16.832 1.886   1.00 54.48 ? 123 ARG A NH1 1 
ATOM   829  N  NH2 . ARG A 1 126 ? 13.320  -14.668 2.430   1.00 57.00 ? 123 ARG A NH2 1 
ATOM   830  N  N   . GLU A 1 127 ? 6.827   -17.984 -2.259  1.00 16.16 ? 124 GLU A N   1 
ATOM   831  C  CA  . GLU A 1 127 ? 5.967   -19.023 -2.822  1.00 18.35 ? 124 GLU A CA  1 
ATOM   832  C  C   . GLU A 1 127 ? 4.629   -19.087 -2.076  1.00 19.45 ? 124 GLU A C   1 
ATOM   833  O  O   . GLU A 1 127 ? 4.058   -20.158 -1.867  1.00 19.18 ? 124 GLU A O   1 
ATOM   834  C  CB  . GLU A 1 127 ? 6.680   -20.396 -2.833  1.00 18.91 ? 124 GLU A CB  1 
ATOM   835  C  CG  . GLU A 1 127 ? 8.106   -20.335 -3.417  1.00 19.75 ? 124 GLU A CG  1 
ATOM   836  C  CD  . GLU A 1 127 ? 8.811   -21.692 -3.492  1.00 24.69 ? 124 GLU A CD  1 
ATOM   837  O  OE1 . GLU A 1 127 ? 10.034  -21.713 -3.772  1.00 23.92 ? 124 GLU A OE1 1 
ATOM   838  O  OE2 . GLU A 1 127 ? 8.154   -22.732 -3.271  1.00 22.31 ? 124 GLU A OE2 1 
ATOM   839  N  N   . MET A 1 128 ? 4.129   -17.916 -1.693  1.00 18.90 ? 125 MET A N   1 
ATOM   840  C  CA  . MET A 1 128 ? 2.823   -17.802 -1.058  1.00 20.29 ? 125 MET A CA  1 
ATOM   841  C  C   . MET A 1 128 ? 1.945   -16.811 -1.831  1.00 20.45 ? 125 MET A C   1 
ATOM   842  O  O   . MET A 1 128 ? 1.238   -15.994 -1.242  1.00 16.68 ? 125 MET A O   1 
ATOM   843  C  CB  . MET A 1 128 ? 2.978   -17.376 0.403   1.00 18.04 ? 125 MET A CB  1 
ATOM   844  C  CG  . MET A 1 128 ? 3.686   -18.419 1.264   1.00 20.63 ? 125 MET A CG  1 
ATOM   845  S  SD  . MET A 1 128 ? 3.817   -17.933 3.009   1.00 27.51 ? 125 MET A SD  1 
ATOM   846  C  CE  . MET A 1 128 ? 4.816   -16.472 2.924   1.00 30.87 ? 125 MET A CE  1 
ATOM   847  N  N   . SER A 1 129 ? 2.001   -16.901 -3.158  1.00 17.50 ? 126 SER A N   1 
ATOM   848  C  CA  . SER A 1 129 ? 1.257   -16.004 -4.030  1.00 19.26 ? 126 SER A CA  1 
ATOM   849  C  C   . SER A 1 129 ? -0.236  -15.893 -3.714  1.00 19.74 ? 126 SER A C   1 
ATOM   850  O  O   . SER A 1 129 ? -0.824  -14.830 -3.897  1.00 20.26 ? 126 SER A O   1 
ATOM   851  C  CB  . SER A 1 129 ? 1.457   -16.392 -5.498  1.00 19.62 ? 126 SER A CB  1 
ATOM   852  O  OG  . SER A 1 129 ? 2.804   -16.174 -5.876  1.00 21.95 ? 126 SER A OG  1 
ATOM   853  N  N   . PRO A 1 130 ? -0.857  -16.984 -3.246  1.00 19.03 ? 127 PRO A N   1 
ATOM   854  C  CA  . PRO A 1 130 ? -2.285  -16.848 -2.928  1.00 18.92 ? 127 PRO A CA  1 
ATOM   855  C  C   . PRO A 1 130 ? -2.565  -15.786 -1.861  1.00 22.92 ? 127 PRO A C   1 
ATOM   856  O  O   . PRO A 1 130 ? -3.703  -15.335 -1.761  1.00 20.18 ? 127 PRO A O   1 
ATOM   857  C  CB  . PRO A 1 130 ? -2.670  -18.246 -2.445  1.00 18.56 ? 127 PRO A CB  1 
ATOM   858  C  CG  . PRO A 1 130 ? -1.698  -19.158 -3.180  1.00 20.43 ? 127 PRO A CG  1 
ATOM   859  C  CD  . PRO A 1 130 ? -0.407  -18.387 -3.189  1.00 17.31 ? 127 PRO A CD  1 
ATOM   860  N  N   . LEU A 1 131 ? -1.556  -15.364 -1.100  1.00 18.70 ? 128 LEU A N   1 
ATOM   861  C  CA  . LEU A 1 131 ? -1.775  -14.270 -0.142  1.00 18.16 ? 128 LEU A CA  1 
ATOM   862  C  C   . LEU A 1 131 ? -2.054  -12.934 -0.828  1.00 20.60 ? 128 LEU A C   1 
ATOM   863  O  O   . LEU A 1 131 ? -2.705  -12.058 -0.255  1.00 20.09 ? 128 LEU A O   1 
ATOM   864  C  CB  . LEU A 1 131 ? -0.587  -14.113 0.810   1.00 17.73 ? 128 LEU A CB  1 
ATOM   865  C  CG  . LEU A 1 131 ? -0.427  -15.152 1.919   1.00 18.72 ? 128 LEU A CG  1 
ATOM   866  C  CD1 . LEU A 1 131 ? 0.844   -14.852 2.735   1.00 19.54 ? 128 LEU A CD1 1 
ATOM   867  C  CD2 . LEU A 1 131 ? -1.673  -15.172 2.819   1.00 20.22 ? 128 LEU A CD2 1 
ATOM   868  N  N   . VAL A 1 132 ? -1.563  -12.768 -2.051  1.00 17.97 ? 129 VAL A N   1 
ATOM   869  C  CA  . VAL A 1 132 ? -1.710  -11.481 -2.731  1.00 20.30 ? 129 VAL A CA  1 
ATOM   870  C  C   . VAL A 1 132 ? -3.165  -11.012 -2.829  1.00 24.59 ? 129 VAL A C   1 
ATOM   871  O  O   . VAL A 1 132 ? -3.464  -9.848  -2.556  1.00 22.56 ? 129 VAL A O   1 
ATOM   872  C  CB  . VAL A 1 132 ? -1.048  -11.485 -4.125  1.00 22.85 ? 129 VAL A CB  1 
ATOM   873  C  CG1 . VAL A 1 132 ? -1.353  -10.184 -4.869  1.00 21.27 ? 129 VAL A CG1 1 
ATOM   874  C  CG2 . VAL A 1 132 ? 0.454   -11.691 -3.988  1.00 19.24 ? 129 VAL A CG2 1 
ATOM   875  N  N   . ASP A 1 133 ? -4.072  -11.910 -3.204  1.00 22.36 ? 130 ASP A N   1 
ATOM   876  C  CA  . ASP A 1 133 ? -5.485  -11.554 -3.286  1.00 22.59 ? 130 ASP A CA  1 
ATOM   877  C  C   . ASP A 1 133 ? -6.043  -11.168 -1.919  1.00 24.12 ? 130 ASP A C   1 
ATOM   878  O  O   . ASP A 1 133 ? -6.928  -10.320 -1.821  1.00 21.34 ? 130 ASP A O   1 
ATOM   879  C  CB  . ASP A 1 133 ? -6.309  -12.711 -3.858  1.00 28.79 ? 130 ASP A CB  1 
ATOM   880  C  CG  . ASP A 1 133 ? -6.078  -12.922 -5.346  1.00 32.98 ? 130 ASP A CG  1 
ATOM   881  O  OD1 . ASP A 1 133 ? -5.746  -11.942 -6.055  1.00 35.84 ? 130 ASP A OD1 1 
ATOM   882  O  OD2 . ASP A 1 133 ? -6.231  -14.073 -5.806  1.00 40.07 ? 130 ASP A OD2 1 
ATOM   883  N  N   . ASN A 1 134 ? -5.541  -11.818 -0.874  1.00 21.12 ? 131 ASN A N   1 
ATOM   884  C  CA  . ASN A 1 134 ? -6.009  -11.564 0.479   1.00 21.70 ? 131 ASN A CA  1 
ATOM   885  C  C   . ASN A 1 134 ? -5.557  -10.198 0.946   1.00 23.76 ? 131 ASN A C   1 
ATOM   886  O  O   . ASN A 1 134 ? -6.324  -9.446  1.558   1.00 23.40 ? 131 ASN A O   1 
ATOM   887  C  CB  . ASN A 1 134 ? -5.483  -12.622 1.450   1.00 19.80 ? 131 ASN A CB  1 
ATOM   888  C  CG  . ASN A 1 134 ? -6.143  -13.976 1.262   1.00 32.17 ? 131 ASN A CG  1 
ATOM   889  O  OD1 . ASN A 1 134 ? -7.210  -14.088 0.656   1.00 33.56 ? 131 ASN A OD1 1 
ATOM   890  N  ND2 . ASN A 1 134 ? -5.512  -15.012 1.792   1.00 34.34 ? 131 ASN A ND2 1 
ATOM   891  N  N   . ILE A 1 135 ? -4.295  -9.889  0.666   1.00 19.94 ? 132 ILE A N   1 
ATOM   892  C  CA  . ILE A 1 135 ? -3.724  -8.603  1.031   1.00 19.40 ? 132 ILE A CA  1 
ATOM   893  C  C   . ILE A 1 135 ? -4.477  -7.494  0.309   1.00 22.33 ? 132 ILE A C   1 
ATOM   894  O  O   . ILE A 1 135 ? -4.820  -6.476  0.908   1.00 20.44 ? 132 ILE A O   1 
ATOM   895  C  CB  . ILE A 1 135 ? -2.228  -8.540  0.679   1.00 21.88 ? 132 ILE A CB  1 
ATOM   896  C  CG1 . ILE A 1 135 ? -1.439  -9.551  1.517   1.00 19.47 ? 132 ILE A CG1 1 
ATOM   897  C  CG2 . ILE A 1 135 ? -1.675  -7.130  0.884   1.00 17.25 ? 132 ILE A CG2 1 
ATOM   898  C  CD1 . ILE A 1 135 ? -0.150  -10.004 0.856   1.00 17.03 ? 132 ILE A CD1 1 
ATOM   899  N  N   . ALA A 1 136 ? -4.745  -7.688  -0.981  1.00 20.69 ? 133 ALA A N   1 
ATOM   900  C  CA  . ALA A 1 136 ? -5.484  -6.687  -1.737  1.00 19.16 ? 133 ALA A CA  1 
ATOM   901  C  C   . ALA A 1 136 ? -6.841  -6.441  -1.078  1.00 23.58 ? 133 ALA A C   1 
ATOM   902  O  O   . ALA A 1 136 ? -7.320  -5.304  -1.000  1.00 21.46 ? 133 ALA A O   1 
ATOM   903  C  CB  . ALA A 1 136 ? -5.659  -7.118  -3.190  1.00 22.57 ? 133 ALA A CB  1 
ATOM   904  N  N   . LEU A 1 137 ? -7.455  -7.515  -0.595  1.00 23.23 ? 134 LEU A N   1 
ATOM   905  C  CA  . LEU A 1 137 ? -8.732  -7.416  0.097   1.00 22.66 ? 134 LEU A CA  1 
ATOM   906  C  C   . LEU A 1 137 ? -8.596  -6.644  1.408   1.00 23.01 ? 134 LEU A C   1 
ATOM   907  O  O   . LEU A 1 137 ? -9.390  -5.746  1.694   1.00 22.90 ? 134 LEU A O   1 
ATOM   908  C  CB  . LEU A 1 137 ? -9.308  -8.817  0.361   1.00 24.54 ? 134 LEU A CB  1 
ATOM   909  C  CG  . LEU A 1 137 ? -10.696 -8.844  0.991   1.00 30.08 ? 134 LEU A CG  1 
ATOM   910  C  CD1 . LEU A 1 137 ? -11.691 -8.136  0.086   1.00 35.52 ? 134 LEU A CD1 1 
ATOM   911  C  CD2 . LEU A 1 137 ? -11.144 -10.275 1.281   1.00 35.19 ? 134 LEU A CD2 1 
ATOM   912  N  N   . TRP A 1 138 ? -7.586  -6.977  2.206   1.00 21.33 ? 135 TRP A N   1 
ATOM   913  C  CA  . TRP A 1 138 ? -7.383  -6.263  3.468   1.00 24.44 ? 135 TRP A CA  1 
ATOM   914  C  C   . TRP A 1 138 ? -7.088  -4.775  3.243   1.00 21.69 ? 135 TRP A C   1 
ATOM   915  O  O   . TRP A 1 138 ? -7.572  -3.923  3.987   1.00 21.88 ? 135 TRP A O   1 
ATOM   916  C  CB  . TRP A 1 138 ? -6.279  -6.904  4.319   1.00 20.49 ? 135 TRP A CB  1 
ATOM   917  C  CG  . TRP A 1 138 ? -6.420  -8.384  4.459   1.00 23.97 ? 135 TRP A CG  1 
ATOM   918  C  CD1 . TRP A 1 138 ? -7.588  -9.101  4.488   1.00 26.43 ? 135 TRP A CD1 1 
ATOM   919  C  CD2 . TRP A 1 138 ? -5.357  -9.342  4.607   1.00 22.82 ? 135 TRP A CD2 1 
ATOM   920  N  NE1 . TRP A 1 138 ? -7.313  -10.441 4.633   1.00 27.59 ? 135 TRP A NE1 1 
ATOM   921  C  CE2 . TRP A 1 138 ? -5.953  -10.616 4.703   1.00 24.79 ? 135 TRP A CE2 1 
ATOM   922  C  CE3 . TRP A 1 138 ? -3.957  -9.242  4.650   1.00 18.34 ? 135 TRP A CE3 1 
ATOM   923  C  CZ2 . TRP A 1 138 ? -5.202  -11.788 4.848   1.00 27.62 ? 135 TRP A CZ2 1 
ATOM   924  C  CZ3 . TRP A 1 138 ? -3.206  -10.411 4.792   1.00 20.44 ? 135 TRP A CZ3 1 
ATOM   925  C  CH2 . TRP A 1 138 ? -3.834  -11.666 4.889   1.00 22.75 ? 135 TRP A CH2 1 
ATOM   926  N  N   . MET A 1 139 ? -6.308  -4.454  2.218   1.00 20.06 ? 136 MET A N   1 
ATOM   927  C  CA  . MET A 1 139 ? -6.028  -3.049  1.927   1.00 20.45 ? 136 MET A CA  1 
ATOM   928  C  C   . MET A 1 139 ? -7.317  -2.328  1.530   1.00 23.99 ? 136 MET A C   1 
ATOM   929  O  O   . MET A 1 139 ? -7.588  -1.209  1.976   1.00 22.17 ? 136 MET A O   1 
ATOM   930  C  CB  . MET A 1 139 ? -5.004  -2.918  0.801   1.00 17.76 ? 136 MET A CB  1 
ATOM   931  C  CG  . MET A 1 139 ? -3.588  -3.374  1.172   1.00 17.03 ? 136 MET A CG  1 
ATOM   932  S  SD  . MET A 1 139 ? -2.493  -3.374  -0.258  1.00 18.57 ? 136 MET A SD  1 
ATOM   933  C  CE  . MET A 1 139 ? -2.273  -1.609  -0.533  1.00 16.79 ? 136 MET A CE  1 
ATOM   934  N  N   . THR A 1 140 ? -8.104  -2.972  0.678   1.00 21.17 ? 137 THR A N   1 
ATOM   935  C  CA  . THR A 1 140 ? -9.344  -2.375  0.207   1.00 22.01 ? 137 THR A CA  1 
ATOM   936  C  C   . THR A 1 140 ? -10.296 -2.127  1.371   1.00 24.09 ? 137 THR A C   1 
ATOM   937  O  O   . THR A 1 140 ? -10.897 -1.062  1.478   1.00 24.55 ? 137 THR A O   1 
ATOM   938  C  CB  . THR A 1 140 ? -10.028 -3.254  -0.852  1.00 24.99 ? 137 THR A CB  1 
ATOM   939  O  OG1 . THR A 1 140 ? -9.204  -3.302  -2.024  1.00 25.07 ? 137 THR A OG1 1 
ATOM   940  C  CG2 . THR A 1 140 ? -11.412 -2.679  -1.224  1.00 24.51 ? 137 THR A CG2 1 
ATOM   941  N  N   . GLU A 1 141 ? -10.416 -3.109  2.252   1.00 24.73 ? 138 GLU A N   1 
ATOM   942  C  CA  . GLU A 1 141 ? -11.311 -2.983  3.389   1.00 27.27 ? 138 GLU A CA  1 
ATOM   943  C  C   . GLU A 1 141 ? -10.822 -1.887  4.339   1.00 28.77 ? 138 GLU A C   1 
ATOM   944  O  O   . GLU A 1 141 ? -11.612 -1.095  4.841   1.00 22.85 ? 138 GLU A O   1 
ATOM   945  C  CB  . GLU A 1 141 ? -11.477 -4.331  4.096   1.00 28.05 ? 138 GLU A CB  1 
ATOM   946  C  CG  . GLU A 1 141 ? -12.169 -5.368  3.196   1.00 32.34 ? 138 GLU A CG  1 
ATOM   947  C  CD  . GLU A 1 141 ? -12.421 -6.717  3.871   1.00 40.29 ? 138 GLU A CD  1 
ATOM   948  O  OE1 . GLU A 1 141 ? -13.290 -7.471  3.379   1.00 46.19 ? 138 GLU A OE1 1 
ATOM   949  O  OE2 . GLU A 1 141 ? -11.756 -7.031  4.880   1.00 43.76 ? 138 GLU A OE2 1 
ATOM   950  N  N   . TYR A 1 142 ? -9.518  -1.814  4.568   1.00 21.86 ? 139 TYR A N   1 
ATOM   951  C  CA  . TYR A 1 142 ? -9.011  -0.755  5.435   1.00 22.49 ? 139 TYR A CA  1 
ATOM   952  C  C   . TYR A 1 142 ? -9.287  0.632   4.838   1.00 25.16 ? 139 TYR A C   1 
ATOM   953  O  O   . TYR A 1 142 ? -9.693  1.539   5.543   1.00 24.06 ? 139 TYR A O   1 
ATOM   954  C  CB  . TYR A 1 142 ? -7.523  -0.938  5.755   1.00 22.54 ? 139 TYR A CB  1 
ATOM   955  C  CG  . TYR A 1 142 ? -7.075  -0.077  6.910   1.00 24.93 ? 139 TYR A CG  1 
ATOM   956  C  CD1 . TYR A 1 142 ? -7.111  -0.556  8.212   1.00 28.48 ? 139 TYR A CD1 1 
ATOM   957  C  CD2 . TYR A 1 142 ? -6.625  1.222   6.703   1.00 22.89 ? 139 TYR A CD2 1 
ATOM   958  C  CE1 . TYR A 1 142 ? -6.706  0.232   9.279   1.00 27.43 ? 139 TYR A CE1 1 
ATOM   959  C  CE2 . TYR A 1 142 ? -6.223  2.020   7.765   1.00 24.52 ? 139 TYR A CE2 1 
ATOM   960  C  CZ  . TYR A 1 142 ? -6.269  1.520   9.048   1.00 27.36 ? 139 TYR A CZ  1 
ATOM   961  O  OH  . TYR A 1 142 ? -5.873  2.307   10.106  1.00 31.25 ? 139 TYR A OH  1 
ATOM   962  N  N   . LEU A 1 143 ? -9.077  0.779   3.533   1.00 22.46 ? 140 LEU A N   1 
ATOM   963  C  CA  . LEU A 1 143 ? -9.405  2.017   2.831   1.00 24.98 ? 140 LEU A CA  1 
ATOM   964  C  C   . LEU A 1 143 ? -10.873 2.401   3.033   1.00 30.23 ? 140 LEU A C   1 
ATOM   965  O  O   . LEU A 1 143 ? -11.192 3.519   3.453   1.00 26.93 ? 140 LEU A O   1 
ATOM   966  C  CB  . LEU A 1 143 ? -9.160  1.864   1.327   1.00 25.35 ? 140 LEU A CB  1 
ATOM   967  C  CG  . LEU A 1 143 ? -7.947  2.414   0.567   1.00 34.19 ? 140 LEU A CG  1 
ATOM   968  C  CD1 . LEU A 1 143 ? -7.445  3.755   1.116   1.00 26.14 ? 140 LEU A CD1 1 
ATOM   969  C  CD2 . LEU A 1 143 ? -6.832  1.397   0.482   1.00 29.11 ? 140 LEU A CD2 1 
ATOM   970  N  N   . ASN A 1 144 ? -11.760 1.468   2.697   1.00 28.62 ? 141 ASN A N   1 
ATOM   971  C  CA  . ASN A 1 144 ? -13.202 1.696   2.769   1.00 30.81 ? 141 ASN A CA  1 
ATOM   972  C  C   . ASN A 1 144 ? -13.687 2.018   4.171   1.00 31.73 ? 141 ASN A C   1 
ATOM   973  O  O   . ASN A 1 144 ? -14.542 2.875   4.353   1.00 34.81 ? 141 ASN A O   1 
ATOM   974  C  CB  . ASN A 1 144 ? -13.960 0.474   2.255   1.00 29.13 ? 141 ASN A CB  1 
ATOM   975  C  CG  . ASN A 1 144 ? -13.903 0.354   0.761   1.00 32.50 ? 141 ASN A CG  1 
ATOM   976  O  OD1 . ASN A 1 144 ? -13.697 1.340   0.061   1.00 33.71 ? 141 ASN A OD1 1 
ATOM   977  N  ND2 . ASN A 1 144 ? -14.089 -0.859  0.256   1.00 31.71 ? 141 ASN A ND2 1 
ATOM   978  N  N   . ARG A 1 145 ? -13.141 1.323   5.162   1.00 29.10 ? 142 ARG A N   1 
ATOM   979  C  CA  . ARG A 1 145 ? -13.648 1.428   6.525   1.00 30.27 ? 142 ARG A CA  1 
ATOM   980  C  C   . ARG A 1 145 ? -12.949 2.481   7.376   1.00 35.19 ? 142 ARG A C   1 
ATOM   981  O  O   . ARG A 1 145 ? -13.572 3.105   8.234   1.00 35.02 ? 142 ARG A O   1 
ATOM   982  C  CB  . ARG A 1 145 ? -13.578 0.066   7.221   1.00 32.57 ? 142 ARG A CB  1 
ATOM   983  C  CG  . ARG A 1 145 ? -14.500 -0.970  6.591   1.00 43.77 ? 142 ARG A CG  1 
ATOM   984  C  CD  . ARG A 1 145 ? -14.026 -2.401  6.833   1.00 52.03 ? 142 ARG A CD  1 
ATOM   985  N  NE  . ARG A 1 145 ? -14.981 -3.372  6.301   1.00 57.13 ? 142 ARG A NE  1 
ATOM   986  C  CZ  . ARG A 1 145 ? -14.781 -4.685  6.258   1.00 60.44 ? 142 ARG A CZ  1 
ATOM   987  N  NH1 . ARG A 1 145 ? -13.645 -5.205  6.713   1.00 59.55 ? 142 ARG A NH1 1 
ATOM   988  N  NH2 . ARG A 1 145 ? -15.720 -5.479  5.756   1.00 63.10 ? 142 ARG A NH2 1 
ATOM   989  N  N   . HIS A 1 146 ? -11.659 2.686   7.144   1.00 30.25 ? 143 HIS A N   1 
ATOM   990  C  CA  . HIS A 1 146 ? -10.884 3.505   8.059   1.00 28.48 ? 143 HIS A CA  1 
ATOM   991  C  C   . HIS A 1 146 ? -10.225 4.739   7.469   1.00 28.36 ? 143 HIS A C   1 
ATOM   992  O  O   . HIS A 1 146 ? -9.855  5.641   8.214   1.00 30.40 ? 143 HIS A O   1 
ATOM   993  C  CB  . HIS A 1 146 ? -9.868  2.648   8.808   1.00 30.57 ? 143 HIS A CB  1 
ATOM   994  C  CG  . HIS A 1 146 ? -10.499 1.616   9.686   1.00 39.89 ? 143 HIS A CG  1 
ATOM   995  N  ND1 . HIS A 1 146 ? -11.176 1.935   10.841  1.00 43.87 ? 143 HIS A ND1 1 
ATOM   996  C  CD2 . HIS A 1 146 ? -10.570 0.267   9.566   1.00 36.98 ? 143 HIS A CD2 1 
ATOM   997  C  CE1 . HIS A 1 146 ? -11.632 0.828   11.404  1.00 45.09 ? 143 HIS A CE1 1 
ATOM   998  N  NE2 . HIS A 1 146 ? -11.279 -0.195  10.649  1.00 46.94 ? 143 HIS A NE2 1 
ATOM   999  N  N   . LEU A 1 147 ? -10.068 4.795   6.150   1.00 27.46 ? 144 LEU A N   1 
ATOM   1000 C  CA  . LEU A 1 147 ? -9.428  5.964   5.547   1.00 27.17 ? 144 LEU A CA  1 
ATOM   1001 C  C   . LEU A 1 147 ? -10.383 6.799   4.700   1.00 30.08 ? 144 LEU A C   1 
ATOM   1002 O  O   . LEU A 1 147 ? -10.104 7.961   4.404   1.00 26.34 ? 144 LEU A O   1 
ATOM   1003 C  CB  . LEU A 1 147 ? -8.220  5.553   4.704   1.00 23.13 ? 144 LEU A CB  1 
ATOM   1004 C  CG  . LEU A 1 147 ? -7.138  4.753   5.424   1.00 25.92 ? 144 LEU A CG  1 
ATOM   1005 C  CD1 . LEU A 1 147 ? -6.069  4.289   4.425   1.00 23.68 ? 144 LEU A CD1 1 
ATOM   1006 C  CD2 . LEU A 1 147 ? -6.522  5.590   6.544   1.00 25.81 ? 144 LEU A CD2 1 
ATOM   1007 N  N   . HIS A 1 148 ? -11.505 6.202   4.314   1.00 27.54 ? 145 HIS A N   1 
ATOM   1008 C  CA  . HIS A 1 148 ? -12.440 6.840   3.393   1.00 27.72 ? 145 HIS A CA  1 
ATOM   1009 C  C   . HIS A 1 148 ? -12.919 8.199   3.890   1.00 27.55 ? 145 HIS A C   1 
ATOM   1010 O  O   . HIS A 1 148 ? -12.979 9.174   3.135   1.00 30.72 ? 145 HIS A O   1 
ATOM   1011 C  CB  . HIS A 1 148 ? -13.647 5.932   3.166   1.00 35.01 ? 145 HIS A CB  1 
ATOM   1012 C  CG  . HIS A 1 148 ? -14.741 6.578   2.386   1.00 34.94 ? 145 HIS A CG  1 
ATOM   1013 N  ND1 . HIS A 1 148 ? -14.645 6.822   1.033   1.00 38.03 ? 145 HIS A ND1 1 
ATOM   1014 C  CD2 . HIS A 1 148 ? -15.954 7.046   2.767   1.00 40.01 ? 145 HIS A CD2 1 
ATOM   1015 C  CE1 . HIS A 1 148 ? -15.752 7.405   0.613   1.00 40.20 ? 145 HIS A CE1 1 
ATOM   1016 N  NE2 . HIS A 1 148 ? -16.563 7.553   1.646   1.00 39.08 ? 145 HIS A NE2 1 
ATOM   1017 N  N   . THR A 1 149 ? -13.260 8.257   5.168   1.00 28.14 ? 146 THR A N   1 
ATOM   1018 C  CA  . THR A 1 149 ? -13.783 9.481   5.747   1.00 35.65 ? 146 THR A CA  1 
ATOM   1019 C  C   . THR A 1 149 ? -12.729 10.578  5.796   1.00 34.77 ? 146 THR A C   1 
ATOM   1020 O  O   . THR A 1 149 ? -12.999 11.717  5.403   1.00 34.42 ? 146 THR A O   1 
ATOM   1021 C  CB  . THR A 1 149 ? -14.376 9.232   7.138   1.00 34.64 ? 146 THR A CB  1 
ATOM   1022 O  OG1 . THR A 1 149 ? -15.526 8.394   6.998   1.00 37.26 ? 146 THR A OG1 1 
ATOM   1023 C  CG2 . THR A 1 149 ? -14.788 10.549  7.794   1.00 36.77 ? 146 THR A CG2 1 
ATOM   1024 N  N   . TRP A 1 150 ? -11.529 10.242  6.263   1.00 29.62 ? 147 TRP A N   1 
ATOM   1025 C  CA  . TRP A 1 150 ? -10.467 11.231  6.295   1.00 26.67 ? 147 TRP A CA  1 
ATOM   1026 C  C   . TRP A 1 150 ? -10.205 11.741  4.882   1.00 27.93 ? 147 TRP A C   1 
ATOM   1027 O  O   . TRP A 1 150 ? -10.066 12.939  4.652   1.00 27.81 ? 147 TRP A O   1 
ATOM   1028 C  CB  . TRP A 1 150 ? -9.185  10.668  6.912   1.00 25.61 ? 147 TRP A CB  1 
ATOM   1029 C  CG  . TRP A 1 150 ? -8.127  11.717  7.023   1.00 24.94 ? 147 TRP A CG  1 
ATOM   1030 C  CD1 . TRP A 1 150 ? -7.860  12.502  8.107   1.00 26.38 ? 147 TRP A CD1 1 
ATOM   1031 C  CD2 . TRP A 1 150 ? -7.213  12.120  5.999   1.00 23.47 ? 147 TRP A CD2 1 
ATOM   1032 N  NE1 . TRP A 1 150 ? -6.828  13.366  7.825   1.00 27.75 ? 147 TRP A NE1 1 
ATOM   1033 C  CE2 . TRP A 1 150 ? -6.412  13.152  6.537   1.00 25.96 ? 147 TRP A CE2 1 
ATOM   1034 C  CE3 . TRP A 1 150 ? -6.988  11.708  4.682   1.00 20.84 ? 147 TRP A CE3 1 
ATOM   1035 C  CZ2 . TRP A 1 150 ? -5.405  13.778  5.801   1.00 24.47 ? 147 TRP A CZ2 1 
ATOM   1036 C  CZ3 . TRP A 1 150 ? -5.992  12.332  3.954   1.00 21.58 ? 147 TRP A CZ3 1 
ATOM   1037 C  CH2 . TRP A 1 150 ? -5.212  13.356  4.514   1.00 24.12 ? 147 TRP A CH2 1 
ATOM   1038 N  N   . ILE A 1 151 ? -10.161 10.824  3.925   1.00 27.33 ? 148 ILE A N   1 
ATOM   1039 C  CA  . ILE A 1 151 ? -9.862  11.201  2.555   1.00 22.63 ? 148 ILE A CA  1 
ATOM   1040 C  C   . ILE A 1 151 ? -10.896 12.188  2.007   1.00 31.37 ? 148 ILE A C   1 
ATOM   1041 O  O   . ILE A 1 151 ? -10.535 13.206  1.404   1.00 27.01 ? 148 ILE A O   1 
ATOM   1042 C  CB  . ILE A 1 151 ? -9.733  9.963   1.640   1.00 26.64 ? 148 ILE A CB  1 
ATOM   1043 C  CG1 . ILE A 1 151 ? -8.479  9.153   2.016   1.00 25.26 ? 148 ILE A CG1 1 
ATOM   1044 C  CG2 . ILE A 1 151 ? -9.685  10.386  0.184   1.00 24.67 ? 148 ILE A CG2 1 
ATOM   1045 C  CD1 . ILE A 1 151 ? -8.355  7.808   1.292   1.00 25.57 ? 148 ILE A CD1 1 
ATOM   1046 N  N   . GLN A 1 152 ? -12.176 11.896  2.228   1.00 30.32 ? 149 GLN A N   1 
ATOM   1047 C  CA  . GLN A 1 152 ? -13.243 12.787  1.757   1.00 35.22 ? 149 GLN A CA  1 
ATOM   1048 C  C   . GLN A 1 152 ? -13.249 14.136  2.483   1.00 29.77 ? 149 GLN A C   1 
ATOM   1049 O  O   . GLN A 1 152 ? -13.530 15.166  1.873   1.00 32.21 ? 149 GLN A O   1 
ATOM   1050 C  CB  . GLN A 1 152 ? -14.617 12.115  1.871   1.00 32.14 ? 149 GLN A CB  1 
ATOM   1051 C  CG  . GLN A 1 152 ? -14.759 10.860  1.022   1.00 40.73 ? 149 GLN A CG  1 
ATOM   1052 C  CD  . GLN A 1 152 ? -14.260 11.059  -0.400  1.00 47.07 ? 149 GLN A CD  1 
ATOM   1053 O  OE1 . GLN A 1 152 ? -14.697 11.970  -1.106  1.00 50.92 ? 149 GLN A OE1 1 
ATOM   1054 N  NE2 . GLN A 1 152 ? -13.341 10.199  -0.829  1.00 52.99 ? 149 GLN A NE2 1 
ATOM   1055 N  N   . ASP A 1 153 ? -12.931 14.118  3.777   1.00 26.75 ? 150 ASP A N   1 
ATOM   1056 C  CA  . ASP A 1 153 ? -12.880 15.329  4.590   1.00 28.48 ? 150 ASP A CA  1 
ATOM   1057 C  C   . ASP A 1 153 ? -11.671 16.202  4.270   1.00 32.43 ? 150 ASP A C   1 
ATOM   1058 O  O   . ASP A 1 153 ? -11.609 17.345  4.709   1.00 26.57 ? 150 ASP A O   1 
ATOM   1059 C  CB  . ASP A 1 153 ? -12.807 14.976  6.076   1.00 31.48 ? 150 ASP A CB  1 
ATOM   1060 C  CG  . ASP A 1 153 ? -14.124 14.487  6.636   1.00 37.00 ? 150 ASP A CG  1 
ATOM   1061 O  OD1 . ASP A 1 153 ? -15.125 14.438  5.885   1.00 34.01 ? 150 ASP A OD1 1 
ATOM   1062 O  OD2 . ASP A 1 153 ? -14.147 14.146  7.839   1.00 36.60 ? 150 ASP A OD2 1 
ATOM   1063 N  N   . ASN A 1 154 ? -10.695 15.654  3.546   1.00 26.44 ? 151 ASN A N   1 
ATOM   1064 C  CA  . ASN A 1 154 ? -9.478  16.399  3.232   1.00 22.59 ? 151 ASN A CA  1 
ATOM   1065 C  C   . ASN A 1 154 ? -9.264  16.634  1.736   1.00 24.92 ? 151 ASN A C   1 
ATOM   1066 O  O   . ASN A 1 154 ? -8.130  16.744  1.265   1.00 26.86 ? 151 ASN A O   1 
ATOM   1067 C  CB  . ASN A 1 154 ? -8.250  15.734  3.864   1.00 22.39 ? 151 ASN A CB  1 
ATOM   1068 C  CG  . ASN A 1 154 ? -8.219  15.888  5.378   1.00 28.14 ? 151 ASN A CG  1 
ATOM   1069 O  OD1 . ASN A 1 154 ? -7.531  16.764  5.908   1.00 29.16 ? 151 ASN A OD1 1 
ATOM   1070 N  ND2 . ASN A 1 154 ? -8.979  15.052  6.080   1.00 24.55 ? 151 ASN A ND2 1 
ATOM   1071 N  N   . GLY A 1 155 ? -10.363 16.718  0.994   1.00 24.58 ? 152 GLY A N   1 
ATOM   1072 C  CA  . GLY A 1 155 ? -10.306 17.105  -0.402  1.00 25.10 ? 152 GLY A CA  1 
ATOM   1073 C  C   . GLY A 1 155 ? -10.276 15.960  -1.397  1.00 22.90 ? 152 GLY A C   1 
ATOM   1074 O  O   . GLY A 1 155 ? -10.160 16.194  -2.600  1.00 26.93 ? 152 GLY A O   1 
ATOM   1075 N  N   . GLY A 1 156 ? -10.364 14.728  -0.906  1.00 27.13 ? 153 GLY A N   1 
ATOM   1076 C  CA  . GLY A 1 156 ? -10.352 13.557  -1.767  1.00 27.86 ? 153 GLY A CA  1 
ATOM   1077 C  C   . GLY A 1 156 ? -9.009  13.361  -2.444  1.00 27.09 ? 153 GLY A C   1 
ATOM   1078 O  O   . GLY A 1 156 ? -8.066  14.124  -2.205  1.00 25.41 ? 153 GLY A O   1 
ATOM   1079 N  N   . TRP A 1 157 ? -8.915  12.347  -3.299  1.00 26.19 ? 154 TRP A N   1 
ATOM   1080 C  CA  . TRP A 1 157 ? -7.681  12.101  -4.042  1.00 25.15 ? 154 TRP A CA  1 
ATOM   1081 C  C   . TRP A 1 157 ? -7.279  13.287  -4.911  1.00 27.46 ? 154 TRP A C   1 
ATOM   1082 O  O   . TRP A 1 157 ? -6.098  13.469  -5.216  1.00 26.76 ? 154 TRP A O   1 
ATOM   1083 C  CB  . TRP A 1 157 ? -7.788  10.819  -4.876  1.00 30.90 ? 154 TRP A CB  1 
ATOM   1084 C  CG  . TRP A 1 157 ? -7.699  9.589   -4.028  1.00 26.06 ? 154 TRP A CG  1 
ATOM   1085 C  CD1 . TRP A 1 157 ? -8.725  8.792   -3.633  1.00 23.74 ? 154 TRP A CD1 1 
ATOM   1086 C  CD2 . TRP A 1 157 ? -6.513  9.041   -3.439  1.00 23.53 ? 154 TRP A CD2 1 
ATOM   1087 N  NE1 . TRP A 1 157 ? -8.257  7.777   -2.843  1.00 21.78 ? 154 TRP A NE1 1 
ATOM   1088 C  CE2 . TRP A 1 157 ? -6.899  7.904   -2.711  1.00 25.42 ? 154 TRP A CE2 1 
ATOM   1089 C  CE3 . TRP A 1 157 ? -5.161  9.401   -3.464  1.00 25.71 ? 154 TRP A CE3 1 
ATOM   1090 C  CZ2 . TRP A 1 157 ? -5.982  7.113   -2.014  1.00 26.82 ? 154 TRP A CZ2 1 
ATOM   1091 C  CZ3 . TRP A 1 157 ? -4.249  8.615   -2.772  1.00 28.14 ? 154 TRP A CZ3 1 
ATOM   1092 C  CH2 . TRP A 1 157 ? -4.667  7.488   -2.054  1.00 24.28 ? 154 TRP A CH2 1 
ATOM   1093 N  N   . ASP A 1 158 ? -8.253  14.107  -5.298  1.00 26.42 ? 155 ASP A N   1 
ATOM   1094 C  CA  . ASP A 1 158 ? -7.950  15.299  -6.092  1.00 26.94 ? 155 ASP A CA  1 
ATOM   1095 C  C   . ASP A 1 158 ? -6.999  16.240  -5.350  1.00 25.28 ? 155 ASP A C   1 
ATOM   1096 O  O   . ASP A 1 158 ? -6.094  16.822  -5.940  1.00 25.83 ? 155 ASP A O   1 
ATOM   1097 C  CB  . ASP A 1 158 ? -9.237  16.045  -6.467  1.00 32.09 ? 155 ASP A CB  1 
ATOM   1098 C  CG  . ASP A 1 158 ? -10.020 15.347  -7.569  1.00 38.71 ? 155 ASP A CG  1 
ATOM   1099 O  OD1 . ASP A 1 158 ? -11.237 15.603  -7.686  1.00 47.70 ? 155 ASP A OD1 1 
ATOM   1100 O  OD2 . ASP A 1 158 ? -9.421  14.539  -8.309  1.00 36.37 ? 155 ASP A OD2 1 
ATOM   1101 N  N   . ALA A 1 159 ? -7.209  16.387  -4.051  1.00 23.91 ? 156 ALA A N   1 
ATOM   1102 C  CA  . ALA A 1 159 ? -6.350  17.242  -3.248  1.00 24.74 ? 156 ALA A CA  1 
ATOM   1103 C  C   . ALA A 1 159 ? -4.955  16.619  -3.101  1.00 21.87 ? 156 ALA A C   1 
ATOM   1104 O  O   . ALA A 1 159 ? -3.945  17.328  -3.123  1.00 25.26 ? 156 ALA A O   1 
ATOM   1105 C  CB  . ALA A 1 159 ? -6.984  17.492  -1.883  1.00 25.04 ? 156 ALA A CB  1 
ATOM   1106 N  N   . PHE A 1 160 ? -4.894  15.296  -2.956  1.00 25.00 ? 157 PHE A N   1 
ATOM   1107 C  CA  . PHE A 1 160 ? -3.604  14.592  -2.955  1.00 21.01 ? 157 PHE A CA  1 
ATOM   1108 C  C   . PHE A 1 160 ? -2.851  14.917  -4.237  1.00 22.45 ? 157 PHE A C   1 
ATOM   1109 O  O   . PHE A 1 160 ? -1.680  15.294  -4.220  1.00 22.01 ? 157 PHE A O   1 
ATOM   1110 C  CB  . PHE A 1 160 ? -3.815  13.076  -2.850  1.00 21.94 ? 157 PHE A CB  1 
ATOM   1111 C  CG  . PHE A 1 160 ? -2.544  12.258  -3.008  1.00 24.11 ? 157 PHE A CG  1 
ATOM   1112 C  CD1 . PHE A 1 160 ? -1.610  12.190  -1.984  1.00 23.93 ? 157 PHE A CD1 1 
ATOM   1113 C  CD2 . PHE A 1 160 ? -2.304  11.543  -4.170  1.00 25.87 ? 157 PHE A CD2 1 
ATOM   1114 C  CE1 . PHE A 1 160 ? -0.448  11.422  -2.122  1.00 22.43 ? 157 PHE A CE1 1 
ATOM   1115 C  CE2 . PHE A 1 160 ? -1.145  10.774  -4.317  1.00 24.21 ? 157 PHE A CE2 1 
ATOM   1116 C  CZ  . PHE A 1 160 ? -0.219  10.721  -3.283  1.00 22.85 ? 157 PHE A CZ  1 
ATOM   1117 N  N   . VAL A 1 161 ? -3.544  14.769  -5.355  1.00 24.33 ? 158 VAL A N   1 
ATOM   1118 C  CA  . VAL A 1 161 ? -2.954  15.028  -6.660  1.00 24.61 ? 158 VAL A CA  1 
ATOM   1119 C  C   . VAL A 1 161 ? -2.497  16.478  -6.786  1.00 26.60 ? 158 VAL A C   1 
ATOM   1120 O  O   . VAL A 1 161 ? -1.458  16.759  -7.372  1.00 28.11 ? 158 VAL A O   1 
ATOM   1121 C  CB  . VAL A 1 161 ? -3.943  14.672  -7.788  1.00 26.96 ? 158 VAL A CB  1 
ATOM   1122 C  CG1 . VAL A 1 161 ? -3.427  15.153  -9.133  1.00 29.80 ? 158 VAL A CG1 1 
ATOM   1123 C  CG2 . VAL A 1 161 ? -4.209  13.157  -7.790  1.00 26.09 ? 158 VAL A CG2 1 
ATOM   1124 N  N   . GLU A 1 162 ? -3.264  17.403  -6.224  1.00 24.25 ? 159 GLU A N   1 
ATOM   1125 C  CA  . GLU A 1 162 ? -2.878  18.809  -6.281  1.00 26.66 ? 159 GLU A CA  1 
ATOM   1126 C  C   . GLU A 1 162 ? -1.593  19.060  -5.487  1.00 29.73 ? 159 GLU A C   1 
ATOM   1127 O  O   . GLU A 1 162 ? -0.731  19.825  -5.916  1.00 27.29 ? 159 GLU A O   1 
ATOM   1128 C  CB  . GLU A 1 162 ? -4.015  19.704  -5.774  1.00 29.01 ? 159 GLU A CB  1 
ATOM   1129 C  CG  . GLU A 1 162 ? -3.857  21.177  -6.134  1.00 34.42 ? 159 GLU A CG  1 
ATOM   1130 C  CD  . GLU A 1 162 ? -2.825  21.885  -5.268  1.00 39.25 ? 159 GLU A CD  1 
ATOM   1131 O  OE1 . GLU A 1 162 ? -2.808  21.634  -4.041  1.00 37.22 ? 159 GLU A OE1 1 
ATOM   1132 O  OE2 . GLU A 1 162 ? -2.033  22.688  -5.814  1.00 39.72 ? 159 GLU A OE2 1 
ATOM   1133 N  N   . LEU A 1 163 ? -1.465  18.409  -4.333  1.00 25.32 ? 160 LEU A N   1 
ATOM   1134 C  CA  . LEU A 1 163 ? -0.270  18.561  -3.502  1.00 29.53 ? 160 LEU A CA  1 
ATOM   1135 C  C   . LEU A 1 163 ? 0.966   17.931  -4.127  1.00 28.73 ? 160 LEU A C   1 
ATOM   1136 O  O   . LEU A 1 163 ? 2.019   18.554  -4.178  1.00 27.52 ? 160 LEU A O   1 
ATOM   1137 C  CB  . LEU A 1 163 ? -0.482  17.938  -2.117  1.00 26.27 ? 160 LEU A CB  1 
ATOM   1138 C  CG  . LEU A 1 163 ? -1.401  18.689  -1.164  1.00 26.04 ? 160 LEU A CG  1 
ATOM   1139 C  CD1 . LEU A 1 163 ? -1.646  17.868  0.090   1.00 27.44 ? 160 LEU A CD1 1 
ATOM   1140 C  CD2 . LEU A 1 163 ? -0.811  20.055  -0.826  1.00 25.67 ? 160 LEU A CD2 1 
ATOM   1141 N  N   . TYR A 1 164 ? 0.834   16.688  -4.593  1.00 30.74 ? 161 TYR A N   1 
ATOM   1142 C  CA  . TYR A 1 164 ? 2.005   15.883  -4.942  1.00 31.97 ? 161 TYR A CA  1 
ATOM   1143 C  C   . TYR A 1 164 ? 2.096   15.457  -6.398  1.00 33.55 ? 161 TYR A C   1 
ATOM   1144 O  O   . TYR A 1 164 ? 3.081   14.845  -6.805  1.00 38.31 ? 161 TYR A O   1 
ATOM   1145 C  CB  . TYR A 1 164 ? 2.110   14.672  -4.009  1.00 28.40 ? 161 TYR A CB  1 
ATOM   1146 C  CG  . TYR A 1 164 ? 2.155   15.115  -2.574  1.00 26.59 ? 161 TYR A CG  1 
ATOM   1147 C  CD1 . TYR A 1 164 ? 1.140   14.788  -1.685  1.00 25.19 ? 161 TYR A CD1 1 
ATOM   1148 C  CD2 . TYR A 1 164 ? 3.189   15.927  -2.126  1.00 28.15 ? 161 TYR A CD2 1 
ATOM   1149 C  CE1 . TYR A 1 164 ? 1.171   15.233  -0.383  1.00 27.87 ? 161 TYR A CE1 1 
ATOM   1150 C  CE2 . TYR A 1 164 ? 3.233   16.374  -0.831  1.00 28.52 ? 161 TYR A CE2 1 
ATOM   1151 C  CZ  . TYR A 1 164 ? 2.224   16.029  0.036   1.00 27.38 ? 161 TYR A CZ  1 
ATOM   1152 O  OH  . TYR A 1 164 ? 2.276   16.484  1.327   1.00 29.05 ? 161 TYR A OH  1 
ATOM   1153 N  N   . GLY A 1 165 ? 1.079   15.781  -7.181  1.00 36.12 ? 162 GLY A N   1 
ATOM   1154 C  CA  . GLY A 1 165 ? 1.121   15.509  -8.604  1.00 41.20 ? 162 GLY A CA  1 
ATOM   1155 C  C   . GLY A 1 165 ? 1.959   16.560  -9.302  1.00 54.60 ? 162 GLY A C   1 
ATOM   1156 O  O   . GLY A 1 165 ? 2.475   17.476  -8.660  1.00 55.83 ? 162 GLY A O   1 
ATOM   1157 N  N   . PRO A 1 166 ? 2.128   16.417  -10.622 1.00 62.56 ? 163 PRO A N   1 
ATOM   1158 C  CA  . PRO A 1 166 ? 2.794   17.440  -11.428 1.00 64.81 ? 163 PRO A CA  1 
ATOM   1159 C  C   . PRO A 1 166 ? 1.779   18.267  -12.210 1.00 64.41 ? 163 PRO A C   1 
ATOM   1160 O  O   . PRO A 1 166 ? 0.600   17.905  -12.228 1.00 66.12 ? 163 PRO A O   1 
ATOM   1161 C  CB  . PRO A 1 166 ? 3.646   16.612  -12.402 1.00 65.61 ? 163 PRO A CB  1 
ATOM   1162 C  CG  . PRO A 1 166 ? 3.381   15.139  -12.046 1.00 57.91 ? 163 PRO A CG  1 
ATOM   1163 C  CD  . PRO A 1 166 ? 2.072   15.137  -11.338 1.00 58.29 ? 163 PRO A CD  1 
HETATM 1164 C  C1  . 1E9 B 2 .   ? 7.518   14.011  -2.615  1.00 31.62 ? 201 1E9 A C1  1 
HETATM 1165 C  C2  . 1E9 B 2 .   ? 7.292   14.085  -1.089  1.00 26.22 ? 201 1E9 A C2  1 
HETATM 1166 C  C3  . 1E9 B 2 .   ? 6.636   14.945  -3.464  1.00 33.21 ? 201 1E9 A C3  1 
HETATM 1167 C  C4  . 1E9 B 2 .   ? 8.433   13.349  -0.335  1.00 25.82 ? 201 1E9 A C4  1 
HETATM 1168 S  S1  . 1E9 B 2 .   ? 8.517   11.524  -0.487  1.00 29.66 ? 201 1E9 A S1  1 
HETATM 1169 C  C5  . 1E9 B 2 .   ? 7.275   10.859  0.564   1.00 22.11 ? 201 1E9 A C5  1 
HETATM 1170 N  N1  . 1E9 B 2 .   ? 6.848   14.685  -4.891  1.00 35.97 ? 201 1E9 A N1  1 
HETATM 1171 C  C6  . 1E9 B 2 .   ? 6.040   15.613  -5.675  1.00 32.92 ? 201 1E9 A C6  1 
HETATM 1172 C  C7  . 1E9 B 2 .   ? 8.257   14.821  -5.263  1.00 34.94 ? 201 1E9 A C7  1 
HETATM 1173 C  C8  . 1E9 B 2 .   ? 6.097   10.325  0.011   1.00 22.15 ? 201 1E9 A C8  1 
HETATM 1174 C  C9  . 1E9 B 2 .   ? 5.114   9.796   0.871   1.00 19.48 ? 201 1E9 A C9  1 
HETATM 1175 C  C10 . 1E9 B 2 .   ? 5.320   9.793   2.266   1.00 17.77 ? 201 1E9 A C10 1 
HETATM 1176 C  C11 . 1E9 B 2 .   ? 6.503   10.330  2.813   1.00 21.70 ? 201 1E9 A C11 1 
HETATM 1177 C  C12 . 1E9 B 2 .   ? 7.489   10.862  1.958   1.00 20.86 ? 201 1E9 A C12 1 
HETATM 1178 N  N2  . 1E9 B 2 .   ? 5.978   13.572  -0.699  1.00 23.64 ? 201 1E9 A N2  1 
HETATM 1179 C  C13 . 1E9 B 2 .   ? 5.461   14.778  2.735   1.00 21.77 ? 201 1E9 A C13 1 
HETATM 1180 C  C14 . 1E9 B 2 .   ? 4.206   14.219  3.014   1.00 23.02 ? 201 1E9 A C14 1 
HETATM 1181 C  C15 . 1E9 B 2 .   ? 3.526   13.439  2.068   1.00 21.63 ? 201 1E9 A C15 1 
HETATM 1182 C  C16 . 1E9 B 2 .   ? 4.100   13.192  0.802   1.00 23.52 ? 201 1E9 A C16 1 
HETATM 1183 C  C17 . 1E9 B 2 .   ? 5.369   13.765  0.493   1.00 22.61 ? 201 1E9 A C17 1 
HETATM 1184 C  C18 . 1E9 B 2 .   ? 6.029   14.549  1.476   1.00 19.95 ? 201 1E9 A C18 1 
HETATM 1185 S  S2  . 1E9 B 2 .   ? 3.440   14.466  4.600   1.00 22.41 ? 201 1E9 A S2  1 
HETATM 1186 O  O1  . 1E9 B 2 .   ? 1.982   14.356  4.439   1.00 23.80 ? 201 1E9 A O1  1 
HETATM 1187 O  O2  . 1E9 B 2 .   ? 4.085   15.609  5.279   1.00 22.92 ? 201 1E9 A O2  1 
HETATM 1188 C  C19 . 1E9 B 2 .   ? 4.692   1.396   10.635  1.00 24.24 ? 201 1E9 A C19 1 
HETATM 1189 C  C20 . 1E9 B 2 .   ? 5.137   1.115   9.323   1.00 21.54 ? 201 1E9 A C20 1 
HETATM 1190 C  C21 . 1E9 B 2 .   ? 6.198   1.851   8.739   1.00 19.94 ? 201 1E9 A C21 1 
HETATM 1191 C  C22 . 1E9 B 2 .   ? 6.837   2.869   9.510   1.00 23.38 ? 201 1E9 A C22 1 
HETATM 1192 C  C23 . 1E9 B 2 .   ? 6.381   3.159   10.822  1.00 23.38 ? 201 1E9 A C23 1 
HETATM 1193 C  C24 . 1E9 B 2 .   ? 5.315   2.424   11.380  1.00 26.65 ? 201 1E9 A C24 1 
HETATM 1194 C  C25 . 1E9 B 2 .   ? 6.554   1.438   7.364   1.00 21.83 ? 201 1E9 A C25 1 
HETATM 1195 C  C26 . 1E9 B 2 .   ? 7.845   0.942   7.051   1.00 22.31 ? 201 1E9 A C26 1 
HETATM 1196 C  C27 . 1E9 B 2 .   ? 8.160   0.513   5.741   1.00 21.61 ? 201 1E9 A C27 1 
HETATM 1197 C  C28 . 1E9 B 2 .   ? 7.179   0.567   4.732   1.00 21.37 ? 201 1E9 A C28 1 
HETATM 1198 C  C29 . 1E9 B 2 .   ? 5.888   1.062   5.022   1.00 18.64 ? 201 1E9 A C29 1 
HETATM 1199 C  C30 . 1E9 B 2 .   ? 5.575   1.487   6.337   1.00 20.46 ? 201 1E9 A C30 1 
HETATM 1200 C  C31 . 1E9 B 2 .   ? 7.972   3.714   8.935   1.00 24.32 ? 201 1E9 A C31 1 
HETATM 1201 N  N3  . 1E9 B 2 .   ? 7.517   5.100   8.748   1.00 22.93 ? 201 1E9 A N3  1 
HETATM 1202 C  C32 . 1E9 B 2 .   ? 6.264   5.156   7.982   1.00 19.39 ? 201 1E9 A C32 1 
HETATM 1203 C  C33 . 1E9 B 2 .   ? 5.732   6.614   8.027   1.00 21.29 ? 201 1E9 A C33 1 
HETATM 1204 N  N4  . 1E9 B 2 .   ? 6.714   7.607   7.540   1.00 20.11 ? 201 1E9 A N4  1 
HETATM 1205 C  C34 . 1E9 B 2 .   ? 8.043   7.385   8.126   1.00 20.66 ? 201 1E9 A C34 1 
HETATM 1206 C  C35 . 1E9 B 2 .   ? 8.510   5.914   8.027   1.00 21.59 ? 201 1E9 A C35 1 
HETATM 1207 C  C36 . 1E9 B 2 .   ? 6.316   8.832   7.120   1.00 18.75 ? 201 1E9 A C36 1 
HETATM 1208 C  C37 . 1E9 B 2 .   ? 7.252   9.856   6.817   1.00 16.19 ? 201 1E9 A C37 1 
HETATM 1209 C  C38 . 1E9 B 2 .   ? 4.434   10.337  6.538   1.00 19.30 ? 201 1E9 A C38 1 
HETATM 1210 C  C39 . 1E9 B 2 .   ? 4.920   9.089   6.992   1.00 19.11 ? 201 1E9 A C39 1 
HETATM 1211 C  C40 . 1E9 B 2 .   ? 5.384   11.323  6.234   1.00 19.63 ? 201 1E9 A C40 1 
HETATM 1212 C  C41 . 1E9 B 2 .   ? 6.743   11.083  6.366   1.00 16.72 ? 201 1E9 A C41 1 
HETATM 1213 S  S3  . 1E9 B 2 .   ? 7.590   12.547  5.899   1.00 18.06 ? 201 1E9 A S3  1 
HETATM 1214 N  N5  . 1E9 B 2 .   ? 6.210   13.391  5.536   1.00 17.57 ? 201 1E9 A N5  1 
HETATM 1215 C  C42 . 1E9 B 2 .   ? 5.143   12.688  5.738   1.00 20.00 ? 201 1E9 A C42 1 
HETATM 1216 N  N6  . 1E9 B 2 .   ? 3.836   13.110  5.541   1.00 19.56 ? 201 1E9 A N6  1 
HETATM 1217 O  O3  . 1E9 B 2 .   ? 8.196   13.157  7.099   1.00 20.15 ? 201 1E9 A O3  1 
HETATM 1218 O  O4  . 1E9 B 2 .   ? 8.430   12.317  4.714   1.00 17.05 ? 201 1E9 A O4  1 
HETATM 1219 CL CL1 . 1E9 B 2 .   ? 7.554   0.036   3.131   1.00 25.72 ? 201 1E9 A CL1 1 
HETATM 1220 N  N7  . 1E9 B 2 .   ? 3.318   12.375  -0.148  1.00 25.21 ? 201 1E9 A N7  1 
HETATM 1221 O  O5  . 1E9 B 2 .   ? 3.781   12.192  -1.269  1.00 29.38 ? 201 1E9 A O5  1 
HETATM 1222 O  O6  . 1E9 B 2 .   ? 2.268   11.873  0.228   1.00 22.75 ? 201 1E9 A O6  1 
HETATM 1223 O  O   . HOH C 3 .   ? -3.272  2.896   -7.913  1.00 22.98 ? 301 HOH A O   1 
HETATM 1224 O  O   . HOH C 3 .   ? -0.869  3.166   -8.913  1.00 27.10 ? 302 HOH A O   1 
HETATM 1225 O  O   . HOH C 3 .   ? 2.595   -7.350  -11.671 1.00 22.31 ? 303 HOH A O   1 
HETATM 1226 O  O   . HOH C 3 .   ? 8.270   -3.085  -5.668  1.00 19.90 ? 304 HOH A O   1 
HETATM 1227 O  O   . HOH C 3 .   ? 7.664   -3.306  -2.881  1.00 21.26 ? 305 HOH A O   1 
HETATM 1228 O  O   . HOH C 3 .   ? 6.265   -1.373  -1.735  1.00 17.52 ? 306 HOH A O   1 
HETATM 1229 O  O   . HOH C 3 .   ? 8.776   1.165   -3.554  1.00 21.51 ? 307 HOH A O   1 
HETATM 1230 O  O   . HOH C 3 .   ? 9.658   -4.992  -1.710  1.00 24.68 ? 308 HOH A O   1 
HETATM 1231 O  O   . HOH C 3 .   ? 11.145  -15.258 -6.890  1.00 29.58 ? 309 HOH A O   1 
HETATM 1232 O  O   . HOH C 3 .   ? 10.293  -11.867 7.122   1.00 30.68 ? 310 HOH A O   1 
HETATM 1233 O  O   . HOH C 3 .   ? 14.700  4.931   6.441   1.00 20.30 ? 311 HOH A O   1 
HETATM 1234 O  O   . HOH C 3 .   ? -3.558  -13.799 11.210  1.00 20.32 ? 312 HOH A O   1 
HETATM 1235 O  O   . HOH C 3 .   ? -3.469  -14.905 7.238   1.00 24.98 ? 313 HOH A O   1 
HETATM 1236 O  O   . HOH C 3 .   ? 0.200   -2.531  16.285  1.00 31.16 ? 314 HOH A O   1 
HETATM 1237 O  O   . HOH C 3 .   ? -4.007  2.908   14.091  1.00 29.17 ? 315 HOH A O   1 
HETATM 1238 O  O   . HOH C 3 .   ? 3.675   6.176   11.372  1.00 28.10 ? 316 HOH A O   1 
HETATM 1239 O  O   . HOH C 3 .   ? -2.294  15.213  5.030   1.00 23.76 ? 317 HOH A O   1 
HETATM 1240 O  O   . HOH C 3 .   ? 0.929   7.107   13.624  1.00 31.62 ? 318 HOH A O   1 
HETATM 1241 O  O   . HOH C 3 .   ? 11.278  -19.975 -5.335  1.00 24.13 ? 319 HOH A O   1 
HETATM 1242 O  O   . HOH C 3 .   ? 5.626   -23.491 -2.364  1.00 28.85 ? 320 HOH A O   1 
HETATM 1243 O  O   . HOH C 3 .   ? -9.954  -6.843  6.717   1.00 37.18 ? 321 HOH A O   1 
HETATM 1244 O  O   . HOH C 3 .   ? -8.384  -4.548  6.596   1.00 26.02 ? 322 HOH A O   1 
HETATM 1245 O  O   . HOH C 3 .   ? -5.473  17.548  1.579   1.00 22.24 ? 323 HOH A O   1 
HETATM 1246 O  O   . HOH C 3 .   ? -4.361  20.100  -2.335  1.00 25.73 ? 324 HOH A O   1 
HETATM 1247 O  O   . HOH C 3 .   ? -6.916  20.964  -3.379  1.00 29.83 ? 325 HOH A O   1 
HETATM 1248 O  O   . HOH C 3 .   ? 0.740   -20.526 8.779   1.00 27.76 ? 326 HOH A O   1 
HETATM 1249 O  O   . HOH C 3 .   ? 9.156   16.497  2.319   1.00 16.37 ? 327 HOH A O   1 
HETATM 1250 O  O   . HOH C 3 .   ? 8.334   -13.228 5.423   1.00 26.81 ? 328 HOH A O   1 
HETATM 1251 O  O   . HOH C 3 .   ? 12.211  -12.449 0.932   1.00 42.82 ? 329 HOH A O   1 
HETATM 1252 O  O   . HOH C 3 .   ? 13.610  -13.912 -5.976  1.00 46.40 ? 330 HOH A O   1 
HETATM 1253 O  O   . HOH C 3 .   ? -5.924  -16.338 -2.780  1.00 32.58 ? 331 HOH A O   1 
HETATM 1254 O  O   . HOH C 3 .   ? -3.608  -14.194 -4.712  1.00 30.61 ? 332 HOH A O   1 
HETATM 1255 O  O   . HOH C 3 .   ? 4.925   3.097   -6.089  1.00 19.98 ? 333 HOH A O   1 
HETATM 1256 O  O   . HOH C 3 .   ? 3.747   11.888  -6.388  1.00 28.69 ? 334 HOH A O   1 
HETATM 1257 O  O   . HOH C 3 .   ? -10.383 18.621  -3.805  1.00 34.25 ? 335 HOH A O   1 
HETATM 1258 O  O   . HOH C 3 .   ? -12.828 19.045  6.084   1.00 41.16 ? 336 HOH A O   1 
HETATM 1259 O  O   . HOH C 3 .   ? -5.166  17.785  5.825   1.00 27.27 ? 337 HOH A O   1 
HETATM 1260 O  O   . HOH C 3 .   ? -4.772  20.053  0.416   1.00 25.19 ? 338 HOH A O   1 
HETATM 1261 O  O   . HOH C 3 .   ? -13.181 5.881   -0.520  1.00 47.85 ? 339 HOH A O   1 
HETATM 1262 O  O   . HOH C 3 .   ? -11.295 7.910   8.016   1.00 30.81 ? 340 HOH A O   1 
HETATM 1263 O  O   . HOH C 3 .   ? 9.810   1.261   -11.849 1.00 34.39 ? 341 HOH A O   1 
HETATM 1264 O  O   . HOH C 3 .   ? 0.221   -14.206 -12.297 1.00 33.78 ? 342 HOH A O   1 
HETATM 1265 O  O   . HOH C 3 .   ? 9.377   12.872  -7.693  1.00 40.69 ? 343 HOH A O   1 
HETATM 1266 O  O   . HOH C 3 .   ? 12.641  10.635  -2.237  1.00 29.43 ? 344 HOH A O   1 
HETATM 1267 O  O   . HOH C 3 .   ? 17.332  5.432   -1.729  1.00 26.54 ? 345 HOH A O   1 
HETATM 1268 O  O   . HOH C 3 .   ? 21.199  6.744   1.234   1.00 35.43 ? 346 HOH A O   1 
HETATM 1269 O  O   . HOH C 3 .   ? 20.927  2.124   5.475   1.00 44.91 ? 347 HOH A O   1 
HETATM 1270 O  O   . HOH C 3 .   ? 11.205  -1.173  8.549   1.00 33.63 ? 348 HOH A O   1 
HETATM 1271 O  O   . HOH C 3 .   ? 4.343   -14.355 11.703  1.00 32.06 ? 349 HOH A O   1 
HETATM 1272 O  O   . HOH C 3 .   ? -2.649  -8.308  14.739  1.00 36.38 ? 350 HOH A O   1 
HETATM 1273 O  O   . HOH C 3 .   ? 8.990   -7.440  0.146   1.00 25.25 ? 351 HOH A O   1 
HETATM 1274 O  O   . HOH C 3 .   ? 10.522  -9.462  -0.284  1.00 24.65 ? 352 HOH A O   1 
HETATM 1275 O  O   . HOH C 3 .   ? -5.082  -15.306 4.648   1.00 30.45 ? 353 HOH A O   1 
HETATM 1276 O  O   . HOH C 3 .   ? -10.078 -2.973  8.185   1.00 27.68 ? 354 HOH A O   1 
HETATM 1277 O  O   . HOH C 3 .   ? -5.290  -2.881  12.348  1.00 33.17 ? 355 HOH A O   1 
HETATM 1278 O  O   . HOH C 3 .   ? -6.657  -5.220  8.530   1.00 31.60 ? 356 HOH A O   1 
HETATM 1279 O  O   . HOH C 3 .   ? -1.529  23.441  -2.814  1.00 35.34 ? 357 HOH A O   1 
HETATM 1280 O  O   . HOH C 3 .   ? -3.405  16.187  7.490   1.00 31.24 ? 358 HOH A O   1 
HETATM 1281 O  O   . HOH C 3 .   ? -11.388 13.644  -5.004  1.00 36.67 ? 359 HOH A O   1 
HETATM 1282 O  O   . HOH C 3 .   ? 5.812   12.373  -5.078  1.00 33.35 ? 360 HOH A O   1 
HETATM 1283 O  O   . HOH C 3 .   ? -3.636  18.077  3.647   1.00 32.00 ? 361 HOH A O   1 
HETATM 1284 O  O   . HOH C 3 .   ? -5.968  19.746  7.488   1.00 34.12 ? 362 HOH A O   1 
HETATM 1285 O  O   . HOH C 3 .   ? -7.066  -3.921  10.837  1.00 27.23 ? 363 HOH A O   1 
HETATM 1286 O  O   . HOH C 3 .   ? -17.895 9.142   5.944   1.00 51.13 ? 364 HOH A O   1 
HETATM 1287 O  O   . HOH C 3 .   ? 14.479  -6.804  5.035   1.00 36.58 ? 365 HOH A O   1 
HETATM 1288 O  O   . HOH C 3 .   ? 5.376   15.772  7.585   1.00 23.30 ? 366 HOH A O   1 
HETATM 1289 O  O   . HOH C 3 .   ? 3.355   18.021  4.389   1.00 26.24 ? 367 HOH A O   1 
HETATM 1290 O  O   . HOH C 3 .   ? 4.221   18.450  2.166   1.00 30.16 ? 368 HOH A O   1 
HETATM 1291 O  O   . HOH C 3 .   ? 0.972   18.204  5.798   1.00 29.98 ? 369 HOH A O   1 
HETATM 1292 O  O   . HOH C 3 .   ? 10.769  -17.197 -5.122  1.00 31.13 ? 370 HOH A O   1 
HETATM 1293 O  O   . HOH C 3 .   ? 15.795  0.411   0.467   1.00 25.68 ? 371 HOH A O   1 
HETATM 1294 O  O   . HOH C 3 .   ? -11.700 10.925  -3.541  1.00 31.89 ? 372 HOH A O   1 
HETATM 1295 O  O   . HOH C 3 .   ? 14.805  2.063   -1.279  1.00 29.83 ? 373 HOH A O   1 
HETATM 1296 O  O   . HOH C 3 .   ? -9.160  6.030   10.656  1.00 36.49 ? 374 HOH A O   1 
HETATM 1297 O  O   . HOH C 3 .   ? -9.370  -2.834  10.616  1.00 28.51 ? 375 HOH A O   1 
HETATM 1298 O  O   . HOH C 3 .   ? 6.919   18.172  1.288   1.00 32.52 ? 376 HOH A O   1 
HETATM 1299 O  O   . HOH C 3 .   ? -0.514  -0.754  -12.319 1.00 33.20 ? 377 HOH A O   1 
HETATM 1300 O  O   . HOH C 3 .   ? -11.189 20.387  -1.664  1.00 35.56 ? 378 HOH A O   1 
HETATM 1301 O  O   . HOH C 3 .   ? 8.035   6.657   -10.075 1.00 33.54 ? 379 HOH A O   1 
HETATM 1302 O  O   . HOH C 3 .   ? -11.889 13.163  8.891   1.00 38.58 ? 380 HOH A O   1 
HETATM 1303 O  O   . HOH C 3 .   ? 10.567  1.900   -6.383  1.00 30.95 ? 381 HOH A O   1 
HETATM 1304 O  O   . HOH C 3 .   ? -4.602  2.786   17.145  1.00 41.86 ? 382 HOH A O   1 
HETATM 1305 O  O   . HOH C 3 .   ? -13.939 5.965   7.097   1.00 35.30 ? 383 HOH A O   1 
HETATM 1306 O  O   . HOH C 3 .   ? -12.409 -4.322  8.766   1.00 45.61 ? 384 HOH A O   1 
HETATM 1307 O  O   . HOH C 3 .   ? -0.833  14.393  10.698  1.00 37.22 ? 385 HOH A O   1 
HETATM 1308 O  O   . HOH C 3 .   ? 0.871   16.165  7.391   1.00 38.44 ? 386 HOH A O   1 
HETATM 1309 O  O   . HOH C 3 .   ? -13.152 17.868  1.656   1.00 35.43 ? 387 HOH A O   1 
HETATM 1310 O  O   . HOH C 3 .   ? 18.353  0.066   -0.195  1.00 43.16 ? 388 HOH A O   1 
HETATM 1311 O  O   . HOH C 3 .   ? -1.186  16.655  8.983   1.00 34.53 ? 389 HOH A O   1 
HETATM 1312 O  O   . HOH C 3 .   ? 22.551  4.570   11.928  1.00 38.37 ? 390 HOH A O   1 
HETATM 1313 O  O   . HOH C 3 .   ? 4.083   -2.885  13.828  1.00 39.48 ? 391 HOH A O   1 
HETATM 1314 O  O   . HOH C 3 .   ? -3.246  -5.982  15.753  1.00 40.98 ? 392 HOH A O   1 
HETATM 1315 O  O   . HOH C 3 .   ? 12.740  -9.432  -7.159  1.00 36.11 ? 393 HOH A O   1 
HETATM 1316 O  O   . HOH C 3 .   ? -6.187  17.801  -8.504  1.00 35.83 ? 394 HOH A O   1 
HETATM 1317 O  O   . HOH C 3 .   ? -13.951 -0.499  -3.843  1.00 44.53 ? 395 HOH A O   1 
HETATM 1318 O  O   . HOH C 3 .   ? -7.158  14.026  -9.673  1.00 44.70 ? 396 HOH A O   1 
HETATM 1319 O  O   . HOH C 3 .   ? -6.454  4.190   -15.370 1.00 52.83 ? 397 HOH A O   1 
HETATM 1320 O  O   . HOH C 3 .   ? 9.958   0.627   9.919   1.00 39.66 ? 398 HOH A O   1 
HETATM 1321 O  O   . HOH C 3 .   ? -4.353  18.973  -9.676  1.00 36.95 ? 399 HOH A O   1 
HETATM 1322 O  O   . HOH C 3 .   ? -9.081  -12.921 3.862   1.00 41.55 ? 400 HOH A O   1 
HETATM 1323 O  O   . HOH C 3 .   ? 13.426  -16.079 -4.793  1.00 46.83 ? 401 HOH A O   1 
HETATM 1324 O  O   . HOH C 3 .   ? -13.406 6.116   9.514   1.00 43.25 ? 402 HOH A O   1 
HETATM 1325 O  O   . HOH C 3 .   ? -8.328  19.448  -5.105  1.00 37.15 ? 403 HOH A O   1 
HETATM 1326 O  O   . HOH C 3 .   ? -5.836  -7.774  8.642   1.00 36.43 ? 404 HOH A O   1 
HETATM 1327 O  O   . HOH C 3 .   ? 0.879   22.915  -5.550  1.00 44.04 ? 405 HOH A O   1 
HETATM 1328 O  O   . HOH C 3 .   ? -8.489  -8.268  8.573   1.00 44.20 ? 406 HOH A O   1 
HETATM 1329 O  O   . HOH C 3 .   ? 7.838   -16.022 5.054   1.00 39.94 ? 407 HOH A O   1 
HETATM 1330 O  O   . HOH C 3 .   ? 19.483  -2.309  7.558   1.00 41.06 ? 408 HOH A O   1 
HETATM 1331 O  O   . HOH C 3 .   ? 16.382  5.048   8.760   1.00 32.10 ? 409 HOH A O   1 
HETATM 1332 O  O   . HOH C 3 .   ? 11.938  3.471   -4.686  1.00 36.47 ? 410 HOH A O   1 
HETATM 1333 O  O   . HOH C 3 .   ? 15.593  -2.161  -0.796  1.00 36.43 ? 411 HOH A O   1 
HETATM 1334 O  O   . HOH C 3 .   ? 11.890  -11.129 -5.199  1.00 39.13 ? 412 HOH A O   1 
HETATM 1335 O  O   . HOH C 3 .   ? 11.996  -17.995 -1.633  1.00 43.55 ? 413 HOH A O   1 
HETATM 1336 O  O   . HOH C 3 .   ? -1.892  -13.986 13.382  1.00 37.03 ? 414 HOH A O   1 
HETATM 1337 O  O   . HOH C 3 .   ? -4.935  -9.336  14.283  1.00 41.62 ? 415 HOH A O   1 
HETATM 1338 O  O   . HOH C 3 .   ? 16.658  3.207   -2.683  1.00 36.32 ? 416 HOH A O   1 
HETATM 1339 O  O   . HOH C 3 .   ? 11.124  13.044  -2.958  1.00 40.02 ? 417 HOH A O   1 
HETATM 1340 O  O   . HOH C 3 .   ? -1.690  -4.420  17.308  1.00 38.96 ? 418 HOH A O   1 
HETATM 1341 O  O   . HOH C 3 .   ? 1.547   -1.827  -13.550 1.00 38.12 ? 419 HOH A O   1 
HETATM 1342 O  O   . HOH C 3 .   ? -6.043  -15.408 8.477   1.00 42.76 ? 420 HOH A O   1 
HETATM 1343 O  O   . HOH C 3 .   ? -14.456 2.752   -3.472  1.00 47.38 ? 421 HOH A O   1 
HETATM 1344 O  O   . HOH C 3 .   ? -5.127  15.013  9.614   1.00 42.40 ? 422 HOH A O   1 
HETATM 1345 O  O   . HOH C 3 .   ? 14.253  -16.553 -7.278  1.00 38.99 ? 423 HOH A O   1 
HETATM 1346 O  O   . HOH C 3 .   ? -3.098  13.389  12.085  1.00 44.11 ? 424 HOH A O   1 
HETATM 1347 O  O   . HOH C 3 .   ? 10.052  -0.828  -5.124  1.00 40.59 ? 425 HOH A O   1 
HETATM 1348 O  O   . HOH C 3 .   ? -9.318  -13.114 -1.056  1.00 43.45 ? 426 HOH A O   1 
HETATM 1349 O  O   . HOH C 3 .   ? -6.360  -10.062 12.142  1.00 43.15 ? 427 HOH A O   1 
HETATM 1350 O  O   . HOH C 3 .   ? -1.845  23.155  -8.315  1.00 44.80 ? 428 HOH A O   1 
HETATM 1351 O  O   . HOH C 3 .   ? -8.779  -9.705  -3.718  1.00 35.90 ? 429 HOH A O   1 
HETATM 1352 O  O   . HOH C 3 .   ? 1.055   -23.167 7.574   1.00 39.22 ? 430 HOH A O   1 
HETATM 1353 O  O   . HOH C 3 .   ? -6.309  -12.999 11.781  1.00 44.71 ? 431 HOH A O   1 
HETATM 1354 O  O   . HOH C 3 .   ? 0.831   12.513  14.105  1.00 44.57 ? 432 HOH A O   1 
HETATM 1355 O  O   . HOH C 3 .   ? -12.952 4.588   11.401  1.00 49.76 ? 433 HOH A O   1 
HETATM 1356 O  O   . HOH C 3 .   ? 4.178   5.005   13.694  1.00 36.91 ? 434 HOH A O   1 
HETATM 1357 O  O   . HOH C 3 .   ? -9.019  21.755  -1.932  1.00 39.86 ? 435 HOH A O   1 
HETATM 1358 O  O   . HOH C 3 .   ? 0.641   15.990  2.961   1.00 34.04 ? 436 HOH A O   1 
HETATM 1359 O  O   . HOH C 3 .   ? -1.071  17.275  4.099   1.00 33.35 ? 437 HOH A O   1 
HETATM 1360 O  O   . HOH C 3 .   ? -5.658  1.481   12.550  1.00 38.14 ? 438 HOH A O   1 
HETATM 1361 O  O   . HOH C 3 .   ? 1.050   -23.981 10.395  1.00 38.44 ? 439 HOH A O   1 
HETATM 1362 O  O   . HOH C 3 .   ? -6.241  -0.708  13.283  1.00 38.01 ? 440 HOH A O   1 
HETATM 1363 O  O   . HOH C 3 .   ? -8.633  -15.316 -2.349  1.00 43.45 ? 441 HOH A O   1 
HETATM 1364 O  O   . HOH C 3 .   ? 14.266  -11.336 10.217  1.00 37.55 ? 442 HOH A O   1 
HETATM 1365 O  O   . HOH C 3 .   ? -13.071 -2.304  -8.945  1.00 45.78 ? 443 HOH A O   1 
HETATM 1366 O  O   . HOH C 3 .   ? 15.171  3.632   10.593  1.00 42.37 ? 444 HOH A O   1 
HETATM 1367 O  O   . HOH C 3 .   ? -9.899  15.176  9.167   1.00 35.07 ? 445 HOH A O   1 
HETATM 1368 O  O   . HOH C 3 .   ? -2.105  19.015  10.837  1.00 41.39 ? 446 HOH A O   1 
HETATM 1369 O  O   . HOH C 3 .   ? 19.301  -0.278  4.280   1.00 45.29 ? 447 HOH A O   1 
HETATM 1370 O  O   . HOH C 3 .   ? 13.767  -19.159 -4.220  1.00 43.63 ? 448 HOH A O   1 
HETATM 1371 O  O   . HOH C 3 .   ? 12.392  -12.103 4.326   1.00 47.22 ? 449 HOH A O   1 
HETATM 1372 O  O   . HOH C 3 .   ? -6.108  6.099   13.681  1.00 45.05 ? 450 HOH A O   1 
HETATM 1373 O  O   . HOH C 3 .   ? -9.390  9.161   10.865  1.00 45.78 ? 451 HOH A O   1 
HETATM 1374 O  O   . HOH C 3 .   ? -4.686  5.515   17.808  1.00 44.04 ? 452 HOH A O   1 
HETATM 1375 O  O   . HOH C 3 .   ? -7.830  -15.040 5.527   1.00 48.12 ? 453 HOH A O   1 
HETATM 1376 O  O   . HOH C 3 .   ? 4.114   -1.721  -14.617 1.00 44.57 ? 454 HOH A O   1 
HETATM 1377 O  O   . HOH C 3 .   ? 11.000  -14.639 8.980   1.00 42.06 ? 455 HOH A O   1 
HETATM 1378 O  O   . HOH C 3 .   ? 10.188  -16.088 7.276   1.00 50.76 ? 456 HOH A O   1 
HETATM 1379 O  O   . HOH C 3 .   ? -6.664  -18.180 7.428   1.00 44.36 ? 457 HOH A O   1 
HETATM 1380 O  O   . HOH C 3 .   ? -4.395  -17.911 4.276   1.00 33.38 ? 458 HOH A O   1 
HETATM 1381 O  O   . HOH C 3 .   ? 9.107   -0.410  12.073  1.00 56.01 ? 459 HOH A O   1 
HETATM 1382 O  O   . HOH C 3 .   ? -6.646  11.261  -15.092 1.00 47.07 ? 460 HOH A O   1 
HETATM 1383 O  O   . HOH C 3 .   ? -11.873 7.963   -0.914  1.00 46.74 ? 461 HOH A O   1 
HETATM 1384 O  O   . HOH C 3 .   ? 19.895  1.342   -1.644  1.00 54.31 ? 462 HOH A O   1 
HETATM 1385 O  O   . HOH C 3 .   ? -10.440 -13.604 1.409   1.00 48.33 ? 463 HOH A O   1 
HETATM 1386 O  O   . HOH C 3 .   ? -6.857  4.986   10.850  1.00 39.77 ? 464 HOH A O   1 
HETATM 1387 O  O   . HOH C 3 .   ? 0.534   20.642  -8.597  1.00 49.73 ? 465 HOH A O   1 
HETATM 1388 O  O   . HOH C 3 .   ? -3.233  -2.797  19.653  1.00 55.65 ? 466 HOH A O   1 
HETATM 1389 O  O   . HOH C 3 .   ? -0.756  -1.728  20.702  1.00 53.98 ? 467 HOH A O   1 
HETATM 1390 O  O   . HOH C 3 .   ? -10.265 -6.000  -2.976  1.00 43.78 ? 468 HOH A O   1 
HETATM 1391 O  O   . HOH C 3 .   ? 4.762   13.599  -8.905  1.00 47.70 ? 469 HOH A O   1 
HETATM 1392 O  O   . HOH C 3 .   ? -6.923  10.809  11.769  1.00 33.77 ? 470 HOH A O   1 
HETATM 1393 O  O   . HOH C 3 .   ? 12.306  -9.640  -2.936  1.00 43.28 ? 471 HOH A O   1 
HETATM 1394 O  O   . HOH C 3 .   ? -2.628  -2.697  -13.579 1.00 45.40 ? 472 HOH A O   1 
HETATM 1395 O  O   . HOH C 3 .   ? -5.456  -17.305 10.779  1.00 44.15 ? 473 HOH A O   1 
HETATM 1396 O  O   . HOH C 3 .   ? 10.943  -19.175 2.194   1.00 47.18 ? 474 HOH A O   1 
HETATM 1397 O  O   . HOH C 3 .   ? 22.656  0.178   6.897   1.00 46.73 ? 475 HOH A O   1 
HETATM 1398 O  O   . HOH C 3 .   ? -10.709 4.940   12.449  1.00 50.00 ? 476 HOH A O   1 
HETATM 1399 O  O   . HOH C 3 .   ? -11.920 -12.490 3.564   1.00 50.63 ? 477 HOH A O   1 
HETATM 1400 O  O   . HOH C 3 .   ? -1.635  -2.847  -16.064 1.00 56.33 ? 478 HOH A O   1 
HETATM 1401 O  O   . HOH C 3 .   ? -0.381  1.991   -11.279 1.00 36.90 ? 479 HOH A O   1 
HETATM 1402 O  O   . HOH C 3 .   ? 11.825  -4.872  2.371   1.00 34.69 ? 480 HOH A O   1 
HETATM 1403 O  O   . HOH C 3 .   ? 14.604  -5.114  0.987   1.00 50.42 ? 481 HOH A O   1 
HETATM 1404 O  O   . HOH C 3 .   ? 7.567   -2.138  -13.587 1.00 38.02 ? 482 HOH A O   1 
HETATM 1405 O  O   . HOH C 3 .   ? 4.953   -22.806 0.235   1.00 37.00 ? 483 HOH A O   1 
HETATM 1406 O  O   . HOH C 3 .   ? 7.260   -1.793  12.467  1.00 53.69 ? 484 HOH A O   1 
# 
